data_8Z3J
# 
_entry.id   8Z3J 
# 
_audit_conform.dict_name       mmcif_pdbx.dic 
_audit_conform.dict_version    5.406 
_audit_conform.dict_location   http://mmcif.pdb.org/dictionaries/ascii/mmcif_pdbx.dic 
# 
loop_
_database_2.database_id 
_database_2.database_code 
_database_2.pdbx_database_accession 
_database_2.pdbx_DOI 
PDB   8Z3J         pdb_00008z3j 10.2210/pdb8z3j/pdb 
WWPDB D_1300046957 ?            ?                   
# 
loop_
_pdbx_audit_revision_history.ordinal 
_pdbx_audit_revision_history.data_content_type 
_pdbx_audit_revision_history.major_revision 
_pdbx_audit_revision_history.minor_revision 
_pdbx_audit_revision_history.revision_date 
_pdbx_audit_revision_history.part_number 
1 'Structure model' 1 0 2025-04-23 ? 
2 'Structure model' 1 1 2025-11-05 ? 
# 
_pdbx_audit_revision_details.ordinal             1 
_pdbx_audit_revision_details.revision_ordinal    1 
_pdbx_audit_revision_details.data_content_type   'Structure model' 
_pdbx_audit_revision_details.provider            repository 
_pdbx_audit_revision_details.type                'Initial release' 
_pdbx_audit_revision_details.description         ? 
_pdbx_audit_revision_details.details             ? 
# 
_pdbx_audit_revision_group.ordinal             1 
_pdbx_audit_revision_group.revision_ordinal    2 
_pdbx_audit_revision_group.data_content_type   'Structure model' 
_pdbx_audit_revision_group.group               'Database references' 
# 
loop_
_pdbx_audit_revision_category.ordinal 
_pdbx_audit_revision_category.revision_ordinal 
_pdbx_audit_revision_category.data_content_type 
_pdbx_audit_revision_category.category 
1 2 'Structure model' citation        
2 2 'Structure model' citation_author 
# 
loop_
_pdbx_audit_revision_item.ordinal 
_pdbx_audit_revision_item.revision_ordinal 
_pdbx_audit_revision_item.data_content_type 
_pdbx_audit_revision_item.item 
1  2 'Structure model' '_citation.country'                 
2  2 'Structure model' '_citation.journal_abbrev'          
3  2 'Structure model' '_citation.journal_id_CSD'          
4  2 'Structure model' '_citation.journal_id_ISSN'         
5  2 'Structure model' '_citation.journal_volume'          
6  2 'Structure model' '_citation.page_first'              
7  2 'Structure model' '_citation.page_last'               
8  2 'Structure model' '_citation.pdbx_database_id_DOI'    
9  2 'Structure model' '_citation.pdbx_database_id_PubMed' 
10 2 'Structure model' '_citation.title'                   
11 2 'Structure model' '_citation.year'                    
# 
_pdbx_database_status.status_code                     REL 
_pdbx_database_status.status_code_sf                  REL 
_pdbx_database_status.status_code_mr                  ? 
_pdbx_database_status.entry_id                        8Z3J 
_pdbx_database_status.recvd_initial_deposition_date   2024-04-15 
_pdbx_database_status.SG_entry                        N 
_pdbx_database_status.deposit_site                    PDBJ 
_pdbx_database_status.process_site                    PDBC 
_pdbx_database_status.status_code_cs                  ? 
_pdbx_database_status.status_code_nmr_data            ? 
_pdbx_database_status.methods_development_category    ? 
_pdbx_database_status.pdb_format_compatible           Y 
# 
_pdbx_contact_author.id                 2 
_pdbx_contact_author.email              nxzhang@simm.ac.cn 
_pdbx_contact_author.name_first         Zhang 
_pdbx_contact_author.name_last          Naixia 
_pdbx_contact_author.name_mi            ? 
_pdbx_contact_author.role               'principal investigator/group leader' 
_pdbx_contact_author.identifier_ORCID   0000-0003-4824-5819 
# 
loop_
_audit_author.name 
_audit_author.pdbx_ordinal 
_audit_author.identifier_ORCID 
'Shi, L.'   1 ? 
'Zhong, Y.' 2 ? 
'Tang, J.'  3 ? 
'Xu, Z.'    4 ? 
'Zhang, N.' 5 ? 
# 
_citation.abstract                  ? 
_citation.abstract_id_CAS           ? 
_citation.book_id_ISBN              ? 
_citation.book_publisher            ? 
_citation.book_publisher_city       ? 
_citation.book_title                ? 
_citation.coordinate_linkage        ? 
_citation.country                   UK 
_citation.database_id_Medline       ? 
_citation.details                   ? 
_citation.id                        primary 
_citation.journal_abbrev            'Commun Biol' 
_citation.journal_id_ASTM           ? 
_citation.journal_id_CSD            ? 
_citation.journal_id_ISSN           2399-3642 
_citation.journal_full              ? 
_citation.journal_issue             ? 
_citation.journal_volume            8 
_citation.language                  ? 
_citation.page_first                761 
_citation.page_last                 761 
_citation.title                     
'Benzbromarone interferes with the interaction between Hsp90 and Aha1 by interacting with both of them.' 
_citation.year                      2025 
_citation.database_id_CSD           ? 
_citation.pdbx_database_id_DOI      10.1038/s42003-025-08189-3 
_citation.pdbx_database_id_PubMed   40379881 
_citation.pdbx_database_id_patent   ? 
_citation.unpublished_flag          ? 
# 
loop_
_citation_author.citation_id 
_citation_author.name 
_citation_author.ordinal 
_citation_author.identifier_ORCID 
primary 'Zhong, Y.' 1  ?                   
primary 'Shi, L.'   2  0000-0003-2013-5511 
primary 'Xu, Z.'    3  ?                   
primary 'Gao, J.'   4  ?                   
primary 'Ma, Q.'    5  ?                   
primary 'Gao, T.'   6  ?                   
primary 'Tang, J.'  7  ?                   
primary 'Xiong, M.' 8  ?                   
primary 'Xu, Y.'    9  0000-0002-1581-6155 
primary 'Dai, H.'   10 ?                   
primary 'Zhou, H.'  11 0000-0001-7006-4737 
primary 'Zhang, N.' 12 0000-0003-4824-5819 
primary 'Zhou, C.'  13 0000-0002-0280-6273 
# 
loop_
_entity.id 
_entity.type 
_entity.src_method 
_entity.pdbx_description 
_entity.formula_weight 
_entity.pdbx_number_of_molecules 
_entity.pdbx_ec 
_entity.pdbx_mutation 
_entity.pdbx_fragment 
_entity.details 
1 polymer     man 'Activator of 90 kDa heat shock protein ATPase homolog 1'                    15185.155 1  ? ? ? pET15b 
2 non-polymer syn '[3,5-bis(bromanyl)-4-oxidanyl-phenyl]-(2-ethyl-1-benzofuran-3-yl)methanone' 424.083   1  ? ? ? ?      
3 water       nat water                                                                        18.015    78 ? ? ? ?      
# 
_entity_name_com.entity_id   1 
_entity_name_com.name        AHA1,p38 
# 
_entity_poly.entity_id                      1 
_entity_poly.type                           'polypeptide(L)' 
_entity_poly.nstd_linkage                   no 
_entity_poly.nstd_monomer                   no 
_entity_poly.pdbx_seq_one_letter_code       
;IPTCKITLKETFLTSPEELYRVFTTQELVQAFTHAPATLEADRGGKFHMVDGNVSGEFTDLVPEKHIVMKWRFKSWPEGH
FATITLTFIDKNGETELCMEGRGIPAPEEERTRQGWQRYYFEGIKQTFGYGA
;
_entity_poly.pdbx_seq_one_letter_code_can   
;IPTCKITLKETFLTSPEELYRVFTTQELVQAFTHAPATLEADRGGKFHMVDGNVSGEFTDLVPEKHIVMKWRFKSWPEGH
FATITLTFIDKNGETELCMEGRGIPAPEEERTRQGWQRYYFEGIKQTFGYGA
;
_entity_poly.pdbx_strand_id                 A 
_entity_poly.pdbx_target_identifier         ? 
# 
loop_
_pdbx_entity_nonpoly.entity_id 
_pdbx_entity_nonpoly.name 
_pdbx_entity_nonpoly.comp_id 
2 '[3,5-bis(bromanyl)-4-oxidanyl-phenyl]-(2-ethyl-1-benzofuran-3-yl)methanone' R75 
3 water                                                                        HOH 
# 
loop_
_entity_poly_seq.entity_id 
_entity_poly_seq.num 
_entity_poly_seq.mon_id 
_entity_poly_seq.hetero 
1 1   ILE n 
1 2   PRO n 
1 3   THR n 
1 4   CYS n 
1 5   LYS n 
1 6   ILE n 
1 7   THR n 
1 8   LEU n 
1 9   LYS n 
1 10  GLU n 
1 11  THR n 
1 12  PHE n 
1 13  LEU n 
1 14  THR n 
1 15  SER n 
1 16  PRO n 
1 17  GLU n 
1 18  GLU n 
1 19  LEU n 
1 20  TYR n 
1 21  ARG n 
1 22  VAL n 
1 23  PHE n 
1 24  THR n 
1 25  THR n 
1 26  GLN n 
1 27  GLU n 
1 28  LEU n 
1 29  VAL n 
1 30  GLN n 
1 31  ALA n 
1 32  PHE n 
1 33  THR n 
1 34  HIS n 
1 35  ALA n 
1 36  PRO n 
1 37  ALA n 
1 38  THR n 
1 39  LEU n 
1 40  GLU n 
1 41  ALA n 
1 42  ASP n 
1 43  ARG n 
1 44  GLY n 
1 45  GLY n 
1 46  LYS n 
1 47  PHE n 
1 48  HIS n 
1 49  MET n 
1 50  VAL n 
1 51  ASP n 
1 52  GLY n 
1 53  ASN n 
1 54  VAL n 
1 55  SER n 
1 56  GLY n 
1 57  GLU n 
1 58  PHE n 
1 59  THR n 
1 60  ASP n 
1 61  LEU n 
1 62  VAL n 
1 63  PRO n 
1 64  GLU n 
1 65  LYS n 
1 66  HIS n 
1 67  ILE n 
1 68  VAL n 
1 69  MET n 
1 70  LYS n 
1 71  TRP n 
1 72  ARG n 
1 73  PHE n 
1 74  LYS n 
1 75  SER n 
1 76  TRP n 
1 77  PRO n 
1 78  GLU n 
1 79  GLY n 
1 80  HIS n 
1 81  PHE n 
1 82  ALA n 
1 83  THR n 
1 84  ILE n 
1 85  THR n 
1 86  LEU n 
1 87  THR n 
1 88  PHE n 
1 89  ILE n 
1 90  ASP n 
1 91  LYS n 
1 92  ASN n 
1 93  GLY n 
1 94  GLU n 
1 95  THR n 
1 96  GLU n 
1 97  LEU n 
1 98  CYS n 
1 99  MET n 
1 100 GLU n 
1 101 GLY n 
1 102 ARG n 
1 103 GLY n 
1 104 ILE n 
1 105 PRO n 
1 106 ALA n 
1 107 PRO n 
1 108 GLU n 
1 109 GLU n 
1 110 GLU n 
1 111 ARG n 
1 112 THR n 
1 113 ARG n 
1 114 GLN n 
1 115 GLY n 
1 116 TRP n 
1 117 GLN n 
1 118 ARG n 
1 119 TYR n 
1 120 TYR n 
1 121 PHE n 
1 122 GLU n 
1 123 GLY n 
1 124 ILE n 
1 125 LYS n 
1 126 GLN n 
1 127 THR n 
1 128 PHE n 
1 129 GLY n 
1 130 TYR n 
1 131 GLY n 
1 132 ALA n 
# 
_entity_src_gen.entity_id                          1 
_entity_src_gen.pdbx_src_id                        1 
_entity_src_gen.pdbx_alt_source_flag               sample 
_entity_src_gen.pdbx_seq_type                      'Biological sequence' 
_entity_src_gen.pdbx_beg_seq_num                   1 
_entity_src_gen.pdbx_end_seq_num                   132 
_entity_src_gen.gene_src_common_name               human 
_entity_src_gen.gene_src_genus                     ? 
_entity_src_gen.pdbx_gene_src_gene                 'AHSA1, C14orf3, HSPC322' 
_entity_src_gen.gene_src_species                   ? 
_entity_src_gen.gene_src_strain                    ? 
_entity_src_gen.gene_src_tissue                    ? 
_entity_src_gen.gene_src_tissue_fraction           ? 
_entity_src_gen.gene_src_details                   ? 
_entity_src_gen.pdbx_gene_src_fragment             ? 
_entity_src_gen.pdbx_gene_src_scientific_name      'Homo sapiens' 
_entity_src_gen.pdbx_gene_src_ncbi_taxonomy_id     9606 
_entity_src_gen.pdbx_gene_src_variant              ? 
_entity_src_gen.pdbx_gene_src_cell_line            ? 
_entity_src_gen.pdbx_gene_src_atcc                 ? 
_entity_src_gen.pdbx_gene_src_organ                ? 
_entity_src_gen.pdbx_gene_src_organelle            ? 
_entity_src_gen.pdbx_gene_src_cell                 ? 
_entity_src_gen.pdbx_gene_src_cellular_location    ? 
_entity_src_gen.host_org_common_name               ? 
_entity_src_gen.pdbx_host_org_scientific_name      'Escherichia coli' 
_entity_src_gen.pdbx_host_org_ncbi_taxonomy_id     562 
_entity_src_gen.host_org_genus                     ? 
_entity_src_gen.pdbx_host_org_gene                 ? 
_entity_src_gen.pdbx_host_org_organ                ? 
_entity_src_gen.host_org_species                   ? 
_entity_src_gen.pdbx_host_org_tissue               ? 
_entity_src_gen.pdbx_host_org_tissue_fraction      ? 
_entity_src_gen.pdbx_host_org_strain               ? 
_entity_src_gen.pdbx_host_org_variant              ? 
_entity_src_gen.pdbx_host_org_cell_line            ? 
_entity_src_gen.pdbx_host_org_atcc                 ? 
_entity_src_gen.pdbx_host_org_culture_collection   ? 
_entity_src_gen.pdbx_host_org_cell                 ? 
_entity_src_gen.pdbx_host_org_organelle            ? 
_entity_src_gen.pdbx_host_org_cellular_location    ? 
_entity_src_gen.pdbx_host_org_vector_type          ? 
_entity_src_gen.pdbx_host_org_vector               ? 
_entity_src_gen.host_org_details                   ? 
_entity_src_gen.expression_system_id               ? 
_entity_src_gen.plasmid_name                       ? 
_entity_src_gen.plasmid_details                    ? 
_entity_src_gen.pdbx_description                   ? 
# 
loop_
_chem_comp.id 
_chem_comp.type 
_chem_comp.mon_nstd_flag 
_chem_comp.name 
_chem_comp.pdbx_synonyms 
_chem_comp.formula 
_chem_comp.formula_weight 
ALA 'L-peptide linking' y ALANINE                                                                      ?             'C3 H7 N O2' 
89.093  
ARG 'L-peptide linking' y ARGININE                                                                     ?             
'C6 H15 N4 O2 1' 175.209 
ASN 'L-peptide linking' y ASPARAGINE                                                                   ?             'C4 H8 N2 O3' 
132.118 
ASP 'L-peptide linking' y 'ASPARTIC ACID'                                                              ?             'C4 H7 N O4' 
133.103 
CYS 'L-peptide linking' y CYSTEINE                                                                     ?             
'C3 H7 N O2 S'   121.158 
GLN 'L-peptide linking' y GLUTAMINE                                                                    ?             
'C5 H10 N2 O3'   146.144 
GLU 'L-peptide linking' y 'GLUTAMIC ACID'                                                              ?             'C5 H9 N O4' 
147.129 
GLY 'peptide linking'   y GLYCINE                                                                      ?             'C2 H5 N O2' 
75.067  
HIS 'L-peptide linking' y HISTIDINE                                                                    ?             
'C6 H10 N3 O2 1' 156.162 
HOH non-polymer         . WATER                                                                        ?             'H2 O' 18.015 
ILE 'L-peptide linking' y ISOLEUCINE                                                                   ?             'C6 H13 N O2' 
131.173 
LEU 'L-peptide linking' y LEUCINE                                                                      ?             'C6 H13 N O2' 
131.173 
LYS 'L-peptide linking' y LYSINE                                                                       ?             
'C6 H15 N2 O2 1' 147.195 
MET 'L-peptide linking' y METHIONINE                                                                   ?             
'C5 H11 N O2 S'  149.211 
PHE 'L-peptide linking' y PHENYLALANINE                                                                ?             'C9 H11 N O2' 
165.189 
PRO 'L-peptide linking' y PROLINE                                                                      ?             'C5 H9 N O2' 
115.130 
R75 non-polymer         . '[3,5-bis(bromanyl)-4-oxidanyl-phenyl]-(2-ethyl-1-benzofuran-3-yl)methanone' Benzbromarone 
'C17 H12 Br2 O3' 424.083 
SER 'L-peptide linking' y SERINE                                                                       ?             'C3 H7 N O3' 
105.093 
THR 'L-peptide linking' y THREONINE                                                                    ?             'C4 H9 N O3' 
119.119 
TRP 'L-peptide linking' y TRYPTOPHAN                                                                   ?             
'C11 H12 N2 O2'  204.225 
TYR 'L-peptide linking' y TYROSINE                                                                     ?             'C9 H11 N O3' 
181.189 
VAL 'L-peptide linking' y VALINE                                                                       ?             'C5 H11 N O2' 
117.146 
# 
loop_
_pdbx_poly_seq_scheme.asym_id 
_pdbx_poly_seq_scheme.entity_id 
_pdbx_poly_seq_scheme.seq_id 
_pdbx_poly_seq_scheme.mon_id 
_pdbx_poly_seq_scheme.ndb_seq_num 
_pdbx_poly_seq_scheme.pdb_seq_num 
_pdbx_poly_seq_scheme.auth_seq_num 
_pdbx_poly_seq_scheme.pdb_mon_id 
_pdbx_poly_seq_scheme.auth_mon_id 
_pdbx_poly_seq_scheme.pdb_strand_id 
_pdbx_poly_seq_scheme.pdb_ins_code 
_pdbx_poly_seq_scheme.hetero 
A 1 1   ILE 1   204 204 ILE ILE A . n 
A 1 2   PRO 2   205 205 PRO PRO A . n 
A 1 3   THR 3   206 206 THR THR A . n 
A 1 4   CYS 4   207 207 CYS CYS A . n 
A 1 5   LYS 5   208 208 LYS LYS A . n 
A 1 6   ILE 6   209 209 ILE ILE A . n 
A 1 7   THR 7   210 210 THR THR A . n 
A 1 8   LEU 8   211 211 LEU LEU A . n 
A 1 9   LYS 9   212 212 LYS LYS A . n 
A 1 10  GLU 10  213 213 GLU GLU A . n 
A 1 11  THR 11  214 214 THR THR A . n 
A 1 12  PHE 12  215 215 PHE PHE A . n 
A 1 13  LEU 13  216 216 LEU LEU A . n 
A 1 14  THR 14  217 217 THR THR A . n 
A 1 15  SER 15  218 218 SER SER A . n 
A 1 16  PRO 16  219 219 PRO PRO A . n 
A 1 17  GLU 17  220 220 GLU GLU A . n 
A 1 18  GLU 18  221 221 GLU GLU A . n 
A 1 19  LEU 19  222 222 LEU LEU A . n 
A 1 20  TYR 20  223 223 TYR TYR A . n 
A 1 21  ARG 21  224 224 ARG ARG A . n 
A 1 22  VAL 22  225 225 VAL VAL A . n 
A 1 23  PHE 23  226 226 PHE PHE A . n 
A 1 24  THR 24  227 227 THR THR A . n 
A 1 25  THR 25  228 228 THR THR A . n 
A 1 26  GLN 26  229 229 GLN GLN A . n 
A 1 27  GLU 27  230 230 GLU GLU A . n 
A 1 28  LEU 28  231 231 LEU LEU A . n 
A 1 29  VAL 29  232 232 VAL VAL A . n 
A 1 30  GLN 30  233 233 GLN GLN A . n 
A 1 31  ALA 31  234 234 ALA ALA A . n 
A 1 32  PHE 32  235 235 PHE PHE A . n 
A 1 33  THR 33  236 236 THR THR A . n 
A 1 34  HIS 34  237 237 HIS HIS A . n 
A 1 35  ALA 35  238 238 ALA ALA A . n 
A 1 36  PRO 36  239 239 PRO PRO A . n 
A 1 37  ALA 37  240 240 ALA ALA A . n 
A 1 38  THR 38  241 241 THR THR A . n 
A 1 39  LEU 39  242 242 LEU LEU A . n 
A 1 40  GLU 40  243 243 GLU GLU A . n 
A 1 41  ALA 41  244 244 ALA ALA A . n 
A 1 42  ASP 42  245 245 ASP ASP A . n 
A 1 43  ARG 43  246 246 ARG ARG A . n 
A 1 44  GLY 44  247 247 GLY GLY A . n 
A 1 45  GLY 45  248 248 GLY GLY A . n 
A 1 46  LYS 46  249 249 LYS LYS A . n 
A 1 47  PHE 47  250 250 PHE PHE A . n 
A 1 48  HIS 48  251 251 HIS HIS A . n 
A 1 49  MET 49  252 252 MET MET A . n 
A 1 50  VAL 50  253 253 VAL VAL A . n 
A 1 51  ASP 51  254 254 ASP ASP A . n 
A 1 52  GLY 52  255 255 GLY GLY A . n 
A 1 53  ASN 53  256 256 ASN ASN A . n 
A 1 54  VAL 54  257 257 VAL VAL A . n 
A 1 55  SER 55  258 258 SER SER A . n 
A 1 56  GLY 56  259 259 GLY GLY A . n 
A 1 57  GLU 57  260 260 GLU GLU A . n 
A 1 58  PHE 58  261 261 PHE PHE A . n 
A 1 59  THR 59  262 262 THR THR A . n 
A 1 60  ASP 60  263 263 ASP ASP A . n 
A 1 61  LEU 61  264 264 LEU LEU A . n 
A 1 62  VAL 62  265 265 VAL VAL A . n 
A 1 63  PRO 63  266 266 PRO PRO A . n 
A 1 64  GLU 64  267 267 GLU GLU A . n 
A 1 65  LYS 65  268 268 LYS LYS A . n 
A 1 66  HIS 66  269 269 HIS HIS A . n 
A 1 67  ILE 67  270 270 ILE ILE A . n 
A 1 68  VAL 68  271 271 VAL VAL A . n 
A 1 69  MET 69  272 272 MET MET A . n 
A 1 70  LYS 70  273 273 LYS LYS A . n 
A 1 71  TRP 71  274 274 TRP TRP A . n 
A 1 72  ARG 72  275 275 ARG ARG A . n 
A 1 73  PHE 73  276 276 PHE PHE A . n 
A 1 74  LYS 74  277 277 LYS LYS A . n 
A 1 75  SER 75  278 278 SER SER A . n 
A 1 76  TRP 76  279 279 TRP TRP A . n 
A 1 77  PRO 77  280 280 PRO PRO A . n 
A 1 78  GLU 78  281 281 GLU GLU A . n 
A 1 79  GLY 79  282 282 GLY GLY A . n 
A 1 80  HIS 80  283 283 HIS HIS A . n 
A 1 81  PHE 81  284 284 PHE PHE A . n 
A 1 82  ALA 82  285 285 ALA ALA A . n 
A 1 83  THR 83  286 286 THR THR A . n 
A 1 84  ILE 84  287 287 ILE ILE A . n 
A 1 85  THR 85  288 288 THR THR A . n 
A 1 86  LEU 86  289 289 LEU LEU A . n 
A 1 87  THR 87  290 290 THR THR A . n 
A 1 88  PHE 88  291 291 PHE PHE A . n 
A 1 89  ILE 89  292 292 ILE ILE A . n 
A 1 90  ASP 90  293 293 ASP ASP A . n 
A 1 91  LYS 91  294 294 LYS LYS A . n 
A 1 92  ASN 92  295 295 ASN ASN A . n 
A 1 93  GLY 93  296 296 GLY GLY A . n 
A 1 94  GLU 94  297 297 GLU GLU A . n 
A 1 95  THR 95  298 298 THR THR A . n 
A 1 96  GLU 96  299 299 GLU GLU A . n 
A 1 97  LEU 97  300 300 LEU LEU A . n 
A 1 98  CYS 98  301 301 CYS CYS A . n 
A 1 99  MET 99  302 302 MET MET A . n 
A 1 100 GLU 100 303 303 GLU GLU A . n 
A 1 101 GLY 101 304 304 GLY GLY A . n 
A 1 102 ARG 102 305 305 ARG ARG A . n 
A 1 103 GLY 103 306 306 GLY GLY A . n 
A 1 104 ILE 104 307 307 ILE ILE A . n 
A 1 105 PRO 105 308 308 PRO PRO A . n 
A 1 106 ALA 106 309 309 ALA ALA A . n 
A 1 107 PRO 107 310 310 PRO PRO A . n 
A 1 108 GLU 108 311 311 GLU GLU A . n 
A 1 109 GLU 109 312 312 GLU GLU A . n 
A 1 110 GLU 110 313 313 GLU GLU A . n 
A 1 111 ARG 111 314 314 ARG ARG A . n 
A 1 112 THR 112 315 315 THR THR A . n 
A 1 113 ARG 113 316 316 ARG ARG A . n 
A 1 114 GLN 114 317 317 GLN GLN A . n 
A 1 115 GLY 115 318 318 GLY GLY A . n 
A 1 116 TRP 116 319 319 TRP TRP A . n 
A 1 117 GLN 117 320 320 GLN GLN A . n 
A 1 118 ARG 118 321 321 ARG ARG A . n 
A 1 119 TYR 119 322 322 TYR TYR A . n 
A 1 120 TYR 120 323 323 TYR TYR A . n 
A 1 121 PHE 121 324 324 PHE PHE A . n 
A 1 122 GLU 122 325 325 GLU GLU A . n 
A 1 123 GLY 123 326 326 GLY GLY A . n 
A 1 124 ILE 124 327 327 ILE ILE A . n 
A 1 125 LYS 125 328 328 LYS LYS A . n 
A 1 126 GLN 126 329 329 GLN GLN A . n 
A 1 127 THR 127 330 330 THR THR A . n 
A 1 128 PHE 128 331 331 PHE PHE A . n 
A 1 129 GLY 129 332 332 GLY GLY A . n 
A 1 130 TYR 130 333 333 TYR TYR A . n 
A 1 131 GLY 131 334 334 GLY GLY A . n 
A 1 132 ALA 132 335 335 ALA ALA A . n 
# 
_pdbx_entity_instance_feature.ordinal        1 
_pdbx_entity_instance_feature.comp_id        R75 
_pdbx_entity_instance_feature.asym_id        ? 
_pdbx_entity_instance_feature.seq_num        ? 
_pdbx_entity_instance_feature.auth_comp_id   R75 
_pdbx_entity_instance_feature.auth_asym_id   ? 
_pdbx_entity_instance_feature.auth_seq_num   ? 
_pdbx_entity_instance_feature.feature_type   'SUBJECT OF INVESTIGATION' 
_pdbx_entity_instance_feature.details        ? 
# 
loop_
_pdbx_nonpoly_scheme.asym_id 
_pdbx_nonpoly_scheme.entity_id 
_pdbx_nonpoly_scheme.mon_id 
_pdbx_nonpoly_scheme.ndb_seq_num 
_pdbx_nonpoly_scheme.pdb_seq_num 
_pdbx_nonpoly_scheme.auth_seq_num 
_pdbx_nonpoly_scheme.pdb_mon_id 
_pdbx_nonpoly_scheme.auth_mon_id 
_pdbx_nonpoly_scheme.pdb_strand_id 
_pdbx_nonpoly_scheme.pdb_ins_code 
B 2 R75 1  401 401 R75 LIG A . 
C 3 HOH 1  501 78  HOH HOH A . 
C 3 HOH 2  502 39  HOH HOH A . 
C 3 HOH 3  503 34  HOH HOH A . 
C 3 HOH 4  504 62  HOH HOH A . 
C 3 HOH 5  505 36  HOH HOH A . 
C 3 HOH 6  506 68  HOH HOH A . 
C 3 HOH 7  507 20  HOH HOH A . 
C 3 HOH 8  508 30  HOH HOH A . 
C 3 HOH 9  509 52  HOH HOH A . 
C 3 HOH 10 510 26  HOH HOH A . 
C 3 HOH 11 511 71  HOH HOH A . 
C 3 HOH 12 512 74  HOH HOH A . 
C 3 HOH 13 513 38  HOH HOH A . 
C 3 HOH 14 514 61  HOH HOH A . 
C 3 HOH 15 515 4   HOH HOH A . 
C 3 HOH 16 516 42  HOH HOH A . 
C 3 HOH 17 517 35  HOH HOH A . 
C 3 HOH 18 518 11  HOH HOH A . 
C 3 HOH 19 519 46  HOH HOH A . 
C 3 HOH 20 520 16  HOH HOH A . 
C 3 HOH 21 521 65  HOH HOH A . 
C 3 HOH 22 522 41  HOH HOH A . 
C 3 HOH 23 523 56  HOH HOH A . 
C 3 HOH 24 524 33  HOH HOH A . 
C 3 HOH 25 525 57  HOH HOH A . 
C 3 HOH 26 526 21  HOH HOH A . 
C 3 HOH 27 527 22  HOH HOH A . 
C 3 HOH 28 528 9   HOH HOH A . 
C 3 HOH 29 529 73  HOH HOH A . 
C 3 HOH 30 530 40  HOH HOH A . 
C 3 HOH 31 531 7   HOH HOH A . 
C 3 HOH 32 532 3   HOH HOH A . 
C 3 HOH 33 533 10  HOH HOH A . 
C 3 HOH 34 534 6   HOH HOH A . 
C 3 HOH 35 535 51  HOH HOH A . 
C 3 HOH 36 536 53  HOH HOH A . 
C 3 HOH 37 537 48  HOH HOH A . 
C 3 HOH 38 538 24  HOH HOH A . 
C 3 HOH 39 539 23  HOH HOH A . 
C 3 HOH 40 540 1   HOH HOH A . 
C 3 HOH 41 541 8   HOH HOH A . 
C 3 HOH 42 542 49  HOH HOH A . 
C 3 HOH 43 543 2   HOH HOH A . 
C 3 HOH 44 544 29  HOH HOH A . 
C 3 HOH 45 545 54  HOH HOH A . 
C 3 HOH 46 546 5   HOH HOH A . 
C 3 HOH 47 547 37  HOH HOH A . 
C 3 HOH 48 548 59  HOH HOH A . 
C 3 HOH 49 549 12  HOH HOH A . 
C 3 HOH 50 550 13  HOH HOH A . 
C 3 HOH 51 551 28  HOH HOH A . 
C 3 HOH 52 552 19  HOH HOH A . 
C 3 HOH 53 553 50  HOH HOH A . 
C 3 HOH 54 554 31  HOH HOH A . 
C 3 HOH 55 555 15  HOH HOH A . 
C 3 HOH 56 556 14  HOH HOH A . 
C 3 HOH 57 557 76  HOH HOH A . 
C 3 HOH 58 558 69  HOH HOH A . 
C 3 HOH 59 559 60  HOH HOH A . 
C 3 HOH 60 560 17  HOH HOH A . 
C 3 HOH 61 561 47  HOH HOH A . 
C 3 HOH 62 562 75  HOH HOH A . 
C 3 HOH 63 563 32  HOH HOH A . 
C 3 HOH 64 564 44  HOH HOH A . 
C 3 HOH 65 565 45  HOH HOH A . 
C 3 HOH 66 566 70  HOH HOH A . 
C 3 HOH 67 567 72  HOH HOH A . 
C 3 HOH 68 568 18  HOH HOH A . 
C 3 HOH 69 569 67  HOH HOH A . 
C 3 HOH 70 570 55  HOH HOH A . 
C 3 HOH 71 571 25  HOH HOH A . 
C 3 HOH 72 572 27  HOH HOH A . 
C 3 HOH 73 573 77  HOH HOH A . 
C 3 HOH 74 574 58  HOH HOH A . 
C 3 HOH 75 575 64  HOH HOH A . 
C 3 HOH 76 576 43  HOH HOH A . 
C 3 HOH 77 577 63  HOH HOH A . 
C 3 HOH 78 578 66  HOH HOH A . 
# 
loop_
_software.citation_id 
_software.classification 
_software.compiler_name 
_software.compiler_version 
_software.contact_author 
_software.contact_author_email 
_software.date 
_software.description 
_software.dependencies 
_software.hardware 
_software.language 
_software.location 
_software.mods 
_software.name 
_software.os 
_software.os_version 
_software.type 
_software.version 
_software.pdbx_ordinal 
? refinement       ? ? ? ? ? ? ? ? ? ? ? REFMAC ? ? ? 5.8.0267 1 
? 'data reduction' ? ? ? ? ? ? ? ? ? ? ? XDS    ? ? ? 0.94     2 
? 'data scaling'   ? ? ? ? ? ? ? ? ? ? ? XDS    ? ? ? 0.94     3 
? phasing          ? ? ? ? ? ? ? ? ? ? ? MOLREP ? ? ? 11.7.03  4 
# 
_cell.angle_alpha                  90.00 
_cell.angle_alpha_esd              ? 
_cell.angle_beta                   90.00 
_cell.angle_beta_esd               ? 
_cell.angle_gamma                  90.00 
_cell.angle_gamma_esd              ? 
_cell.entry_id                     8Z3J 
_cell.details                      ? 
_cell.formula_units_Z              ? 
_cell.length_a                     54.216 
_cell.length_a_esd                 ? 
_cell.length_b                     66.802 
_cell.length_b_esd                 ? 
_cell.length_c                     68.200 
_cell.length_c_esd                 ? 
_cell.volume                       ? 
_cell.volume_esd                   ? 
_cell.Z_PDB                        8 
_cell.reciprocal_angle_alpha       ? 
_cell.reciprocal_angle_beta        ? 
_cell.reciprocal_angle_gamma       ? 
_cell.reciprocal_angle_alpha_esd   ? 
_cell.reciprocal_angle_beta_esd    ? 
_cell.reciprocal_angle_gamma_esd   ? 
_cell.reciprocal_length_a          ? 
_cell.reciprocal_length_b          ? 
_cell.reciprocal_length_c          ? 
_cell.reciprocal_length_a_esd      ? 
_cell.reciprocal_length_b_esd      ? 
_cell.reciprocal_length_c_esd      ? 
_cell.pdbx_unique_axis             ? 
_cell.pdbx_esd_method              ? 
# 
_symmetry.entry_id                         8Z3J 
_symmetry.cell_setting                     ? 
_symmetry.Int_Tables_number                23 
_symmetry.space_group_name_Hall            ? 
_symmetry.space_group_name_H-M             'I 2 2 2' 
_symmetry.pdbx_full_space_group_name_H-M   ? 
# 
_exptl.absorpt_coefficient_mu     ? 
_exptl.absorpt_correction_T_max   ? 
_exptl.absorpt_correction_T_min   ? 
_exptl.absorpt_correction_type    ? 
_exptl.absorpt_process_details    ? 
_exptl.entry_id                   8Z3J 
_exptl.crystals_number            1 
_exptl.details                    ? 
_exptl.method                     'X-RAY DIFFRACTION' 
_exptl.method_details             ? 
# 
_exptl_crystal.colour                       ? 
_exptl_crystal.density_diffrn               ? 
_exptl_crystal.density_Matthews             2.03 
_exptl_crystal.density_method               ? 
_exptl_crystal.density_percent_sol          39.51 
_exptl_crystal.description                  ? 
_exptl_crystal.F_000                        ? 
_exptl_crystal.id                           1 
_exptl_crystal.preparation                  ? 
_exptl_crystal.size_max                     ? 
_exptl_crystal.size_mid                     ? 
_exptl_crystal.size_min                     ? 
_exptl_crystal.size_rad                     ? 
_exptl_crystal.colour_lustre                ? 
_exptl_crystal.colour_modifier              ? 
_exptl_crystal.colour_primary               ? 
_exptl_crystal.density_meas                 ? 
_exptl_crystal.density_meas_esd             ? 
_exptl_crystal.density_meas_gt              ? 
_exptl_crystal.density_meas_lt              ? 
_exptl_crystal.density_meas_temp            ? 
_exptl_crystal.density_meas_temp_esd        ? 
_exptl_crystal.density_meas_temp_gt         ? 
_exptl_crystal.density_meas_temp_lt         ? 
_exptl_crystal.pdbx_crystal_image_url       ? 
_exptl_crystal.pdbx_crystal_image_format    ? 
_exptl_crystal.pdbx_mosaicity               ? 
_exptl_crystal.pdbx_mosaicity_esd           ? 
_exptl_crystal.pdbx_mosaic_method           ? 
_exptl_crystal.pdbx_mosaic_block_size       ? 
_exptl_crystal.pdbx_mosaic_block_size_esd   ? 
# 
_exptl_crystal_grow.apparatus       ? 
_exptl_crystal_grow.atmosphere      ? 
_exptl_crystal_grow.crystal_id      1 
_exptl_crystal_grow.details         ? 
_exptl_crystal_grow.method          'VAPOR DIFFUSION, SITTING DROP' 
_exptl_crystal_grow.method_ref      ? 
_exptl_crystal_grow.pH              ? 
_exptl_crystal_grow.pressure        ? 
_exptl_crystal_grow.pressure_esd    ? 
_exptl_crystal_grow.seeding         ? 
_exptl_crystal_grow.seeding_ref     ? 
_exptl_crystal_grow.temp_details    ? 
_exptl_crystal_grow.temp_esd        ? 
_exptl_crystal_grow.time            ? 
_exptl_crystal_grow.pdbx_details    
;0.1 M MMT, pH6.5
20% PEG1500
;
_exptl_crystal_grow.pdbx_pH_range   ? 
_exptl_crystal_grow.temp            291 
# 
_diffrn.ambient_environment              ? 
_diffrn.ambient_temp                     80 
_diffrn.ambient_temp_details             ? 
_diffrn.ambient_temp_esd                 ? 
_diffrn.crystal_id                       1 
_diffrn.crystal_support                  ? 
_diffrn.crystal_treatment                ? 
_diffrn.details                          ? 
_diffrn.id                               1 
_diffrn.ambient_pressure                 ? 
_diffrn.ambient_pressure_esd             ? 
_diffrn.ambient_pressure_gt              ? 
_diffrn.ambient_pressure_lt              ? 
_diffrn.ambient_temp_gt                  ? 
_diffrn.ambient_temp_lt                  ? 
_diffrn.pdbx_serial_crystal_experiment   N 
# 
_diffrn_detector.details                      ? 
_diffrn_detector.detector                     PIXEL 
_diffrn_detector.diffrn_id                    1 
_diffrn_detector.type                         'DECTRIS PILATUS3 S 2M' 
_diffrn_detector.area_resol_mean              ? 
_diffrn_detector.dtime                        ? 
_diffrn_detector.pdbx_frames_total            ? 
_diffrn_detector.pdbx_collection_time_total   ? 
_diffrn_detector.pdbx_collection_date         2021-06-20 
_diffrn_detector.pdbx_frequency               ? 
_diffrn_detector.id                           ? 
_diffrn_detector.number_of_axes               ? 
# 
_diffrn_radiation.collimation                      ? 
_diffrn_radiation.diffrn_id                        1 
_diffrn_radiation.filter_edge                      ? 
_diffrn_radiation.inhomogeneity                    ? 
_diffrn_radiation.monochromator                    ? 
_diffrn_radiation.polarisn_norm                    ? 
_diffrn_radiation.polarisn_ratio                   ? 
_diffrn_radiation.probe                            ? 
_diffrn_radiation.type                             ? 
_diffrn_radiation.xray_symbol                      ? 
_diffrn_radiation.wavelength_id                    1 
_diffrn_radiation.pdbx_monochromatic_or_laue_m_l   M 
_diffrn_radiation.pdbx_wavelength_list             ? 
_diffrn_radiation.pdbx_wavelength                  ? 
_diffrn_radiation.pdbx_diffrn_protocol             'SINGLE WAVELENGTH' 
_diffrn_radiation.pdbx_analyzer                    ? 
_diffrn_radiation.pdbx_scattering_type             x-ray 
# 
_diffrn_radiation_wavelength.id           1 
_diffrn_radiation_wavelength.wavelength   0.979150 
_diffrn_radiation_wavelength.wt           1.0 
# 
_diffrn_source.current                     ? 
_diffrn_source.details                     ? 
_diffrn_source.diffrn_id                   1 
_diffrn_source.power                       ? 
_diffrn_source.size                        ? 
_diffrn_source.source                      SYNCHROTRON 
_diffrn_source.target                      ? 
_diffrn_source.type                        'SSRF BEAMLINE BL18U1' 
_diffrn_source.voltage                     ? 
_diffrn_source.take-off_angle              ? 
_diffrn_source.pdbx_wavelength_list        0.979150 
_diffrn_source.pdbx_wavelength             ? 
_diffrn_source.pdbx_synchrotron_beamline   BL18U1 
_diffrn_source.pdbx_synchrotron_site       SSRF 
# 
_reflns.B_iso_Wilson_estimate                          ? 
_reflns.entry_id                                       8Z3J 
_reflns.data_reduction_details                         ? 
_reflns.data_reduction_method                          ? 
_reflns.d_resolution_high                              1.52 
_reflns.d_resolution_low                               42.13 
_reflns.details                                        ? 
_reflns.limit_h_max                                    ? 
_reflns.limit_h_min                                    ? 
_reflns.limit_k_max                                    ? 
_reflns.limit_k_min                                    ? 
_reflns.limit_l_max                                    ? 
_reflns.limit_l_min                                    ? 
_reflns.number_all                                     ? 
_reflns.number_obs                                     19379 
_reflns.observed_criterion                             ? 
_reflns.observed_criterion_F_max                       ? 
_reflns.observed_criterion_F_min                       ? 
_reflns.observed_criterion_I_max                       ? 
_reflns.observed_criterion_I_min                       ? 
_reflns.observed_criterion_sigma_F                     ? 
_reflns.observed_criterion_sigma_I                     ? 
_reflns.percent_possible_obs                           99.76 
_reflns.R_free_details                                 ? 
_reflns.Rmerge_F_all                                   ? 
_reflns.Rmerge_F_obs                                   ? 
_reflns.Friedel_coverage                               ? 
_reflns.number_gt                                      ? 
_reflns.threshold_expression                           ? 
_reflns.pdbx_redundancy                                2.0 
_reflns.pdbx_netI_over_av_sigmaI                       ? 
_reflns.pdbx_netI_over_sigmaI                          25.97 
_reflns.pdbx_res_netI_over_av_sigmaI_2                 ? 
_reflns.pdbx_res_netI_over_sigmaI_2                    ? 
_reflns.pdbx_chi_squared                               ? 
_reflns.pdbx_scaling_rejects                           ? 
_reflns.pdbx_d_res_high_opt                            ? 
_reflns.pdbx_d_res_low_opt                             ? 
_reflns.pdbx_d_res_opt_method                          ? 
_reflns.phase_calculation_details                      ? 
_reflns.pdbx_Rrim_I_all                                ? 
_reflns.pdbx_Rpim_I_all                                ? 
_reflns.pdbx_d_opt                                     ? 
_reflns.pdbx_number_measured_all                       ? 
_reflns.pdbx_diffrn_id                                 1 
_reflns.pdbx_ordinal                                   1 
_reflns.pdbx_CC_half                                   1 
_reflns.pdbx_CC_star                                   ? 
_reflns.pdbx_R_split                                   ? 
_reflns.pdbx_Rmerge_I_obs                              ? 
_reflns.pdbx_Rmerge_I_all                              ? 
_reflns.pdbx_Rsym_value                                ? 
_reflns.pdbx_CC_split_method                           ? 
_reflns.pdbx_aniso_diffraction_limit_axis_1_ortho[1]   ? 
_reflns.pdbx_aniso_diffraction_limit_axis_1_ortho[2]   ? 
_reflns.pdbx_aniso_diffraction_limit_axis_1_ortho[3]   ? 
_reflns.pdbx_aniso_diffraction_limit_axis_2_ortho[1]   ? 
_reflns.pdbx_aniso_diffraction_limit_axis_2_ortho[2]   ? 
_reflns.pdbx_aniso_diffraction_limit_axis_2_ortho[3]   ? 
_reflns.pdbx_aniso_diffraction_limit_axis_3_ortho[1]   ? 
_reflns.pdbx_aniso_diffraction_limit_axis_3_ortho[2]   ? 
_reflns.pdbx_aniso_diffraction_limit_axis_3_ortho[3]   ? 
_reflns.pdbx_aniso_diffraction_limit_1                 ? 
_reflns.pdbx_aniso_diffraction_limit_2                 ? 
_reflns.pdbx_aniso_diffraction_limit_3                 ? 
_reflns.pdbx_aniso_B_tensor_eigenvector_1_ortho[1]     ? 
_reflns.pdbx_aniso_B_tensor_eigenvector_1_ortho[2]     ? 
_reflns.pdbx_aniso_B_tensor_eigenvector_1_ortho[3]     ? 
_reflns.pdbx_aniso_B_tensor_eigenvector_2_ortho[1]     ? 
_reflns.pdbx_aniso_B_tensor_eigenvector_2_ortho[2]     ? 
_reflns.pdbx_aniso_B_tensor_eigenvector_2_ortho[3]     ? 
_reflns.pdbx_aniso_B_tensor_eigenvector_3_ortho[1]     ? 
_reflns.pdbx_aniso_B_tensor_eigenvector_3_ortho[2]     ? 
_reflns.pdbx_aniso_B_tensor_eigenvector_3_ortho[3]     ? 
_reflns.pdbx_aniso_B_tensor_eigenvalue_1               ? 
_reflns.pdbx_aniso_B_tensor_eigenvalue_2               ? 
_reflns.pdbx_aniso_B_tensor_eigenvalue_3               ? 
_reflns.pdbx_orthogonalization_convention              ? 
_reflns.pdbx_percent_possible_ellipsoidal              ? 
_reflns.pdbx_percent_possible_spherical                ? 
_reflns.pdbx_percent_possible_ellipsoidal_anomalous    ? 
_reflns.pdbx_percent_possible_spherical_anomalous      ? 
_reflns.pdbx_redundancy_anomalous                      ? 
_reflns.pdbx_CC_half_anomalous                         ? 
_reflns.pdbx_absDiff_over_sigma_anomalous              ? 
_reflns.pdbx_percent_possible_anomalous                ? 
_reflns.pdbx_observed_signal_threshold                 ? 
_reflns.pdbx_signal_type                               ? 
_reflns.pdbx_signal_details                            ? 
_reflns.pdbx_signal_software_id                        ? 
# 
_reflns_shell.d_res_high                                    1.52 
_reflns_shell.d_res_low                                     1.57 
_reflns_shell.meanI_over_sigI_all                           ? 
_reflns_shell.meanI_over_sigI_obs                           ? 
_reflns_shell.number_measured_all                           ? 
_reflns_shell.number_measured_obs                           ? 
_reflns_shell.number_possible                               ? 
_reflns_shell.number_unique_all                             ? 
_reflns_shell.number_unique_obs                             1880 
_reflns_shell.percent_possible_obs                          ? 
_reflns_shell.Rmerge_F_all                                  ? 
_reflns_shell.Rmerge_F_obs                                  ? 
_reflns_shell.meanI_over_sigI_gt                            ? 
_reflns_shell.meanI_over_uI_all                             ? 
_reflns_shell.meanI_over_uI_gt                              ? 
_reflns_shell.number_measured_gt                            ? 
_reflns_shell.number_unique_gt                              ? 
_reflns_shell.percent_possible_gt                           ? 
_reflns_shell.Rmerge_F_gt                                   ? 
_reflns_shell.Rmerge_I_gt                                   ? 
_reflns_shell.pdbx_redundancy                               ? 
_reflns_shell.pdbx_chi_squared                              ? 
_reflns_shell.pdbx_netI_over_sigmaI_all                     ? 
_reflns_shell.pdbx_netI_over_sigmaI_obs                     ? 
_reflns_shell.pdbx_Rrim_I_all                               ? 
_reflns_shell.pdbx_Rpim_I_all                               ? 
_reflns_shell.pdbx_rejects                                  ? 
_reflns_shell.pdbx_ordinal                                  1 
_reflns_shell.pdbx_diffrn_id                                1 
_reflns_shell.pdbx_CC_half                                  0.976 
_reflns_shell.pdbx_CC_star                                  ? 
_reflns_shell.pdbx_R_split                                  ? 
_reflns_shell.percent_possible_all                          ? 
_reflns_shell.Rmerge_I_all                                  ? 
_reflns_shell.Rmerge_I_obs                                  ? 
_reflns_shell.pdbx_Rsym_value                               ? 
_reflns_shell.pdbx_percent_possible_ellipsoidal             ? 
_reflns_shell.pdbx_percent_possible_spherical               ? 
_reflns_shell.pdbx_percent_possible_ellipsoidal_anomalous   ? 
_reflns_shell.pdbx_percent_possible_spherical_anomalous     ? 
_reflns_shell.pdbx_redundancy_anomalous                     ? 
_reflns_shell.pdbx_CC_half_anomalous                        ? 
_reflns_shell.pdbx_absDiff_over_sigma_anomalous             ? 
_reflns_shell.pdbx_percent_possible_anomalous               ? 
# 
_refine.aniso_B[1][1]                            -0.85 
_refine.aniso_B[1][2]                            -0.00 
_refine.aniso_B[1][3]                            -0.00 
_refine.aniso_B[2][2]                            1.62 
_refine.aniso_B[2][3]                            -0.00 
_refine.aniso_B[3][3]                            -0.77 
_refine.B_iso_max                                ? 
_refine.B_iso_mean                               14.146 
_refine.B_iso_min                                ? 
_refine.correlation_coeff_Fo_to_Fc               0.962 
_refine.correlation_coeff_Fo_to_Fc_free          0.949 
_refine.details                                  'HYDROGENS HAVE BEEN ADDED IN THE RIDING POSITIONS' 
_refine.diff_density_max                         ? 
_refine.diff_density_max_esd                     ? 
_refine.diff_density_min                         ? 
_refine.diff_density_min_esd                     ? 
_refine.diff_density_rms                         ? 
_refine.diff_density_rms_esd                     ? 
_refine.entry_id                                 8Z3J 
_refine.pdbx_refine_id                           'X-RAY DIFFRACTION' 
_refine.ls_abs_structure_details                 ? 
_refine.ls_abs_structure_Flack                   ? 
_refine.ls_abs_structure_Flack_esd               ? 
_refine.ls_abs_structure_Rogers                  ? 
_refine.ls_abs_structure_Rogers_esd              ? 
_refine.ls_d_res_high                            1.52 
_refine.ls_d_res_low                             42.13 
_refine.ls_extinction_coef                       ? 
_refine.ls_extinction_coef_esd                   ? 
_refine.ls_extinction_expression                 ? 
_refine.ls_extinction_method                     ? 
_refine.ls_goodness_of_fit_all                   ? 
_refine.ls_goodness_of_fit_all_esd               ? 
_refine.ls_goodness_of_fit_obs                   ? 
_refine.ls_goodness_of_fit_obs_esd               ? 
_refine.ls_hydrogen_treatment                    ? 
_refine.ls_matrix_type                           ? 
_refine.ls_number_constraints                    ? 
_refine.ls_number_parameters                     ? 
_refine.ls_number_reflns_all                     ? 
_refine.ls_number_reflns_obs                     18425 
_refine.ls_number_reflns_R_free                  954 
_refine.ls_number_reflns_R_work                  ? 
_refine.ls_number_restraints                     ? 
_refine.ls_percent_reflns_obs                    99.79 
_refine.ls_percent_reflns_R_free                 4.9 
_refine.ls_R_factor_all                          ? 
_refine.ls_R_factor_obs                          0.17156 
_refine.ls_R_factor_R_free                       0.19880 
_refine.ls_R_factor_R_free_error                 ? 
_refine.ls_R_factor_R_free_error_details         ? 
_refine.ls_R_factor_R_work                       0.17020 
_refine.ls_R_Fsqd_factor_obs                     ? 
_refine.ls_R_I_factor_obs                        ? 
_refine.ls_redundancy_reflns_all                 ? 
_refine.ls_redundancy_reflns_obs                 ? 
_refine.ls_restrained_S_all                      ? 
_refine.ls_restrained_S_obs                      ? 
_refine.ls_shift_over_esd_max                    ? 
_refine.ls_shift_over_esd_mean                   ? 
_refine.ls_structure_factor_coef                 ? 
_refine.ls_weighting_details                     ? 
_refine.ls_weighting_scheme                      ? 
_refine.ls_wR_factor_all                         ? 
_refine.ls_wR_factor_obs                         ? 
_refine.ls_wR_factor_R_free                      ? 
_refine.ls_wR_factor_R_work                      ? 
_refine.occupancy_max                            ? 
_refine.occupancy_min                            ? 
_refine.solvent_model_details                    MASK 
_refine.solvent_model_param_bsol                 ? 
_refine.solvent_model_param_ksol                 ? 
_refine.pdbx_R_complete                          ? 
_refine.ls_R_factor_gt                           ? 
_refine.ls_goodness_of_fit_gt                    ? 
_refine.ls_goodness_of_fit_ref                   ? 
_refine.ls_shift_over_su_max                     ? 
_refine.ls_shift_over_su_max_lt                  ? 
_refine.ls_shift_over_su_mean                    ? 
_refine.ls_shift_over_su_mean_lt                 ? 
_refine.pdbx_ls_sigma_I                          ? 
_refine.pdbx_ls_sigma_F                          ? 
_refine.pdbx_ls_sigma_Fsqd                       ? 
_refine.pdbx_data_cutoff_high_absF               ? 
_refine.pdbx_data_cutoff_high_rms_absF           ? 
_refine.pdbx_data_cutoff_low_absF                ? 
_refine.pdbx_isotropic_thermal_model             ? 
_refine.pdbx_ls_cross_valid_method               THROUGHOUT 
_refine.pdbx_method_to_determine_struct          'MOLECULAR REPLACEMENT' 
_refine.pdbx_starting_model                      ? 
_refine.pdbx_stereochemistry_target_values       'MAXIMUM LIKELIHOOD' 
_refine.pdbx_R_Free_selection_details            RANDOM 
_refine.pdbx_stereochem_target_val_spec_case     ? 
_refine.pdbx_overall_ESU_R                       0.078 
_refine.pdbx_overall_ESU_R_Free                  0.079 
_refine.pdbx_solvent_vdw_probe_radii             1.20 
_refine.pdbx_solvent_ion_probe_radii             0.80 
_refine.pdbx_solvent_shrinkage_radii             0.80 
_refine.pdbx_real_space_R                        ? 
_refine.pdbx_density_correlation                 ? 
_refine.pdbx_pd_number_of_powder_patterns        ? 
_refine.pdbx_pd_number_of_points                 ? 
_refine.pdbx_pd_meas_number_of_points            ? 
_refine.pdbx_pd_proc_ls_prof_R_factor            ? 
_refine.pdbx_pd_proc_ls_prof_wR_factor           ? 
_refine.pdbx_pd_Marquardt_correlation_coeff      ? 
_refine.pdbx_pd_Fsqrd_R_factor                   ? 
_refine.pdbx_pd_ls_matrix_band_width             ? 
_refine.pdbx_overall_phase_error                 ? 
_refine.pdbx_overall_SU_R_free_Cruickshank_DPI   ? 
_refine.pdbx_overall_SU_R_free_Blow_DPI          ? 
_refine.pdbx_overall_SU_R_Blow_DPI               ? 
_refine.pdbx_TLS_residual_ADP_flag               ? 
_refine.pdbx_diffrn_id                           1 
_refine.overall_SU_B                             1.265 
_refine.overall_SU_ML                            0.047 
_refine.overall_SU_R_Cruickshank_DPI             ? 
_refine.overall_SU_R_free                        ? 
_refine.overall_FOM_free_R_set                   ? 
_refine.overall_FOM_work_R_set                   ? 
_refine.pdbx_average_fsc_overall                 ? 
_refine.pdbx_average_fsc_work                    ? 
_refine.pdbx_average_fsc_free                    ? 
# 
_refine_hist.pdbx_refine_id                   'X-RAY DIFFRACTION' 
_refine_hist.cycle_id                         1 
_refine_hist.details                          ? 
_refine_hist.d_res_high                       1.52 
_refine_hist.d_res_low                        42.13 
_refine_hist.number_atoms_solvent             78 
_refine_hist.number_atoms_total               1170 
_refine_hist.number_reflns_all                ? 
_refine_hist.number_reflns_obs                ? 
_refine_hist.number_reflns_R_free             ? 
_refine_hist.number_reflns_R_work             ? 
_refine_hist.R_factor_all                     ? 
_refine_hist.R_factor_obs                     ? 
_refine_hist.R_factor_R_free                  ? 
_refine_hist.R_factor_R_work                  ? 
_refine_hist.pdbx_number_residues_total       ? 
_refine_hist.pdbx_B_iso_mean_ligand           ? 
_refine_hist.pdbx_B_iso_mean_solvent          ? 
_refine_hist.pdbx_number_atoms_protein        1070 
_refine_hist.pdbx_number_atoms_nucleic_acid   0 
_refine_hist.pdbx_number_atoms_ligand         22 
_refine_hist.pdbx_number_atoms_lipid          ? 
_refine_hist.pdbx_number_atoms_carb           ? 
_refine_hist.pdbx_pseudo_atom_details         ? 
# 
loop_
_refine_ls_restr.pdbx_refine_id 
_refine_ls_restr.criterion 
_refine_ls_restr.dev_ideal 
_refine_ls_restr.dev_ideal_target 
_refine_ls_restr.number 
_refine_ls_restr.rejects 
_refine_ls_restr.type 
_refine_ls_restr.weight 
_refine_ls_restr.pdbx_restraint_function 
'X-RAY DIFFRACTION' ? 0.014  0.013  1124 ? r_bond_refined_d             ? ? 
'X-RAY DIFFRACTION' ? 0.002  0.015  1018 ? r_bond_other_d               ? ? 
'X-RAY DIFFRACTION' ? 1.821  1.666  1523 ? r_angle_refined_deg          ? ? 
'X-RAY DIFFRACTION' ? 1.512  1.575  2351 ? r_angle_other_deg            ? ? 
'X-RAY DIFFRACTION' ? 6.733  5.000  131  ? r_dihedral_angle_1_deg       ? ? 
'X-RAY DIFFRACTION' ? 31.841 21.967 61   ? r_dihedral_angle_2_deg       ? ? 
'X-RAY DIFFRACTION' ? 13.959 15.000 185  ? r_dihedral_angle_3_deg       ? ? 
'X-RAY DIFFRACTION' ? 15.615 15.000 7    ? r_dihedral_angle_4_deg       ? ? 
'X-RAY DIFFRACTION' ? 0.103  0.200  142  ? r_chiral_restr               ? ? 
'X-RAY DIFFRACTION' ? 0.011  0.020  1258 ? r_gen_planes_refined         ? ? 
'X-RAY DIFFRACTION' ? 0.001  0.020  271  ? r_gen_planes_other           ? ? 
'X-RAY DIFFRACTION' ? ?      ?      ?    ? r_nbd_refined                ? ? 
'X-RAY DIFFRACTION' ? ?      ?      ?    ? r_nbd_other                  ? ? 
'X-RAY DIFFRACTION' ? ?      ?      ?    ? r_nbtor_refined              ? ? 
'X-RAY DIFFRACTION' ? ?      ?      ?    ? r_nbtor_other                ? ? 
'X-RAY DIFFRACTION' ? ?      ?      ?    ? r_xyhbond_nbd_refined        ? ? 
'X-RAY DIFFRACTION' ? ?      ?      ?    ? r_xyhbond_nbd_other          ? ? 
'X-RAY DIFFRACTION' ? ?      ?      ?    ? r_metal_ion_refined          ? ? 
'X-RAY DIFFRACTION' ? ?      ?      ?    ? r_metal_ion_other            ? ? 
'X-RAY DIFFRACTION' ? ?      ?      ?    ? r_symmetry_vdw_refined       ? ? 
'X-RAY DIFFRACTION' ? ?      ?      ?    ? r_symmetry_vdw_other         ? ? 
'X-RAY DIFFRACTION' ? ?      ?      ?    ? r_symmetry_hbond_refined     ? ? 
'X-RAY DIFFRACTION' ? ?      ?      ?    ? r_symmetry_hbond_other       ? ? 
'X-RAY DIFFRACTION' ? ?      ?      ?    ? r_symmetry_metal_ion_refined ? ? 
'X-RAY DIFFRACTION' ? ?      ?      ?    ? r_symmetry_metal_ion_other   ? ? 
'X-RAY DIFFRACTION' ? 1.324  1.145  527  ? r_mcbond_it                  ? ? 
'X-RAY DIFFRACTION' ? 1.271  1.142  526  ? r_mcbond_other               ? ? 
'X-RAY DIFFRACTION' ? 1.934  1.712  657  ? r_mcangle_it                 ? ? 
'X-RAY DIFFRACTION' ? 1.935  1.714  658  ? r_mcangle_other              ? ? 
'X-RAY DIFFRACTION' ? 2.880  1.580  597  ? r_scbond_it                  ? ? 
'X-RAY DIFFRACTION' ? 2.878  1.581  598  ? r_scbond_other               ? ? 
'X-RAY DIFFRACTION' ? ?      ?      ?    ? r_scangle_it                 ? ? 
'X-RAY DIFFRACTION' ? 4.485  2.234  867  ? r_scangle_other              ? ? 
'X-RAY DIFFRACTION' ? 6.000  14.972 1255 ? r_long_range_B_refined       ? ? 
'X-RAY DIFFRACTION' ? 5.878  14.477 1235 ? r_long_range_B_other         ? ? 
'X-RAY DIFFRACTION' ? ?      ?      ?    ? r_rigid_bond_restr           ? ? 
'X-RAY DIFFRACTION' ? ?      ?      ?    ? r_sphericity_free            ? ? 
'X-RAY DIFFRACTION' ? ?      ?      ?    ? r_sphericity_bonded          ? ? 
# 
_refine_ls_shell.pdbx_refine_id                   'X-RAY DIFFRACTION' 
_refine_ls_shell.d_res_high                       1.520 
_refine_ls_shell.d_res_low                        1.559 
_refine_ls_shell.number_reflns_all                ? 
_refine_ls_shell.number_reflns_obs                ? 
_refine_ls_shell.number_reflns_R_free             56 
_refine_ls_shell.number_reflns_R_work             1344 
_refine_ls_shell.percent_reflns_obs               99.79 
_refine_ls_shell.percent_reflns_R_free            ? 
_refine_ls_shell.R_factor_all                     ? 
_refine_ls_shell.R_factor_obs                     ? 
_refine_ls_shell.R_factor_R_free_error            ? 
_refine_ls_shell.R_factor_R_work                  0.212 
_refine_ls_shell.redundancy_reflns_all            ? 
_refine_ls_shell.redundancy_reflns_obs            ? 
_refine_ls_shell.wR_factor_all                    ? 
_refine_ls_shell.wR_factor_obs                    ? 
_refine_ls_shell.wR_factor_R_free                 ? 
_refine_ls_shell.wR_factor_R_work                 ? 
_refine_ls_shell.pdbx_R_complete                  ? 
_refine_ls_shell.pdbx_total_number_of_bins_used   20 
_refine_ls_shell.pdbx_phase_error                 ? 
_refine_ls_shell.pdbx_fsc_work                    ? 
_refine_ls_shell.pdbx_fsc_free                    ? 
_refine_ls_shell.R_factor_R_free                  0.234 
# 
_struct.entry_id                     8Z3J 
_struct.title                        
'Benzbromarone interferes with the interaction between Hsp90 and Aha1 by interacting with both of them' 
_struct.pdbx_model_details           ? 
_struct.pdbx_formula_weight          ? 
_struct.pdbx_formula_weight_method   ? 
_struct.pdbx_model_type_details      ? 
_struct.pdbx_CASP_flag               N 
# 
_struct_keywords.entry_id        8Z3J 
_struct_keywords.text            'Holdase, Activator of HSP90, STRUCTURAL PROTEIN' 
_struct_keywords.pdbx_keywords   'STRUCTURAL PROTEIN' 
# 
loop_
_struct_asym.id 
_struct_asym.pdbx_blank_PDB_chainid_flag 
_struct_asym.pdbx_modified 
_struct_asym.entity_id 
_struct_asym.details 
A N N 1 ? 
B N N 2 ? 
C N N 3 ? 
# 
_struct_ref.id                         1 
_struct_ref.db_name                    UNP 
_struct_ref.db_code                    AHSA1_HUMAN 
_struct_ref.pdbx_db_accession          O95433 
_struct_ref.pdbx_db_isoform            ? 
_struct_ref.entity_id                  1 
_struct_ref.pdbx_seq_one_letter_code   
;IPTCKITLKETFLTSPEELYRVFTTQELVQAFTHAPATLEADRGGKFHMVDGNVSGEFTDLVPEKHIVMKWRFKSWPEGH
FATITLTFIDKNGETELCMEGRGIPAPEEERTRQGWQRYYFEGIKQTFGYGA
;
_struct_ref.pdbx_align_begin           204 
# 
_struct_ref_seq.align_id                      1 
_struct_ref_seq.ref_id                        1 
_struct_ref_seq.pdbx_PDB_id_code              8Z3J 
_struct_ref_seq.pdbx_strand_id                A 
_struct_ref_seq.seq_align_beg                 1 
_struct_ref_seq.pdbx_seq_align_beg_ins_code   ? 
_struct_ref_seq.seq_align_end                 132 
_struct_ref_seq.pdbx_seq_align_end_ins_code   ? 
_struct_ref_seq.pdbx_db_accession             O95433 
_struct_ref_seq.db_align_beg                  204 
_struct_ref_seq.pdbx_db_align_beg_ins_code    ? 
_struct_ref_seq.db_align_end                  335 
_struct_ref_seq.pdbx_db_align_end_ins_code    ? 
_struct_ref_seq.pdbx_auth_seq_align_beg       204 
_struct_ref_seq.pdbx_auth_seq_align_end       335 
# 
_pdbx_struct_assembly.id                   1 
_pdbx_struct_assembly.details              author_defined_assembly 
_pdbx_struct_assembly.method_details       ? 
_pdbx_struct_assembly.oligomeric_details   monomeric 
_pdbx_struct_assembly.oligomeric_count     1 
# 
_pdbx_struct_assembly_gen.assembly_id       1 
_pdbx_struct_assembly_gen.oper_expression   1 
_pdbx_struct_assembly_gen.asym_id_list      A,B,C 
# 
_pdbx_struct_assembly_auth_evidence.id                     1 
_pdbx_struct_assembly_auth_evidence.assembly_id            1 
_pdbx_struct_assembly_auth_evidence.experimental_support   'gel filtration' 
_pdbx_struct_assembly_auth_evidence.details                ? 
# 
_pdbx_struct_oper_list.id                   1 
_pdbx_struct_oper_list.type                 'identity operation' 
_pdbx_struct_oper_list.name                 1_555 
_pdbx_struct_oper_list.symmetry_operation   x,y,z 
_pdbx_struct_oper_list.matrix[1][1]         1.0000000000 
_pdbx_struct_oper_list.matrix[1][2]         0.0000000000 
_pdbx_struct_oper_list.matrix[1][3]         0.0000000000 
_pdbx_struct_oper_list.vector[1]            0.0000000000 
_pdbx_struct_oper_list.matrix[2][1]         0.0000000000 
_pdbx_struct_oper_list.matrix[2][2]         1.0000000000 
_pdbx_struct_oper_list.matrix[2][3]         0.0000000000 
_pdbx_struct_oper_list.vector[2]            0.0000000000 
_pdbx_struct_oper_list.matrix[3][1]         0.0000000000 
_pdbx_struct_oper_list.matrix[3][2]         0.0000000000 
_pdbx_struct_oper_list.matrix[3][3]         1.0000000000 
_pdbx_struct_oper_list.vector[3]            0.0000000000 
# 
loop_
_struct_conf.conf_type_id 
_struct_conf.id 
_struct_conf.pdbx_PDB_helix_id 
_struct_conf.beg_label_comp_id 
_struct_conf.beg_label_asym_id 
_struct_conf.beg_label_seq_id 
_struct_conf.pdbx_beg_PDB_ins_code 
_struct_conf.end_label_comp_id 
_struct_conf.end_label_asym_id 
_struct_conf.end_label_seq_id 
_struct_conf.pdbx_end_PDB_ins_code 
_struct_conf.beg_auth_comp_id 
_struct_conf.beg_auth_asym_id 
_struct_conf.beg_auth_seq_id 
_struct_conf.end_auth_comp_id 
_struct_conf.end_auth_asym_id 
_struct_conf.end_auth_seq_id 
_struct_conf.pdbx_PDB_helix_class 
_struct_conf.details 
_struct_conf.pdbx_PDB_helix_length 
HELX_P HELX_P1 AA1 SER A 15  ? THR A 25  ? SER A 218 THR A 228 1 ? 11 
HELX_P HELX_P2 AA2 THR A 25  ? HIS A 34  ? THR A 228 HIS A 237 1 ? 10 
HELX_P HELX_P3 AA3 VAL A 50  ? GLY A 52  ? VAL A 253 GLY A 255 5 ? 3  
HELX_P HELX_P4 AA4 GLU A 108 ? ARG A 118 ? GLU A 311 ARG A 321 1 ? 11 
HELX_P HELX_P5 AA5 ARG A 118 ? GLY A 129 ? ARG A 321 GLY A 332 1 ? 12 
# 
_struct_conf_type.id          HELX_P 
_struct_conf_type.criteria    ? 
_struct_conf_type.reference   ? 
# 
_struct_sheet.id               AA1 
_struct_sheet.type             ? 
_struct_sheet.number_strands   7 
_struct_sheet.details          ? 
# 
loop_
_struct_sheet_order.sheet_id 
_struct_sheet_order.range_id_1 
_struct_sheet_order.range_id_2 
_struct_sheet_order.offset 
_struct_sheet_order.sense 
AA1 1 2 ? anti-parallel 
AA1 2 3 ? anti-parallel 
AA1 3 4 ? anti-parallel 
AA1 4 5 ? anti-parallel 
AA1 5 6 ? anti-parallel 
AA1 6 7 ? anti-parallel 
# 
loop_
_struct_sheet_range.sheet_id 
_struct_sheet_range.id 
_struct_sheet_range.beg_label_comp_id 
_struct_sheet_range.beg_label_asym_id 
_struct_sheet_range.beg_label_seq_id 
_struct_sheet_range.pdbx_beg_PDB_ins_code 
_struct_sheet_range.end_label_comp_id 
_struct_sheet_range.end_label_asym_id 
_struct_sheet_range.end_label_seq_id 
_struct_sheet_range.pdbx_end_PDB_ins_code 
_struct_sheet_range.beg_auth_comp_id 
_struct_sheet_range.beg_auth_asym_id 
_struct_sheet_range.beg_auth_seq_id 
_struct_sheet_range.end_auth_comp_id 
_struct_sheet_range.end_auth_asym_id 
_struct_sheet_range.end_auth_seq_id 
AA1 1 THR A 3  ? PHE A 12  ? THR A 206 PHE A 215 
AA1 2 GLU A 94 ? PRO A 105 ? GLU A 297 PRO A 308 
AA1 3 ALA A 82 ? LYS A 91  ? ALA A 285 LYS A 294 
AA1 4 HIS A 66 ? PHE A 73  ? HIS A 269 PHE A 276 
AA1 5 VAL A 54 ? VAL A 62  ? VAL A 257 VAL A 265 
AA1 6 LYS A 46 ? MET A 49  ? LYS A 249 MET A 252 
AA1 7 THR A 38 ? LEU A 39  ? THR A 241 LEU A 242 
# 
loop_
_pdbx_struct_sheet_hbond.sheet_id 
_pdbx_struct_sheet_hbond.range_id_1 
_pdbx_struct_sheet_hbond.range_id_2 
_pdbx_struct_sheet_hbond.range_1_label_atom_id 
_pdbx_struct_sheet_hbond.range_1_label_comp_id 
_pdbx_struct_sheet_hbond.range_1_label_asym_id 
_pdbx_struct_sheet_hbond.range_1_label_seq_id 
_pdbx_struct_sheet_hbond.range_1_PDB_ins_code 
_pdbx_struct_sheet_hbond.range_1_auth_atom_id 
_pdbx_struct_sheet_hbond.range_1_auth_comp_id 
_pdbx_struct_sheet_hbond.range_1_auth_asym_id 
_pdbx_struct_sheet_hbond.range_1_auth_seq_id 
_pdbx_struct_sheet_hbond.range_2_label_atom_id 
_pdbx_struct_sheet_hbond.range_2_label_comp_id 
_pdbx_struct_sheet_hbond.range_2_label_asym_id 
_pdbx_struct_sheet_hbond.range_2_label_seq_id 
_pdbx_struct_sheet_hbond.range_2_PDB_ins_code 
_pdbx_struct_sheet_hbond.range_2_auth_atom_id 
_pdbx_struct_sheet_hbond.range_2_auth_comp_id 
_pdbx_struct_sheet_hbond.range_2_auth_asym_id 
_pdbx_struct_sheet_hbond.range_2_auth_seq_id 
AA1 1 2 N GLU A 10 ? N GLU A 213 O LEU A 97 ? O LEU A 300 
AA1 2 3 O GLU A 96 ? O GLU A 299 N ILE A 89 ? N ILE A 292 
AA1 3 4 O ALA A 82 ? O ALA A 285 N TRP A 71 ? N TRP A 274 
AA1 4 5 O LYS A 70 ? O LYS A 273 N GLU A 57 ? N GLU A 260 
AA1 5 6 O VAL A 54 ? O VAL A 257 N MET A 49 ? N MET A 252 
AA1 6 7 O HIS A 48 ? O HIS A 251 N THR A 38 ? N THR A 241 
# 
_pdbx_entry_details.entry_id                   8Z3J 
_pdbx_entry_details.has_ligand_of_interest     Y 
_pdbx_entry_details.compound_details           ? 
_pdbx_entry_details.source_details             ? 
_pdbx_entry_details.nonpolymer_details         ? 
_pdbx_entry_details.sequence_details           ? 
_pdbx_entry_details.has_protein_modification   N 
# 
_pdbx_validate_torsion.id              1 
_pdbx_validate_torsion.PDB_model_num   1 
_pdbx_validate_torsion.auth_comp_id    LYS 
_pdbx_validate_torsion.auth_asym_id    A 
_pdbx_validate_torsion.auth_seq_id     268 
_pdbx_validate_torsion.PDB_ins_code    ? 
_pdbx_validate_torsion.label_alt_id    ? 
_pdbx_validate_torsion.phi             -127.10 
_pdbx_validate_torsion.psi             -54.56 
# 
loop_
_pdbx_struct_special_symmetry.id 
_pdbx_struct_special_symmetry.PDB_model_num 
_pdbx_struct_special_symmetry.auth_asym_id 
_pdbx_struct_special_symmetry.auth_comp_id 
_pdbx_struct_special_symmetry.auth_seq_id 
_pdbx_struct_special_symmetry.PDB_ins_code 
_pdbx_struct_special_symmetry.label_asym_id 
_pdbx_struct_special_symmetry.label_comp_id 
_pdbx_struct_special_symmetry.label_seq_id 
1 1 A HOH 531 ? C HOH . 
2 1 A HOH 574 ? C HOH . 
# 
loop_
_chem_comp_atom.comp_id 
_chem_comp_atom.atom_id 
_chem_comp_atom.type_symbol 
_chem_comp_atom.pdbx_aromatic_flag 
_chem_comp_atom.pdbx_stereo_config 
_chem_comp_atom.pdbx_ordinal 
ALA N    N  N N 1   
ALA CA   C  N S 2   
ALA C    C  N N 3   
ALA O    O  N N 4   
ALA CB   C  N N 5   
ALA OXT  O  N N 6   
ALA H    H  N N 7   
ALA H2   H  N N 8   
ALA HA   H  N N 9   
ALA HB1  H  N N 10  
ALA HB2  H  N N 11  
ALA HB3  H  N N 12  
ALA HXT  H  N N 13  
ARG N    N  N N 14  
ARG CA   C  N S 15  
ARG C    C  N N 16  
ARG O    O  N N 17  
ARG CB   C  N N 18  
ARG CG   C  N N 19  
ARG CD   C  N N 20  
ARG NE   N  N N 21  
ARG CZ   C  N N 22  
ARG NH1  N  N N 23  
ARG NH2  N  N N 24  
ARG OXT  O  N N 25  
ARG H    H  N N 26  
ARG H2   H  N N 27  
ARG HA   H  N N 28  
ARG HB2  H  N N 29  
ARG HB3  H  N N 30  
ARG HG2  H  N N 31  
ARG HG3  H  N N 32  
ARG HD2  H  N N 33  
ARG HD3  H  N N 34  
ARG HE   H  N N 35  
ARG HH11 H  N N 36  
ARG HH12 H  N N 37  
ARG HH21 H  N N 38  
ARG HH22 H  N N 39  
ARG HXT  H  N N 40  
ASN N    N  N N 41  
ASN CA   C  N S 42  
ASN C    C  N N 43  
ASN O    O  N N 44  
ASN CB   C  N N 45  
ASN CG   C  N N 46  
ASN OD1  O  N N 47  
ASN ND2  N  N N 48  
ASN OXT  O  N N 49  
ASN H    H  N N 50  
ASN H2   H  N N 51  
ASN HA   H  N N 52  
ASN HB2  H  N N 53  
ASN HB3  H  N N 54  
ASN HD21 H  N N 55  
ASN HD22 H  N N 56  
ASN HXT  H  N N 57  
ASP N    N  N N 58  
ASP CA   C  N S 59  
ASP C    C  N N 60  
ASP O    O  N N 61  
ASP CB   C  N N 62  
ASP CG   C  N N 63  
ASP OD1  O  N N 64  
ASP OD2  O  N N 65  
ASP OXT  O  N N 66  
ASP H    H  N N 67  
ASP H2   H  N N 68  
ASP HA   H  N N 69  
ASP HB2  H  N N 70  
ASP HB3  H  N N 71  
ASP HD2  H  N N 72  
ASP HXT  H  N N 73  
CYS N    N  N N 74  
CYS CA   C  N R 75  
CYS C    C  N N 76  
CYS O    O  N N 77  
CYS CB   C  N N 78  
CYS SG   S  N N 79  
CYS OXT  O  N N 80  
CYS H    H  N N 81  
CYS H2   H  N N 82  
CYS HA   H  N N 83  
CYS HB2  H  N N 84  
CYS HB3  H  N N 85  
CYS HG   H  N N 86  
CYS HXT  H  N N 87  
GLN N    N  N N 88  
GLN CA   C  N S 89  
GLN C    C  N N 90  
GLN O    O  N N 91  
GLN CB   C  N N 92  
GLN CG   C  N N 93  
GLN CD   C  N N 94  
GLN OE1  O  N N 95  
GLN NE2  N  N N 96  
GLN OXT  O  N N 97  
GLN H    H  N N 98  
GLN H2   H  N N 99  
GLN HA   H  N N 100 
GLN HB2  H  N N 101 
GLN HB3  H  N N 102 
GLN HG2  H  N N 103 
GLN HG3  H  N N 104 
GLN HE21 H  N N 105 
GLN HE22 H  N N 106 
GLN HXT  H  N N 107 
GLU N    N  N N 108 
GLU CA   C  N S 109 
GLU C    C  N N 110 
GLU O    O  N N 111 
GLU CB   C  N N 112 
GLU CG   C  N N 113 
GLU CD   C  N N 114 
GLU OE1  O  N N 115 
GLU OE2  O  N N 116 
GLU OXT  O  N N 117 
GLU H    H  N N 118 
GLU H2   H  N N 119 
GLU HA   H  N N 120 
GLU HB2  H  N N 121 
GLU HB3  H  N N 122 
GLU HG2  H  N N 123 
GLU HG3  H  N N 124 
GLU HE2  H  N N 125 
GLU HXT  H  N N 126 
GLY N    N  N N 127 
GLY CA   C  N N 128 
GLY C    C  N N 129 
GLY O    O  N N 130 
GLY OXT  O  N N 131 
GLY H    H  N N 132 
GLY H2   H  N N 133 
GLY HA2  H  N N 134 
GLY HA3  H  N N 135 
GLY HXT  H  N N 136 
HIS N    N  N N 137 
HIS CA   C  N S 138 
HIS C    C  N N 139 
HIS O    O  N N 140 
HIS CB   C  N N 141 
HIS CG   C  Y N 142 
HIS ND1  N  Y N 143 
HIS CD2  C  Y N 144 
HIS CE1  C  Y N 145 
HIS NE2  N  Y N 146 
HIS OXT  O  N N 147 
HIS H    H  N N 148 
HIS H2   H  N N 149 
HIS HA   H  N N 150 
HIS HB2  H  N N 151 
HIS HB3  H  N N 152 
HIS HD1  H  N N 153 
HIS HD2  H  N N 154 
HIS HE1  H  N N 155 
HIS HE2  H  N N 156 
HIS HXT  H  N N 157 
HOH O    O  N N 158 
HOH H1   H  N N 159 
HOH H2   H  N N 160 
ILE N    N  N N 161 
ILE CA   C  N S 162 
ILE C    C  N N 163 
ILE O    O  N N 164 
ILE CB   C  N S 165 
ILE CG1  C  N N 166 
ILE CG2  C  N N 167 
ILE CD1  C  N N 168 
ILE OXT  O  N N 169 
ILE H    H  N N 170 
ILE H2   H  N N 171 
ILE HA   H  N N 172 
ILE HB   H  N N 173 
ILE HG12 H  N N 174 
ILE HG13 H  N N 175 
ILE HG21 H  N N 176 
ILE HG22 H  N N 177 
ILE HG23 H  N N 178 
ILE HD11 H  N N 179 
ILE HD12 H  N N 180 
ILE HD13 H  N N 181 
ILE HXT  H  N N 182 
LEU N    N  N N 183 
LEU CA   C  N S 184 
LEU C    C  N N 185 
LEU O    O  N N 186 
LEU CB   C  N N 187 
LEU CG   C  N N 188 
LEU CD1  C  N N 189 
LEU CD2  C  N N 190 
LEU OXT  O  N N 191 
LEU H    H  N N 192 
LEU H2   H  N N 193 
LEU HA   H  N N 194 
LEU HB2  H  N N 195 
LEU HB3  H  N N 196 
LEU HG   H  N N 197 
LEU HD11 H  N N 198 
LEU HD12 H  N N 199 
LEU HD13 H  N N 200 
LEU HD21 H  N N 201 
LEU HD22 H  N N 202 
LEU HD23 H  N N 203 
LEU HXT  H  N N 204 
LYS N    N  N N 205 
LYS CA   C  N S 206 
LYS C    C  N N 207 
LYS O    O  N N 208 
LYS CB   C  N N 209 
LYS CG   C  N N 210 
LYS CD   C  N N 211 
LYS CE   C  N N 212 
LYS NZ   N  N N 213 
LYS OXT  O  N N 214 
LYS H    H  N N 215 
LYS H2   H  N N 216 
LYS HA   H  N N 217 
LYS HB2  H  N N 218 
LYS HB3  H  N N 219 
LYS HG2  H  N N 220 
LYS HG3  H  N N 221 
LYS HD2  H  N N 222 
LYS HD3  H  N N 223 
LYS HE2  H  N N 224 
LYS HE3  H  N N 225 
LYS HZ1  H  N N 226 
LYS HZ2  H  N N 227 
LYS HZ3  H  N N 228 
LYS HXT  H  N N 229 
MET N    N  N N 230 
MET CA   C  N S 231 
MET C    C  N N 232 
MET O    O  N N 233 
MET CB   C  N N 234 
MET CG   C  N N 235 
MET SD   S  N N 236 
MET CE   C  N N 237 
MET OXT  O  N N 238 
MET H    H  N N 239 
MET H2   H  N N 240 
MET HA   H  N N 241 
MET HB2  H  N N 242 
MET HB3  H  N N 243 
MET HG2  H  N N 244 
MET HG3  H  N N 245 
MET HE1  H  N N 246 
MET HE2  H  N N 247 
MET HE3  H  N N 248 
MET HXT  H  N N 249 
PHE N    N  N N 250 
PHE CA   C  N S 251 
PHE C    C  N N 252 
PHE O    O  N N 253 
PHE CB   C  N N 254 
PHE CG   C  Y N 255 
PHE CD1  C  Y N 256 
PHE CD2  C  Y N 257 
PHE CE1  C  Y N 258 
PHE CE2  C  Y N 259 
PHE CZ   C  Y N 260 
PHE OXT  O  N N 261 
PHE H    H  N N 262 
PHE H2   H  N N 263 
PHE HA   H  N N 264 
PHE HB2  H  N N 265 
PHE HB3  H  N N 266 
PHE HD1  H  N N 267 
PHE HD2  H  N N 268 
PHE HE1  H  N N 269 
PHE HE2  H  N N 270 
PHE HZ   H  N N 271 
PHE HXT  H  N N 272 
PRO N    N  N N 273 
PRO CA   C  N S 274 
PRO C    C  N N 275 
PRO O    O  N N 276 
PRO CB   C  N N 277 
PRO CG   C  N N 278 
PRO CD   C  N N 279 
PRO OXT  O  N N 280 
PRO H    H  N N 281 
PRO HA   H  N N 282 
PRO HB2  H  N N 283 
PRO HB3  H  N N 284 
PRO HG2  H  N N 285 
PRO HG3  H  N N 286 
PRO HD2  H  N N 287 
PRO HD3  H  N N 288 
PRO HXT  H  N N 289 
R75 CAA  C  Y N 290 
R75 CAB  C  Y N 291 
R75 CAC  C  Y N 292 
R75 CAD  C  Y N 293 
R75 CAE  C  Y N 294 
R75 CAF  C  Y N 295 
R75 CAJ  C  N N 296 
R75 CAL  C  Y N 297 
R75 CAM  C  Y N 298 
R75 CAO  C  Y N 299 
R75 CAP  C  Y N 300 
R75 CAQ  C  N N 301 
R75 CAR  C  N N 302 
R75 CAS  C  Y N 303 
R75 CAT  C  Y N 304 
R75 CAU  C  Y N 305 
R75 CAV  C  Y N 306 
R75 OAG  O  N N 307 
R75 OAK  O  N N 308 
R75 OAN  O  Y N 309 
R75 BR1  BR N N 310 
R75 BR2  BR N N 311 
R75 H1   H  N N 312 
R75 H2   H  N N 313 
R75 H4   H  N N 314 
R75 H5   H  N N 315 
R75 H6   H  N N 316 
R75 H7   H  N N 317 
R75 H8   H  N N 318 
R75 H9   H  N N 319 
R75 H10  H  N N 320 
R75 H11  H  N N 321 
R75 H12  H  N N 322 
R75 H13  H  N N 323 
SER N    N  N N 324 
SER CA   C  N S 325 
SER C    C  N N 326 
SER O    O  N N 327 
SER CB   C  N N 328 
SER OG   O  N N 329 
SER OXT  O  N N 330 
SER H    H  N N 331 
SER H2   H  N N 332 
SER HA   H  N N 333 
SER HB2  H  N N 334 
SER HB3  H  N N 335 
SER HG   H  N N 336 
SER HXT  H  N N 337 
THR N    N  N N 338 
THR CA   C  N S 339 
THR C    C  N N 340 
THR O    O  N N 341 
THR CB   C  N R 342 
THR OG1  O  N N 343 
THR CG2  C  N N 344 
THR OXT  O  N N 345 
THR H    H  N N 346 
THR H2   H  N N 347 
THR HA   H  N N 348 
THR HB   H  N N 349 
THR HG1  H  N N 350 
THR HG21 H  N N 351 
THR HG22 H  N N 352 
THR HG23 H  N N 353 
THR HXT  H  N N 354 
TRP N    N  N N 355 
TRP CA   C  N S 356 
TRP C    C  N N 357 
TRP O    O  N N 358 
TRP CB   C  N N 359 
TRP CG   C  Y N 360 
TRP CD1  C  Y N 361 
TRP CD2  C  Y N 362 
TRP NE1  N  Y N 363 
TRP CE2  C  Y N 364 
TRP CE3  C  Y N 365 
TRP CZ2  C  Y N 366 
TRP CZ3  C  Y N 367 
TRP CH2  C  Y N 368 
TRP OXT  O  N N 369 
TRP H    H  N N 370 
TRP H2   H  N N 371 
TRP HA   H  N N 372 
TRP HB2  H  N N 373 
TRP HB3  H  N N 374 
TRP HD1  H  N N 375 
TRP HE1  H  N N 376 
TRP HE3  H  N N 377 
TRP HZ2  H  N N 378 
TRP HZ3  H  N N 379 
TRP HH2  H  N N 380 
TRP HXT  H  N N 381 
TYR N    N  N N 382 
TYR CA   C  N S 383 
TYR C    C  N N 384 
TYR O    O  N N 385 
TYR CB   C  N N 386 
TYR CG   C  Y N 387 
TYR CD1  C  Y N 388 
TYR CD2  C  Y N 389 
TYR CE1  C  Y N 390 
TYR CE2  C  Y N 391 
TYR CZ   C  Y N 392 
TYR OH   O  N N 393 
TYR OXT  O  N N 394 
TYR H    H  N N 395 
TYR H2   H  N N 396 
TYR HA   H  N N 397 
TYR HB2  H  N N 398 
TYR HB3  H  N N 399 
TYR HD1  H  N N 400 
TYR HD2  H  N N 401 
TYR HE1  H  N N 402 
TYR HE2  H  N N 403 
TYR HH   H  N N 404 
TYR HXT  H  N N 405 
VAL N    N  N N 406 
VAL CA   C  N S 407 
VAL C    C  N N 408 
VAL O    O  N N 409 
VAL CB   C  N N 410 
VAL CG1  C  N N 411 
VAL CG2  C  N N 412 
VAL OXT  O  N N 413 
VAL H    H  N N 414 
VAL H2   H  N N 415 
VAL HA   H  N N 416 
VAL HB   H  N N 417 
VAL HG11 H  N N 418 
VAL HG12 H  N N 419 
VAL HG13 H  N N 420 
VAL HG21 H  N N 421 
VAL HG22 H  N N 422 
VAL HG23 H  N N 423 
VAL HXT  H  N N 424 
# 
loop_
_chem_comp_bond.comp_id 
_chem_comp_bond.atom_id_1 
_chem_comp_bond.atom_id_2 
_chem_comp_bond.value_order 
_chem_comp_bond.pdbx_aromatic_flag 
_chem_comp_bond.pdbx_stereo_config 
_chem_comp_bond.pdbx_ordinal 
ALA N   CA   sing N N 1   
ALA N   H    sing N N 2   
ALA N   H2   sing N N 3   
ALA CA  C    sing N N 4   
ALA CA  CB   sing N N 5   
ALA CA  HA   sing N N 6   
ALA C   O    doub N N 7   
ALA C   OXT  sing N N 8   
ALA CB  HB1  sing N N 9   
ALA CB  HB2  sing N N 10  
ALA CB  HB3  sing N N 11  
ALA OXT HXT  sing N N 12  
ARG N   CA   sing N N 13  
ARG N   H    sing N N 14  
ARG N   H2   sing N N 15  
ARG CA  C    sing N N 16  
ARG CA  CB   sing N N 17  
ARG CA  HA   sing N N 18  
ARG C   O    doub N N 19  
ARG C   OXT  sing N N 20  
ARG CB  CG   sing N N 21  
ARG CB  HB2  sing N N 22  
ARG CB  HB3  sing N N 23  
ARG CG  CD   sing N N 24  
ARG CG  HG2  sing N N 25  
ARG CG  HG3  sing N N 26  
ARG CD  NE   sing N N 27  
ARG CD  HD2  sing N N 28  
ARG CD  HD3  sing N N 29  
ARG NE  CZ   sing N N 30  
ARG NE  HE   sing N N 31  
ARG CZ  NH1  sing N N 32  
ARG CZ  NH2  doub N N 33  
ARG NH1 HH11 sing N N 34  
ARG NH1 HH12 sing N N 35  
ARG NH2 HH21 sing N N 36  
ARG NH2 HH22 sing N N 37  
ARG OXT HXT  sing N N 38  
ASN N   CA   sing N N 39  
ASN N   H    sing N N 40  
ASN N   H2   sing N N 41  
ASN CA  C    sing N N 42  
ASN CA  CB   sing N N 43  
ASN CA  HA   sing N N 44  
ASN C   O    doub N N 45  
ASN C   OXT  sing N N 46  
ASN CB  CG   sing N N 47  
ASN CB  HB2  sing N N 48  
ASN CB  HB3  sing N N 49  
ASN CG  OD1  doub N N 50  
ASN CG  ND2  sing N N 51  
ASN ND2 HD21 sing N N 52  
ASN ND2 HD22 sing N N 53  
ASN OXT HXT  sing N N 54  
ASP N   CA   sing N N 55  
ASP N   H    sing N N 56  
ASP N   H2   sing N N 57  
ASP CA  C    sing N N 58  
ASP CA  CB   sing N N 59  
ASP CA  HA   sing N N 60  
ASP C   O    doub N N 61  
ASP C   OXT  sing N N 62  
ASP CB  CG   sing N N 63  
ASP CB  HB2  sing N N 64  
ASP CB  HB3  sing N N 65  
ASP CG  OD1  doub N N 66  
ASP CG  OD2  sing N N 67  
ASP OD2 HD2  sing N N 68  
ASP OXT HXT  sing N N 69  
CYS N   CA   sing N N 70  
CYS N   H    sing N N 71  
CYS N   H2   sing N N 72  
CYS CA  C    sing N N 73  
CYS CA  CB   sing N N 74  
CYS CA  HA   sing N N 75  
CYS C   O    doub N N 76  
CYS C   OXT  sing N N 77  
CYS CB  SG   sing N N 78  
CYS CB  HB2  sing N N 79  
CYS CB  HB3  sing N N 80  
CYS SG  HG   sing N N 81  
CYS OXT HXT  sing N N 82  
GLN N   CA   sing N N 83  
GLN N   H    sing N N 84  
GLN N   H2   sing N N 85  
GLN CA  C    sing N N 86  
GLN CA  CB   sing N N 87  
GLN CA  HA   sing N N 88  
GLN C   O    doub N N 89  
GLN C   OXT  sing N N 90  
GLN CB  CG   sing N N 91  
GLN CB  HB2  sing N N 92  
GLN CB  HB3  sing N N 93  
GLN CG  CD   sing N N 94  
GLN CG  HG2  sing N N 95  
GLN CG  HG3  sing N N 96  
GLN CD  OE1  doub N N 97  
GLN CD  NE2  sing N N 98  
GLN NE2 HE21 sing N N 99  
GLN NE2 HE22 sing N N 100 
GLN OXT HXT  sing N N 101 
GLU N   CA   sing N N 102 
GLU N   H    sing N N 103 
GLU N   H2   sing N N 104 
GLU CA  C    sing N N 105 
GLU CA  CB   sing N N 106 
GLU CA  HA   sing N N 107 
GLU C   O    doub N N 108 
GLU C   OXT  sing N N 109 
GLU CB  CG   sing N N 110 
GLU CB  HB2  sing N N 111 
GLU CB  HB3  sing N N 112 
GLU CG  CD   sing N N 113 
GLU CG  HG2  sing N N 114 
GLU CG  HG3  sing N N 115 
GLU CD  OE1  doub N N 116 
GLU CD  OE2  sing N N 117 
GLU OE2 HE2  sing N N 118 
GLU OXT HXT  sing N N 119 
GLY N   CA   sing N N 120 
GLY N   H    sing N N 121 
GLY N   H2   sing N N 122 
GLY CA  C    sing N N 123 
GLY CA  HA2  sing N N 124 
GLY CA  HA3  sing N N 125 
GLY C   O    doub N N 126 
GLY C   OXT  sing N N 127 
GLY OXT HXT  sing N N 128 
HIS N   CA   sing N N 129 
HIS N   H    sing N N 130 
HIS N   H2   sing N N 131 
HIS CA  C    sing N N 132 
HIS CA  CB   sing N N 133 
HIS CA  HA   sing N N 134 
HIS C   O    doub N N 135 
HIS C   OXT  sing N N 136 
HIS CB  CG   sing N N 137 
HIS CB  HB2  sing N N 138 
HIS CB  HB3  sing N N 139 
HIS CG  ND1  sing Y N 140 
HIS CG  CD2  doub Y N 141 
HIS ND1 CE1  doub Y N 142 
HIS ND1 HD1  sing N N 143 
HIS CD2 NE2  sing Y N 144 
HIS CD2 HD2  sing N N 145 
HIS CE1 NE2  sing Y N 146 
HIS CE1 HE1  sing N N 147 
HIS NE2 HE2  sing N N 148 
HIS OXT HXT  sing N N 149 
HOH O   H1   sing N N 150 
HOH O   H2   sing N N 151 
ILE N   CA   sing N N 152 
ILE N   H    sing N N 153 
ILE N   H2   sing N N 154 
ILE CA  C    sing N N 155 
ILE CA  CB   sing N N 156 
ILE CA  HA   sing N N 157 
ILE C   O    doub N N 158 
ILE C   OXT  sing N N 159 
ILE CB  CG1  sing N N 160 
ILE CB  CG2  sing N N 161 
ILE CB  HB   sing N N 162 
ILE CG1 CD1  sing N N 163 
ILE CG1 HG12 sing N N 164 
ILE CG1 HG13 sing N N 165 
ILE CG2 HG21 sing N N 166 
ILE CG2 HG22 sing N N 167 
ILE CG2 HG23 sing N N 168 
ILE CD1 HD11 sing N N 169 
ILE CD1 HD12 sing N N 170 
ILE CD1 HD13 sing N N 171 
ILE OXT HXT  sing N N 172 
LEU N   CA   sing N N 173 
LEU N   H    sing N N 174 
LEU N   H2   sing N N 175 
LEU CA  C    sing N N 176 
LEU CA  CB   sing N N 177 
LEU CA  HA   sing N N 178 
LEU C   O    doub N N 179 
LEU C   OXT  sing N N 180 
LEU CB  CG   sing N N 181 
LEU CB  HB2  sing N N 182 
LEU CB  HB3  sing N N 183 
LEU CG  CD1  sing N N 184 
LEU CG  CD2  sing N N 185 
LEU CG  HG   sing N N 186 
LEU CD1 HD11 sing N N 187 
LEU CD1 HD12 sing N N 188 
LEU CD1 HD13 sing N N 189 
LEU CD2 HD21 sing N N 190 
LEU CD2 HD22 sing N N 191 
LEU CD2 HD23 sing N N 192 
LEU OXT HXT  sing N N 193 
LYS N   CA   sing N N 194 
LYS N   H    sing N N 195 
LYS N   H2   sing N N 196 
LYS CA  C    sing N N 197 
LYS CA  CB   sing N N 198 
LYS CA  HA   sing N N 199 
LYS C   O    doub N N 200 
LYS C   OXT  sing N N 201 
LYS CB  CG   sing N N 202 
LYS CB  HB2  sing N N 203 
LYS CB  HB3  sing N N 204 
LYS CG  CD   sing N N 205 
LYS CG  HG2  sing N N 206 
LYS CG  HG3  sing N N 207 
LYS CD  CE   sing N N 208 
LYS CD  HD2  sing N N 209 
LYS CD  HD3  sing N N 210 
LYS CE  NZ   sing N N 211 
LYS CE  HE2  sing N N 212 
LYS CE  HE3  sing N N 213 
LYS NZ  HZ1  sing N N 214 
LYS NZ  HZ2  sing N N 215 
LYS NZ  HZ3  sing N N 216 
LYS OXT HXT  sing N N 217 
MET N   CA   sing N N 218 
MET N   H    sing N N 219 
MET N   H2   sing N N 220 
MET CA  C    sing N N 221 
MET CA  CB   sing N N 222 
MET CA  HA   sing N N 223 
MET C   O    doub N N 224 
MET C   OXT  sing N N 225 
MET CB  CG   sing N N 226 
MET CB  HB2  sing N N 227 
MET CB  HB3  sing N N 228 
MET CG  SD   sing N N 229 
MET CG  HG2  sing N N 230 
MET CG  HG3  sing N N 231 
MET SD  CE   sing N N 232 
MET CE  HE1  sing N N 233 
MET CE  HE2  sing N N 234 
MET CE  HE3  sing N N 235 
MET OXT HXT  sing N N 236 
PHE N   CA   sing N N 237 
PHE N   H    sing N N 238 
PHE N   H2   sing N N 239 
PHE CA  C    sing N N 240 
PHE CA  CB   sing N N 241 
PHE CA  HA   sing N N 242 
PHE C   O    doub N N 243 
PHE C   OXT  sing N N 244 
PHE CB  CG   sing N N 245 
PHE CB  HB2  sing N N 246 
PHE CB  HB3  sing N N 247 
PHE CG  CD1  doub Y N 248 
PHE CG  CD2  sing Y N 249 
PHE CD1 CE1  sing Y N 250 
PHE CD1 HD1  sing N N 251 
PHE CD2 CE2  doub Y N 252 
PHE CD2 HD2  sing N N 253 
PHE CE1 CZ   doub Y N 254 
PHE CE1 HE1  sing N N 255 
PHE CE2 CZ   sing Y N 256 
PHE CE2 HE2  sing N N 257 
PHE CZ  HZ   sing N N 258 
PHE OXT HXT  sing N N 259 
PRO N   CA   sing N N 260 
PRO N   CD   sing N N 261 
PRO N   H    sing N N 262 
PRO CA  C    sing N N 263 
PRO CA  CB   sing N N 264 
PRO CA  HA   sing N N 265 
PRO C   O    doub N N 266 
PRO C   OXT  sing N N 267 
PRO CB  CG   sing N N 268 
PRO CB  HB2  sing N N 269 
PRO CB  HB3  sing N N 270 
PRO CG  CD   sing N N 271 
PRO CG  HG2  sing N N 272 
PRO CG  HG3  sing N N 273 
PRO CD  HD2  sing N N 274 
PRO CD  HD3  sing N N 275 
PRO OXT HXT  sing N N 276 
R75 OAG CAC  sing N N 277 
R75 BR2 CAB  sing N N 278 
R75 CAC CAB  doub Y N 279 
R75 CAC CAD  sing Y N 280 
R75 CAB CAA  sing Y N 281 
R75 BR1 CAD  sing N N 282 
R75 CAD CAE  doub Y N 283 
R75 CAA CAF  doub Y N 284 
R75 CAE CAF  sing Y N 285 
R75 CAF CAJ  sing N N 286 
R75 OAK CAJ  doub N N 287 
R75 CAJ CAL  sing N N 288 
R75 CAL CAM  doub Y N 289 
R75 CAL CAP  sing Y N 290 
R75 CAQ CAM  sing N N 291 
R75 CAQ CAR  sing N N 292 
R75 CAM OAN  sing Y N 293 
R75 CAV CAP  doub Y N 294 
R75 CAV CAU  sing Y N 295 
R75 CAP CAO  sing Y N 296 
R75 OAN CAO  sing Y N 297 
R75 CAU CAT  doub Y N 298 
R75 CAO CAS  doub Y N 299 
R75 CAT CAS  sing Y N 300 
R75 CAA H1   sing N N 301 
R75 CAE H2   sing N N 302 
R75 CAQ H4   sing N N 303 
R75 CAQ H5   sing N N 304 
R75 CAR H6   sing N N 305 
R75 CAR H7   sing N N 306 
R75 CAR H8   sing N N 307 
R75 CAS H9   sing N N 308 
R75 CAT H10  sing N N 309 
R75 CAU H11  sing N N 310 
R75 CAV H12  sing N N 311 
R75 OAG H13  sing N N 312 
SER N   CA   sing N N 313 
SER N   H    sing N N 314 
SER N   H2   sing N N 315 
SER CA  C    sing N N 316 
SER CA  CB   sing N N 317 
SER CA  HA   sing N N 318 
SER C   O    doub N N 319 
SER C   OXT  sing N N 320 
SER CB  OG   sing N N 321 
SER CB  HB2  sing N N 322 
SER CB  HB3  sing N N 323 
SER OG  HG   sing N N 324 
SER OXT HXT  sing N N 325 
THR N   CA   sing N N 326 
THR N   H    sing N N 327 
THR N   H2   sing N N 328 
THR CA  C    sing N N 329 
THR CA  CB   sing N N 330 
THR CA  HA   sing N N 331 
THR C   O    doub N N 332 
THR C   OXT  sing N N 333 
THR CB  OG1  sing N N 334 
THR CB  CG2  sing N N 335 
THR CB  HB   sing N N 336 
THR OG1 HG1  sing N N 337 
THR CG2 HG21 sing N N 338 
THR CG2 HG22 sing N N 339 
THR CG2 HG23 sing N N 340 
THR OXT HXT  sing N N 341 
TRP N   CA   sing N N 342 
TRP N   H    sing N N 343 
TRP N   H2   sing N N 344 
TRP CA  C    sing N N 345 
TRP CA  CB   sing N N 346 
TRP CA  HA   sing N N 347 
TRP C   O    doub N N 348 
TRP C   OXT  sing N N 349 
TRP CB  CG   sing N N 350 
TRP CB  HB2  sing N N 351 
TRP CB  HB3  sing N N 352 
TRP CG  CD1  doub Y N 353 
TRP CG  CD2  sing Y N 354 
TRP CD1 NE1  sing Y N 355 
TRP CD1 HD1  sing N N 356 
TRP CD2 CE2  doub Y N 357 
TRP CD2 CE3  sing Y N 358 
TRP NE1 CE2  sing Y N 359 
TRP NE1 HE1  sing N N 360 
TRP CE2 CZ2  sing Y N 361 
TRP CE3 CZ3  doub Y N 362 
TRP CE3 HE3  sing N N 363 
TRP CZ2 CH2  doub Y N 364 
TRP CZ2 HZ2  sing N N 365 
TRP CZ3 CH2  sing Y N 366 
TRP CZ3 HZ3  sing N N 367 
TRP CH2 HH2  sing N N 368 
TRP OXT HXT  sing N N 369 
TYR N   CA   sing N N 370 
TYR N   H    sing N N 371 
TYR N   H2   sing N N 372 
TYR CA  C    sing N N 373 
TYR CA  CB   sing N N 374 
TYR CA  HA   sing N N 375 
TYR C   O    doub N N 376 
TYR C   OXT  sing N N 377 
TYR CB  CG   sing N N 378 
TYR CB  HB2  sing N N 379 
TYR CB  HB3  sing N N 380 
TYR CG  CD1  doub Y N 381 
TYR CG  CD2  sing Y N 382 
TYR CD1 CE1  sing Y N 383 
TYR CD1 HD1  sing N N 384 
TYR CD2 CE2  doub Y N 385 
TYR CD2 HD2  sing N N 386 
TYR CE1 CZ   doub Y N 387 
TYR CE1 HE1  sing N N 388 
TYR CE2 CZ   sing Y N 389 
TYR CE2 HE2  sing N N 390 
TYR CZ  OH   sing N N 391 
TYR OH  HH   sing N N 392 
TYR OXT HXT  sing N N 393 
VAL N   CA   sing N N 394 
VAL N   H    sing N N 395 
VAL N   H2   sing N N 396 
VAL CA  C    sing N N 397 
VAL CA  CB   sing N N 398 
VAL CA  HA   sing N N 399 
VAL C   O    doub N N 400 
VAL C   OXT  sing N N 401 
VAL CB  CG1  sing N N 402 
VAL CB  CG2  sing N N 403 
VAL CB  HB   sing N N 404 
VAL CG1 HG11 sing N N 405 
VAL CG1 HG12 sing N N 406 
VAL CG1 HG13 sing N N 407 
VAL CG2 HG21 sing N N 408 
VAL CG2 HG22 sing N N 409 
VAL CG2 HG23 sing N N 410 
VAL OXT HXT  sing N N 411 
# 
_pdbx_audit_support.funding_organization   'Not funded' 
_pdbx_audit_support.country                ? 
_pdbx_audit_support.grant_number           ? 
_pdbx_audit_support.ordinal                1 
# 
_pdbx_initial_refinement_model.id               1 
_pdbx_initial_refinement_model.entity_id_list   ? 
_pdbx_initial_refinement_model.type             'experimental model' 
_pdbx_initial_refinement_model.source_name      PDB 
_pdbx_initial_refinement_model.accession_code   1X53 
_pdbx_initial_refinement_model.details          ? 
# 
_atom_sites.entry_id                    8Z3J 
_atom_sites.Cartn_transf_matrix[1][1]   ? 
_atom_sites.Cartn_transf_matrix[1][2]   ? 
_atom_sites.Cartn_transf_matrix[1][3]   ? 
_atom_sites.Cartn_transf_matrix[2][1]   ? 
_atom_sites.Cartn_transf_matrix[2][2]   ? 
_atom_sites.Cartn_transf_matrix[2][3]   ? 
_atom_sites.Cartn_transf_matrix[3][1]   ? 
_atom_sites.Cartn_transf_matrix[3][2]   ? 
_atom_sites.Cartn_transf_matrix[3][3]   ? 
_atom_sites.Cartn_transf_vector[1]      ? 
_atom_sites.Cartn_transf_vector[2]      ? 
_atom_sites.Cartn_transf_vector[3]      ? 
_atom_sites.Cartn_transform_axes        ? 
_atom_sites.fract_transf_matrix[1][1]   -0.00655864 
_atom_sites.fract_transf_matrix[1][2]   0.01662923 
_atom_sites.fract_transf_matrix[1][3]   0.00454652 
_atom_sites.fract_transf_matrix[2][1]   -0.00356293 
_atom_sites.fract_transf_matrix[2][2]   -0.00512533 
_atom_sites.fract_transf_matrix[2][3]   0.01360652 
_atom_sites.fract_transf_matrix[3][1]   0.01325293 
_atom_sites.fract_transf_matrix[3][2]   0.00387874 
_atom_sites.fract_transf_matrix[3][3]   0.00493140 
_atom_sites.fract_transf_vector[1]      -0.241101 
_atom_sites.fract_transf_vector[2]      -0.205880 
_atom_sites.fract_transf_vector[3]      -0.108028 
_atom_sites.solution_primary            ? 
_atom_sites.solution_secondary          ? 
_atom_sites.solution_hydrogens          ? 
_atom_sites.special_details             ? 
# 
loop_
_atom_type.symbol 
BR 
C  
N  
O  
S  
# 
loop_
_atom_site.group_PDB 
_atom_site.id 
_atom_site.type_symbol 
_atom_site.label_atom_id 
_atom_site.label_alt_id 
_atom_site.label_comp_id 
_atom_site.label_asym_id 
_atom_site.label_entity_id 
_atom_site.label_seq_id 
_atom_site.pdbx_PDB_ins_code 
_atom_site.Cartn_x 
_atom_site.Cartn_y 
_atom_site.Cartn_z 
_atom_site.occupancy 
_atom_site.B_iso_or_equiv 
_atom_site.pdbx_formal_charge 
_atom_site.auth_seq_id 
_atom_site.auth_comp_id 
_atom_site.auth_asym_id 
_atom_site.auth_atom_id 
_atom_site.pdbx_PDB_model_num 
ATOM   1    N  N   . ILE A 1 1   ? -22.298 4.981   5.011   1.00 30.46 ? 204 ILE A N   1 
ATOM   2    C  CA  . ILE A 1 1   ? -20.956 5.188   5.631   1.00 24.91 ? 204 ILE A CA  1 
ATOM   3    C  C   . ILE A 1 1   ? -20.410 6.512   5.084   1.00 22.65 ? 204 ILE A C   1 
ATOM   4    O  O   . ILE A 1 1   ? -20.147 6.615   3.890   1.00 22.45 ? 204 ILE A O   1 
ATOM   5    C  CB  . ILE A 1 1   ? -20.036 3.976   5.350   1.00 27.39 ? 204 ILE A CB  1 
ATOM   6    C  CG1 . ILE A 1 1   ? -20.701 2.650   5.731   1.00 29.11 ? 204 ILE A CG1 1 
ATOM   7    C  CG2 . ILE A 1 1   ? -18.676 4.086   6.019   1.00 30.15 ? 204 ILE A CG2 1 
ATOM   8    C  CD1 . ILE A 1 1   ? -20.054 1.449   5.104   1.00 33.59 ? 204 ILE A CD1 1 
ATOM   9    N  N   . PRO A 1 2   ? -20.222 7.566   5.916   1.00 19.61 ? 205 PRO A N   1 
ATOM   10   C  CA  . PRO A 1 2   ? -19.434 8.733   5.523   1.00 16.23 ? 205 PRO A CA  1 
ATOM   11   C  C   . PRO A 1 2   ? -17.980 8.278   5.273   1.00 12.59 ? 205 PRO A C   1 
ATOM   12   O  O   . PRO A 1 2   ? -17.395 7.495   6.048   1.00 11.77 ? 205 PRO A O   1 
ATOM   13   C  CB  . PRO A 1 2   ? -19.463 9.691   6.726   1.00 18.33 ? 205 PRO A CB  1 
ATOM   14   C  CG  . PRO A 1 2   ? -19.915 8.825   7.879   1.00 22.59 ? 205 PRO A CG  1 
ATOM   15   C  CD  . PRO A 1 2   ? -20.741 7.696   7.294   1.00 21.95 ? 205 PRO A CD  1 
ATOM   16   N  N   . THR A 1 3   ? -17.390 8.821   4.233   1.00 9.56  ? 206 THR A N   1 
ATOM   17   C  CA  . THR A 1 3   ? -16.014 8.470   3.812   1.00 9.13  ? 206 THR A CA  1 
ATOM   18   C  C   . THR A 1 3   ? -15.178 9.719   3.627   1.00 8.70  ? 206 THR A C   1 
ATOM   19   O  O   . THR A 1 3   ? -15.699 10.849  3.564   1.00 9.33  ? 206 THR A O   1 
ATOM   20   C  CB  . THR A 1 3   ? -15.983 7.612   2.549   1.00 10.07 ? 206 THR A CB  1 
ATOM   21   O  OG1 . THR A 1 3   ? -16.680 8.247   1.474   1.00 11.93 ? 206 THR A OG1 1 
ATOM   22   C  CG2 . THR A 1 3   ? -16.579 6.235   2.739   1.00 10.12 ? 206 THR A CG2 1 
ATOM   23   N  N   . CYS A 1 4   ? -13.868 9.498   3.504   1.00 8.54  ? 207 CYS A N   1 
ATOM   24   C  CA  . CYS A 1 4   ? -12.877 10.546  3.296   1.00 8.58  ? 207 CYS A CA  1 
ATOM   25   C  C   . CYS A 1 4   ? -11.831 10.096  2.297   1.00 7.83  ? 207 CYS A C   1 
ATOM   26   O  O   . CYS A 1 4   ? -11.752 8.893   1.976   1.00 8.21  ? 207 CYS A O   1 
ATOM   27   C  CB  . CYS A 1 4   ? -12.194 10.931  4.590   1.00 9.41  ? 207 CYS A CB  1 
ATOM   28   S  SG  . CYS A 1 4   ? -11.118 9.661   5.292   1.00 12.48 ? 207 CYS A SG  1 
ATOM   29   N  N   . LYS A 1 5   ? -11.122 11.067  1.768   1.00 7.65  ? 208 LYS A N   1 
ATOM   30   C  CA  . LYS A 1 5   ? -10.035 10.910  0.797   1.00 8.75  ? 208 LYS A CA  1 
ATOM   31   C  C   . LYS A 1 5   ? -8.784  11.404  1.457   1.00 8.70  ? 208 LYS A C   1 
ATOM   32   O  O   . LYS A 1 5   ? -8.793  12.495  2.070   1.00 11.24 ? 208 LYS A O   1 
ATOM   33   C  CB  . LYS A 1 5   ? -10.343 11.726  -0.453  1.00 9.19  ? 208 LYS A CB  1 
ATOM   34   C  CG  . LYS A 1 5   ? -9.259  11.661  -1.524  1.00 10.28 ? 208 LYS A CG  1 
ATOM   35   C  CD  . LYS A 1 5   ? -9.596  12.621  -2.666  1.00 11.48 ? 208 LYS A CD  1 
ATOM   36   C  CE  . LYS A 1 5   ? -8.598  12.469  -3.799  1.00 13.83 ? 208 LYS A CE  1 
ATOM   37   N  NZ  . LYS A 1 5   ? -8.762  13.557  -4.805  1.00 15.40 ? 208 LYS A NZ  1 
ATOM   38   N  N   . ILE A 1 6   ? -7.701  10.669  1.303   1.00 8.71  ? 209 ILE A N   1 
ATOM   39   C  CA  . ILE A 1 6   ? -6.374  11.119  1.752   1.00 9.99  ? 209 ILE A CA  1 
ATOM   40   C  C   . ILE A 1 6   ? -5.414  11.052  0.594   1.00 10.00 ? 209 ILE A C   1 
ATOM   41   O  O   . ILE A 1 6   ? -5.562  10.164  -0.256  1.00 9.72  ? 209 ILE A O   1 
ATOM   42   C  CB  . ILE A 1 6   ? -5.871  10.359  2.980   1.00 11.40 ? 209 ILE A CB  1 
ATOM   43   C  CG1 . ILE A 1 6   ? -5.456  8.945   2.653   1.00 11.40 ? 209 ILE A CG1 1 
ATOM   44   C  CG2 . ILE A 1 6   ? -6.884  10.353  4.112   1.00 11.36 ? 209 ILE A CG2 1 
ATOM   45   C  CD1 . ILE A 1 6   ? -4.830  8.197   3.816   1.00 13.02 ? 209 ILE A CD1 1 
ATOM   46   N  N   . THR A 1 7   ? -4.408  11.902  0.624   1.00 10.25 ? 210 THR A N   1 
ATOM   47   C  CA  . THR A 1 7   ? -3.330  11.957  -0.375  1.00 11.00 ? 210 THR A CA  1 
ATOM   48   C  C   . THR A 1 7   ? -2.030  12.033  0.410   1.00 11.43 ? 210 THR A C   1 
ATOM   49   O  O   . THR A 1 7   ? -1.888  12.932  1.278   1.00 12.58 ? 210 THR A O   1 
ATOM   50   C  CB  . THR A 1 7   ? -3.466  13.099  -1.380  1.00 13.62 ? 210 THR A CB  1 
ATOM   51   O  OG1 . THR A 1 7   ? -4.708  12.946  -2.072  1.00 16.32 ? 210 THR A OG1 1 
ATOM   52   C  CG2 . THR A 1 7   ? -2.358  13.054  -2.406  1.00 17.64 ? 210 THR A CG2 1 
ATOM   53   N  N   . LEU A 1 8   ? -1.112  11.099  0.165   1.00 11.04 ? 211 LEU A N   1 
ATOM   54   C  CA  . LEU A 1 8   ? 0.204   11.126  0.816   1.00 11.37 ? 211 LEU A CA  1 
ATOM   55   C  C   . LEU A 1 8   ? 1.284   11.087  -0.260  1.00 11.94 ? 211 LEU A C   1 
ATOM   56   O  O   . LEU A 1 8   ? 1.105   10.432  -1.306  1.00 12.72 ? 211 LEU A O   1 
ATOM   57   C  CB  . LEU A 1 8   ? 0.333   9.895   1.719   1.00 12.41 ? 211 LEU A CB  1 
ATOM   58   C  CG  . LEU A 1 8   ? -0.727  9.734   2.807   1.00 14.86 ? 211 LEU A CG  1 
ATOM   59   C  CD1 . LEU A 1 8   ? -0.560  8.434   3.549   1.00 16.34 ? 211 LEU A CD1 1 
ATOM   60   C  CD2 . LEU A 1 8   ? -0.654  10.880  3.807   1.00 16.77 ? 211 LEU A CD2 1 
ATOM   61   N  N   . LYS A 1 9   ? 2.403   11.729  -0.010  1.00 11.98 ? 212 LYS A N   1 
ATOM   62   C  CA  . LYS A 1 9   ? 3.543   11.623  -0.916  1.00 14.12 ? 212 LYS A CA  1 
ATOM   63   C  C   . LYS A 1 9   ? 4.787   11.375  -0.076  1.00 14.25 ? 212 LYS A C   1 
ATOM   64   O  O   . LYS A 1 9   ? 4.912   11.916  1.056   1.00 16.76 ? 212 LYS A O   1 
ATOM   65   C  CB  . LYS A 1 9   ? 3.680   12.869  -1.770  1.00 16.95 ? 212 LYS A CB  1 
ATOM   66   C  CG  . LYS A 1 9   ? 2.469   13.183  -2.619  1.00 20.49 ? 212 LYS A CG  1 
ATOM   67   C  CD  . LYS A 1 9   ? 2.745   14.333  -3.570  1.00 27.36 ? 212 LYS A CD  1 
ATOM   68   C  CE  . LYS A 1 9   ? 1.624   14.606  -4.546  1.00 30.69 ? 212 LYS A CE  1 
ATOM   69   N  NZ  . LYS A 1 9   ? 2.203   15.124  -5.811  1.00 39.13 ? 212 LYS A NZ  1 
ATOM   70   N  N   . GLU A 1 10  ? 5.638   10.495  -0.587  1.00 12.60 ? 213 GLU A N   1 
ATOM   71   C  CA  . GLU A 1 10  ? 6.873   10.081  0.116   1.00 14.06 ? 213 GLU A CA  1 
ATOM   72   C  C   . GLU A 1 10  ? 7.935   9.759   -0.924  1.00 13.25 ? 213 GLU A C   1 
ATOM   73   O  O   . GLU A 1 10  ? 7.625   9.145   -1.959  1.00 12.16 ? 213 GLU A O   1 
ATOM   74   C  CB  . GLU A 1 10  ? 6.577   8.837   0.944   1.00 17.59 ? 213 GLU A CB  1 
ATOM   75   C  CG  . GLU A 1 10  ? 7.719   8.432   1.859   1.00 21.82 ? 213 GLU A CG  1 
ATOM   76   C  CD  . GLU A 1 10  ? 7.638   8.970   3.274   1.00 26.67 ? 213 GLU A CD  1 
ATOM   77   O  OE1 . GLU A 1 10  ? 6.725   9.796   3.538   1.00 28.56 ? 213 GLU A OE1 1 
ATOM   78   O  OE2 . GLU A 1 10  ? 8.459   8.531   4.129   1.00 28.47 ? 213 GLU A OE2 1 
ATOM   79   N  N   . THR A 1 11  ? 9.203   10.088  -0.630  1.00 12.25 ? 214 THR A N   1 
ATOM   80   C  CA  . THR A 1 11  ? 10.322  9.837   -1.547  1.00 11.70 ? 214 THR A CA  1 
ATOM   81   C  C   . THR A 1 11  ? 11.180  8.733   -0.911  1.00 9.87  ? 214 THR A C   1 
ATOM   82   O  O   . THR A 1 11  ? 11.433  8.782   0.305   1.00 10.86 ? 214 THR A O   1 
ATOM   83   C  CB  . THR A 1 11  ? 11.134  11.104  -1.862  1.00 13.63 ? 214 THR A CB  1 
ATOM   84   O  OG1 . THR A 1 11  ? 10.264  12.053  -2.507  1.00 15.80 ? 214 THR A OG1 1 
ATOM   85   C  CG2 . THR A 1 11  ? 12.328  10.744  -2.713  1.00 14.63 ? 214 THR A CG2 1 
ATOM   86   N  N   . PHE A 1 12  ? 11.533  7.736   -1.710  1.00 9.79  ? 215 PHE A N   1 
ATOM   87   C  CA  . PHE A 1 12  ? 12.326  6.557   -1.298  1.00 9.29  ? 215 PHE A CA  1 
ATOM   88   C  C   . PHE A 1 12  ? 13.640  6.554   -2.071  1.00 9.73  ? 215 PHE A C   1 
ATOM   89   O  O   . PHE A 1 12  ? 13.627  6.806   -3.279  1.00 9.94  ? 215 PHE A O   1 
ATOM   90   C  CB  . PHE A 1 12  ? 11.536  5.288   -1.581  1.00 9.01  ? 215 PHE A CB  1 
ATOM   91   C  CG  . PHE A 1 12  ? 10.279  5.166   -0.780  1.00 8.88  ? 215 PHE A CG  1 
ATOM   92   C  CD1 . PHE A 1 12  ? 9.132   5.834   -1.186  1.00 9.95  ? 215 PHE A CD1 1 
ATOM   93   C  CD2 . PHE A 1 12  ? 10.210  4.299   0.286   1.00 9.29  ? 215 PHE A CD2 1 
ATOM   94   C  CE1 . PHE A 1 12  ? 7.957   5.704   -0.464  1.00 9.75  ? 215 PHE A CE1 1 
ATOM   95   C  CE2 . PHE A 1 12  ? 9.028   4.156   1.000   1.00 9.29  ? 215 PHE A CE2 1 
ATOM   96   C  CZ  . PHE A 1 12  ? 7.899   4.844   0.599   1.00 10.28 ? 215 PHE A CZ  1 
ATOM   97   N  N   . LEU A 1 13  ? 14.709  6.173   -1.383  1.00 10.03 ? 216 LEU A N   1 
ATOM   98   C  CA  . LEU A 1 13  ? 16.026  6.031   -2.035  1.00 10.72 ? 216 LEU A CA  1 
ATOM   99   C  C   . LEU A 1 13  ? 16.121  4.642   -2.644  1.00 11.82 ? 216 LEU A C   1 
ATOM   100  O  O   . LEU A 1 13  ? 16.955  3.798   -2.233  1.00 11.44 ? 216 LEU A O   1 
ATOM   101  C  CB  . LEU A 1 13  ? 17.111  6.314   -1.010  1.00 11.40 ? 216 LEU A CB  1 
ATOM   102  C  CG  . LEU A 1 13  ? 17.071  7.687   -0.360  1.00 12.04 ? 216 LEU A CG  1 
ATOM   103  C  CD1 . LEU A 1 13  ? 18.329  7.905   0.507   1.00 13.16 ? 216 LEU A CD1 1 
ATOM   104  C  CD2 . LEU A 1 13  ? 16.965  8.789   -1.388  1.00 12.98 ? 216 LEU A CD2 1 
ATOM   105  N  N   . THR A 1 14  ? 15.267  4.387   -3.616  1.00 10.45 ? 217 THR A N   1 
ATOM   106  C  CA  . THR A 1 14  ? 15.342  3.178   -4.445  1.00 11.72 ? 217 THR A CA  1 
ATOM   107  C  C   . THR A 1 14  ? 14.699  3.520   -5.778  1.00 11.32 ? 217 THR A C   1 
ATOM   108  O  O   . THR A 1 14  ? 14.070  4.596   -5.896  1.00 12.37 ? 217 THR A O   1 
ATOM   109  C  CB  . THR A 1 14  ? 14.686  1.972   -3.775  1.00 12.19 ? 217 THR A CB  1 
ATOM   110  O  OG1 . THR A 1 14  ? 15.148  0.809   -4.451  1.00 13.50 ? 217 THR A OG1 1 
ATOM   111  C  CG2 . THR A 1 14  ? 13.182  1.972   -3.847  1.00 12.58 ? 217 THR A CG2 1 
ATOM   112  N  N   . SER A 1 15  ? 14.796  2.610   -6.726  1.00 11.36 ? 218 SER A N   1 
ATOM   113  C  CA  . SER A 1 15  ? 14.225  2.820   -8.071  1.00 11.97 ? 218 SER A CA  1 
ATOM   114  C  C   . SER A 1 15  ? 12.756  2.453   -8.046  1.00 11.51 ? 218 SER A C   1 
ATOM   115  O  O   . SER A 1 15  ? 12.315  1.649   -7.191  1.00 11.13 ? 218 SER A O   1 
ATOM   116  C  CB  . SER A 1 15  ? 14.906  1.938   -9.082  1.00 12.28 ? 218 SER A CB  1 
ATOM   117  O  OG  . SER A 1 15  ? 14.720  0.567   -8.811  1.00 15.11 ? 218 SER A OG  1 
ATOM   118  N  N   . PRO A 1 16  ? 11.968  2.999   -8.985  1.00 12.12 ? 219 PRO A N   1 
ATOM   119  C  CA  . PRO A 1 16  ? 10.578  2.568   -9.078  1.00 11.68 ? 219 PRO A CA  1 
ATOM   120  C  C   . PRO A 1 16  ? 10.424  1.060   -9.220  1.00 11.58 ? 219 PRO A C   1 
ATOM   121  O  O   . PRO A 1 16  ? 9.504   0.518   -8.615  1.00 11.41 ? 219 PRO A O   1 
ATOM   122  C  CB  . PRO A 1 16  ? 10.063  3.321   -10.294 1.00 12.87 ? 219 PRO A CB  1 
ATOM   123  C  CG  . PRO A 1 16  ? 10.876  4.578   -10.313 1.00 13.35 ? 219 PRO A CG  1 
ATOM   124  C  CD  . PRO A 1 16  ? 12.259  4.131   -9.879  1.00 13.09 ? 219 PRO A CD  1 
ATOM   125  N  N   . GLU A 1 17  ? 11.285  0.409   -9.996  1.00 13.31 ? 220 GLU A N   1 
ATOM   126  C  CA  . GLU A 1 17  ? 11.218  -1.062  -10.126 1.00 14.46 ? 220 GLU A CA  1 
ATOM   127  C  C   . GLU A 1 17  ? 11.287  -1.720  -8.748  1.00 12.99 ? 220 GLU A C   1 
ATOM   128  O  O   . GLU A 1 17  ? 10.424  -2.560  -8.417  1.00 12.95 ? 220 GLU A O   1 
ATOM   129  C  CB  . GLU A 1 17  ? 12.360  -1.634  -10.967 1.00 17.81 ? 220 GLU A CB  1 
ATOM   130  C  CG  . GLU A 1 17  ? 12.456  -3.124  -10.827 1.00 22.60 ? 220 GLU A CG  1 
ATOM   131  C  CD  . GLU A 1 17  ? 13.345  -3.861  -11.800 1.00 26.32 ? 220 GLU A CD  1 
ATOM   132  O  OE1 . GLU A 1 17  ? 14.096  -3.197  -12.558 1.00 29.95 ? 220 GLU A OE1 1 
ATOM   133  O  OE2 . GLU A 1 17  ? 13.275  -5.113  -11.769 1.00 25.85 ? 220 GLU A OE2 1 
ATOM   134  N  N   . GLU A 1 18  ? 12.266  -1.351  -7.936  1.00 11.73 ? 221 GLU A N   1 
ATOM   135  C  CA  . GLU A 1 18  ? 12.505  -2.018  -6.633  1.00 12.26 ? 221 GLU A CA  1 
ATOM   136  C  C   . GLU A 1 18  ? 11.339  -1.709  -5.694  1.00 11.00 ? 221 GLU A C   1 
ATOM   137  O  O   . GLU A 1 18  ? 10.832  -2.606  -5.015  1.00 10.76 ? 221 GLU A O   1 
ATOM   138  C  CB  . GLU A 1 18  ? 13.804  -1.571  -5.984  1.00 14.12 ? 221 GLU A CB  1 
ATOM   139  C  CG  . GLU A 1 18  ? 15.044  -2.075  -6.692  1.00 17.22 ? 221 GLU A CG  1 
ATOM   140  C  CD  . GLU A 1 18  ? 15.115  -3.534  -7.113  1.00 24.36 ? 221 GLU A CD  1 
ATOM   141  O  OE1 . GLU A 1 18  ? 14.694  -4.418  -6.323  1.00 26.91 ? 221 GLU A OE1 1 
ATOM   142  O  OE2 . GLU A 1 18  ? 15.604  -3.778  -8.260  1.00 31.40 ? 221 GLU A OE2 1 
ATOM   143  N  N   . LEU A 1 19  ? 10.824  -0.482  -5.729  1.00 9.61  ? 222 LEU A N   1 
ATOM   144  C  CA  . LEU A 1 19  ? 9.707   -0.154  -4.803  1.00 9.55  ? 222 LEU A CA  1 
ATOM   145  C  C   . LEU A 1 19  ? 8.440   -0.882  -5.234  1.00 9.28  ? 222 LEU A C   1 
ATOM   146  O  O   . LEU A 1 19  ? 7.671   -1.347  -4.389  1.00 8.69  ? 222 LEU A O   1 
ATOM   147  C  CB  . LEU A 1 19  ? 9.511   1.349   -4.701  1.00 8.96  ? 222 LEU A CB  1 
ATOM   148  C  CG  . LEU A 1 19  ? 8.647   1.791   -3.537  1.00 9.29  ? 222 LEU A CG  1 
ATOM   149  C  CD1 . LEU A 1 19  ? 9.266   1.418   -2.185  1.00 9.35  ? 222 LEU A CD1 1 
ATOM   150  C  CD2 . LEU A 1 19  ? 8.351   3.265   -3.650  1.00 9.61  ? 222 LEU A CD2 1 
ATOM   151  N  N   . TYR A 1 20  ? 8.190   -0.910  -6.533  1.00 9.37  ? 223 TYR A N   1 
ATOM   152  C  CA  . TYR A 1 20  ? 7.003   -1.644  -7.022  1.00 9.65  ? 223 TYR A CA  1 
ATOM   153  C  C   . TYR A 1 20  ? 7.118   -3.114  -6.614  1.00 9.36  ? 223 TYR A C   1 
ATOM   154  O  O   . TYR A 1 20  ? 6.103   -3.718  -6.243  1.00 8.45  ? 223 TYR A O   1 
ATOM   155  C  CB  . TYR A 1 20  ? 6.938   -1.506  -8.538  1.00 10.16 ? 223 TYR A CB  1 
ATOM   156  C  CG  . TYR A 1 20  ? 5.815   -2.244  -9.207  1.00 11.09 ? 223 TYR A CG  1 
ATOM   157  C  CD1 . TYR A 1 20  ? 5.977   -3.563  -9.581  1.00 11.95 ? 223 TYR A CD1 1 
ATOM   158  C  CD2 . TYR A 1 20  ? 4.599   -1.627  -9.404  1.00 11.73 ? 223 TYR A CD2 1 
ATOM   159  C  CE1 . TYR A 1 20  ? 4.945   -4.252  -10.202 1.00 13.58 ? 223 TYR A CE1 1 
ATOM   160  C  CE2 . TYR A 1 20  ? 3.574   -2.298  -10.034 1.00 12.34 ? 223 TYR A CE2 1 
ATOM   161  C  CZ  . TYR A 1 20  ? 3.755   -3.597  -10.437 1.00 13.39 ? 223 TYR A CZ  1 
ATOM   162  O  OH  . TYR A 1 20  ? 2.683   -4.161  -11.087 1.00 17.62 ? 223 TYR A OH  1 
ATOM   163  N  N   . ARG A 1 21  ? 8.290   -3.718  -6.742  1.00 9.84  ? 224 ARG A N   1 
ATOM   164  C  CA  . ARG A 1 21  ? 8.485   -5.127  -6.353  1.00 10.80 ? 224 ARG A CA  1 
ATOM   165  C  C   . ARG A 1 21  ? 8.121   -5.297  -4.869  1.00 10.65 ? 224 ARG A C   1 
ATOM   166  O  O   . ARG A 1 21  ? 7.483   -6.263  -4.516  1.00 10.60 ? 224 ARG A O   1 
ATOM   167  C  CB  . ARG A 1 21  ? 9.940   -5.546  -6.578  1.00 13.31 ? 224 ARG A CB  1 
ATOM   168  C  CG  . ARG A 1 21  ? 10.315  -5.823  -8.020  1.00 17.48 ? 224 ARG A CG  1 
ATOM   169  C  CD  . ARG A 1 21  ? 11.768  -6.277  -8.090  1.00 20.42 ? 224 ARG A CD  1 
ATOM   170  N  NE  . ARG A 1 21  ? 12.126  -6.709  -9.437  1.00 21.48 ? 224 ARG A NE  1 
ATOM   171  C  CZ  . ARG A 1 21  ? 12.069  -7.981  -9.850  1.00 24.61 ? 224 ARG A CZ  1 
ATOM   172  N  NH1 . ARG A 1 21  ? 11.656  -8.928  -9.018  1.00 23.33 ? 224 ARG A NH1 1 
ATOM   173  N  NH2 . ARG A 1 21  ? 12.440  -8.305  -11.086 1.00 26.58 ? 224 ARG A NH2 1 
ATOM   174  N  N   . VAL A 1 22  ? 8.567   -4.376  -4.011  1.00 9.59  ? 225 VAL A N   1 
ATOM   175  C  CA  . VAL A 1 22  ? 8.241   -4.443  -2.570  1.00 9.99  ? 225 VAL A CA  1 
ATOM   176  C  C   . VAL A 1 22  ? 6.731   -4.487  -2.337  1.00 9.53  ? 225 VAL A C   1 
ATOM   177  O  O   . VAL A 1 22  ? 6.293   -5.317  -1.552  1.00 11.26 ? 225 VAL A O   1 
ATOM   178  C  CB  . VAL A 1 22  ? 8.916   -3.294  -1.817  1.00 10.65 ? 225 VAL A CB  1 
ATOM   179  C  CG1 . VAL A 1 22  ? 8.371   -3.154  -0.423  1.00 12.37 ? 225 VAL A CG1 1 
ATOM   180  C  CG2 . VAL A 1 22  ? 10.422  -3.528  -1.821  1.00 10.78 ? 225 VAL A CG2 1 
ATOM   181  N  N   . PHE A 1 23  ? 5.948   -3.694  -3.054  1.00 9.33  ? 226 PHE A N   1 
ATOM   182  C  CA  . PHE A 1 23  ? 4.483   -3.673  -2.853  1.00 9.85  ? 226 PHE A CA  1 
ATOM   183  C  C   . PHE A 1 23  ? 3.799   -4.890  -3.455  1.00 10.19 ? 226 PHE A C   1 
ATOM   184  O  O   . PHE A 1 23  ? 2.607   -5.096  -3.143  1.00 13.94 ? 226 PHE A O   1 
ATOM   185  C  CB  . PHE A 1 23  ? 3.904   -2.379  -3.422  1.00 9.76  ? 226 PHE A CB  1 
ATOM   186  C  CG  . PHE A 1 23  ? 4.025   -1.194  -2.502  1.00 9.56  ? 226 PHE A CG  1 
ATOM   187  C  CD1 . PHE A 1 23  ? 3.119   -0.998  -1.467  1.00 9.62  ? 226 PHE A CD1 1 
ATOM   188  C  CD2 . PHE A 1 23  ? 5.015   -0.259  -2.700  1.00 8.74  ? 226 PHE A CD2 1 
ATOM   189  C  CE1 . PHE A 1 23  ? 3.250   0.106   -0.642  1.00 9.09  ? 226 PHE A CE1 1 
ATOM   190  C  CE2 . PHE A 1 23  ? 5.138   0.850   -1.869  1.00 9.17  ? 226 PHE A CE2 1 
ATOM   191  C  CZ  . PHE A 1 23  ? 4.234   1.023   -0.859  1.00 8.83  ? 226 PHE A CZ  1 
ATOM   192  N  N   . THR A 1 24  ? 4.449   -5.614  -4.354  1.00 9.40  ? 227 THR A N   1 
ATOM   193  C  CA  . THR A 1 24  ? 3.768   -6.651  -5.152  1.00 9.68  ? 227 THR A CA  1 
ATOM   194  C  C   . THR A 1 24  ? 4.454   -8.006  -5.056  1.00 10.19 ? 227 THR A C   1 
ATOM   195  O  O   . THR A 1 24  ? 4.116   -8.870  -5.859  1.00 12.01 ? 227 THR A O   1 
ATOM   196  C  CB  . THR A 1 24  ? 3.703   -6.258  -6.621  1.00 10.04 ? 227 THR A CB  1 
ATOM   197  O  OG1 . THR A 1 24  ? 5.009   -6.107  -7.182  1.00 10.60 ? 227 THR A OG1 1 
ATOM   198  C  CG2 . THR A 1 24  ? 2.858   -5.011  -6.761  1.00 10.41 ? 227 THR A CG2 1 
ATOM   199  N  N   . THR A 1 25  ? 5.279   -8.222  -4.050  1.00 9.48  ? 228 THR A N   1 
ATOM   200  C  CA  . THR A 1 25  ? 5.956   -9.512  -3.835  1.00 8.79  ? 228 THR A CA  1 
ATOM   201  C  C   . THR A 1 25  ? 5.593   -10.024 -2.445  1.00 8.43  ? 228 THR A C   1 
ATOM   202  O  O   . THR A 1 25  ? 5.913   -9.366  -1.420  1.00 7.25  ? 228 THR A O   1 
ATOM   203  C  CB  . THR A 1 25  ? 7.472   -9.412  -4.014  1.00 9.27  ? 228 THR A CB  1 
ATOM   204  O  OG1 . THR A 1 25  ? 7.792   -8.840  -5.284  1.00 10.14 ? 228 THR A OG1 1 
ATOM   205  C  CG2 . THR A 1 25  ? 8.168   -10.754 -3.935  1.00 10.17 ? 228 THR A CG2 1 
ATOM   206  N  N   . GLN A 1 26  ? 4.872   -11.127 -2.369  1.00 9.22  ? 229 GLN A N   1 
ATOM   207  C  CA  . GLN A 1 26  ? 4.389   -11.639 -1.091  1.00 9.83  ? 229 GLN A CA  1 
ATOM   208  C  C   . GLN A 1 26  ? 5.497   -11.699 -0.040  1.00 8.97  ? 229 GLN A C   1 
ATOM   209  O  O   . GLN A 1 26  ? 5.267   -11.330 1.111   1.00 8.64  ? 229 GLN A O   1 
ATOM   210  C  CB  . GLN A 1 26  ? 3.844   -13.024 -1.406  1.00 13.30 ? 229 GLN A CB  1 
ATOM   211  C  CG  . GLN A 1 26  ? 3.296   -13.724 -0.200  1.00 13.92 ? 229 GLN A CG  1 
ATOM   212  C  CD  . GLN A 1 26  ? 2.614   -14.982 -0.682  1.00 14.97 ? 229 GLN A CD  1 
ATOM   213  O  OE1 . GLN A 1 26  ? 1.586   -14.918 -1.339  1.00 12.50 ? 229 GLN A OE1 1 
ATOM   214  N  NE2 . GLN A 1 26  ? 3.171   -16.133 -0.361  1.00 18.02 ? 229 GLN A NE2 1 
ATOM   215  N  N   . GLU A 1 27  ? 6.674   -12.190 -0.413  1.00 8.18  ? 230 GLU A N   1 
ATOM   216  C  CA  . GLU A 1 27  ? 7.744   -12.464 0.574   1.00 9.28  ? 230 GLU A CA  1 
ATOM   217  C  C   . GLU A 1 27  ? 8.329   -11.136 1.056   1.00 8.59  ? 230 GLU A C   1 
ATOM   218  O  O   . GLU A 1 27  ? 8.863   -11.070 2.167   1.00 9.85  ? 230 GLU A O   1 
ATOM   219  C  CB  . GLU A 1 27  ? 8.804   -13.366 -0.056  1.00 10.09 ? 230 GLU A CB  1 
ATOM   220  C  CG  . GLU A 1 27  ? 8.285   -14.745 -0.409  1.00 11.62 ? 230 GLU A CG  1 
ATOM   221  C  CD  . GLU A 1 27  ? 7.468   -14.867 -1.688  1.00 12.05 ? 230 GLU A CD  1 
ATOM   222  O  OE1 . GLU A 1 27  ? 7.462   -13.927 -2.536  1.00 13.63 ? 230 GLU A OE1 1 
ATOM   223  O  OE2 . GLU A 1 27  ? 6.763   -15.910 -1.801  1.00 14.54 ? 230 GLU A OE2 1 
ATOM   224  N  N   . LEU A 1 28  ? 8.303   -10.102 0.232   1.00 8.27  ? 231 LEU A N   1 
ATOM   225  C  CA  . LEU A 1 28  ? 8.829   -8.772  0.650   1.00 8.31  ? 231 LEU A CA  1 
ATOM   226  C  C   . LEU A 1 28  ? 7.811   -8.101  1.559   1.00 8.10  ? 231 LEU A C   1 
ATOM   227  O  O   . LEU A 1 28  ? 8.193   -7.529  2.566   1.00 8.62  ? 231 LEU A O   1 
ATOM   228  C  CB  . LEU A 1 28  ? 9.149   -7.932  -0.585  1.00 8.03  ? 231 LEU A CB  1 
ATOM   229  C  CG  . LEU A 1 28  ? 10.196  -8.553  -1.531  1.00 8.58  ? 231 LEU A CG  1 
ATOM   230  C  CD1 . LEU A 1 28  ? 10.457  -7.619  -2.713  1.00 9.06  ? 231 LEU A CD1 1 
ATOM   231  C  CD2 . LEU A 1 28  ? 11.513  -8.850  -0.800  1.00 8.67  ? 231 LEU A CD2 1 
ATOM   232  N  N   . VAL A 1 29  ? 6.526   -8.259  1.255   1.00 8.20  ? 232 VAL A N   1 
ATOM   233  C  CA  . VAL A 1 29  ? 5.455   -7.758  2.159   1.00 8.30  ? 232 VAL A CA  1 
ATOM   234  C  C   . VAL A 1 29  ? 5.563   -8.484  3.515   1.00 8.85  ? 232 VAL A C   1 
ATOM   235  O  O   . VAL A 1 29  ? 5.475   -7.836  4.550   1.00 9.33  ? 232 VAL A O   1 
ATOM   236  C  CB  . VAL A 1 29  ? 4.078   -7.888  1.503   1.00 9.46  ? 232 VAL A CB  1 
ATOM   237  C  CG1 . VAL A 1 29  ? 2.944   -7.608  2.495   1.00 9.93  ? 232 VAL A CG1 1 
ATOM   238  C  CG2 . VAL A 1 29  ? 4.000   -6.995  0.299   1.00 9.27  ? 232 VAL A CG2 1 
ATOM   239  N  N   . GLN A 1 30  ? 5.696   -9.804  3.544   1.00 9.63  ? 233 GLN A N   1 
ATOM   240  C  CA  . GLN A 1 30  ? 5.880   -10.530 4.826   1.00 12.23 ? 233 GLN A CA  1 
ATOM   241  C  C   . GLN A 1 30  ? 7.047   -9.909  5.609   1.00 11.13 ? 233 GLN A C   1 
ATOM   242  O  O   . GLN A 1 30  ? 6.972   -9.772  6.844   1.00 10.64 ? 233 GLN A O   1 
ATOM   243  C  CB  . GLN A 1 30  ? 6.214   -12.001 4.578   1.00 15.36 ? 233 GLN A CB  1 
ATOM   244  C  CG  . GLN A 1 30  ? 5.061   -12.754 3.996   1.00 20.76 ? 233 GLN A CG  1 
ATOM   245  C  CD  . GLN A 1 30  ? 5.220   -14.246 4.160   1.00 23.72 ? 233 GLN A CD  1 
ATOM   246  O  OE1 . GLN A 1 30  ? 4.226   -14.954 4.134   1.00 26.56 ? 233 GLN A OE1 1 
ATOM   247  N  NE2 . GLN A 1 30  ? 6.457   -14.710 4.274   1.00 28.62 ? 233 GLN A NE2 1 
ATOM   248  N  N   . ALA A 1 31  ? 8.150   -9.577  4.937   1.00 10.22 ? 234 ALA A N   1 
ATOM   249  C  CA  . ALA A 1 31  ? 9.332   -9.018  5.620   1.00 10.96 ? 234 ALA A CA  1 
ATOM   250  C  C   . ALA A 1 31  ? 8.990   -7.685  6.289   1.00 11.28 ? 234 ALA A C   1 
ATOM   251  O  O   . ALA A 1 31  ? 9.335   -7.495  7.440   1.00 13.15 ? 234 ALA A O   1 
ATOM   252  C  CB  . ALA A 1 31  ? 10.512  -8.856  4.697   1.00 11.61 ? 234 ALA A CB  1 
ATOM   253  N  N   . PHE A 1 32  ? 8.429   -6.720  5.585   1.00 9.70  ? 235 PHE A N   1 
ATOM   254  C  CA  . PHE A 1 32  ? 8.281   -5.383  6.196   1.00 9.18  ? 235 PHE A CA  1 
ATOM   255  C  C   . PHE A 1 32  ? 7.056   -5.328  7.106   1.00 10.34 ? 235 PHE A C   1 
ATOM   256  O  O   . PHE A 1 32  ? 7.066   -4.438  7.979   1.00 12.72 ? 235 PHE A O   1 
ATOM   257  C  CB  . PHE A 1 32  ? 8.287   -4.270  5.154   1.00 9.96  ? 235 PHE A CB  1 
ATOM   258  C  CG  . PHE A 1 32  ? 7.056   -4.080  4.300   1.00 9.90  ? 235 PHE A CG  1 
ATOM   259  C  CD1 . PHE A 1 32  ? 5.933   -3.438  4.801   1.00 10.56 ? 235 PHE A CD1 1 
ATOM   260  C  CD2 . PHE A 1 32  ? 7.051   -4.449  2.976   1.00 9.33  ? 235 PHE A CD2 1 
ATOM   261  C  CE1 . PHE A 1 32  ? 4.823   -3.174  4.000   1.00 9.95  ? 235 PHE A CE1 1 
ATOM   262  C  CE2 . PHE A 1 32  ? 5.946   -4.190  2.175   1.00 9.57  ? 235 PHE A CE2 1 
ATOM   263  C  CZ  . PHE A 1 32  ? 4.814   -3.578  2.681   1.00 10.17 ? 235 PHE A CZ  1 
ATOM   264  N  N   . THR A 1 33  ? 6.090   -6.229  6.995   1.00 10.42 ? 236 THR A N   1 
ATOM   265  C  CA  . THR A 1 33  ? 4.945   -6.275  7.964   1.00 10.55 ? 236 THR A CA  1 
ATOM   266  C  C   . THR A 1 33  ? 5.197   -7.186  9.184   1.00 12.63 ? 236 THR A C   1 
ATOM   267  O  O   . THR A 1 33  ? 4.339   -7.180  10.076  1.00 13.46 ? 236 THR A O   1 
ATOM   268  C  CB  . THR A 1 33  ? 3.670   -6.712  7.264   1.00 10.33 ? 236 THR A CB  1 
ATOM   269  O  OG1 . THR A 1 33  ? 3.834   -8.042  6.776   1.00 10.75 ? 236 THR A OG1 1 
ATOM   270  C  CG2 . THR A 1 33  ? 3.300   -5.751  6.155   1.00 11.14 ? 236 THR A CG2 1 
ATOM   271  N  N   . HIS A 1 34  ? 6.262   -7.979  9.167   1.00 12.66 ? 237 HIS A N   1 
ATOM   272  C  CA  . HIS A 1 34  ? 6.615   -8.927  10.262  1.00 14.75 ? 237 HIS A CA  1 
ATOM   273  C  C   . HIS A 1 34  ? 5.471   -9.914  10.458  1.00 15.14 ? 237 HIS A C   1 
ATOM   274  O  O   . HIS A 1 34  ? 5.198   -10.316 11.613  1.00 18.24 ? 237 HIS A O   1 
ATOM   275  C  CB  . HIS A 1 34  ? 6.925   -8.179  11.561  1.00 17.08 ? 237 HIS A CB  1 
ATOM   276  C  CG  . HIS A 1 34  ? 7.955   -7.124  11.396  1.00 21.67 ? 237 HIS A CG  1 
ATOM   277  N  ND1 . HIS A 1 34  ? 9.104   -7.309  10.663  1.00 29.10 ? 237 HIS A ND1 1 
ATOM   278  C  CD2 . HIS A 1 34  ? 8.005   -5.861  11.859  1.00 30.56 ? 237 HIS A CD2 1 
ATOM   279  C  CE1 . HIS A 1 34  ? 9.832   -6.207  10.692  1.00 27.35 ? 237 HIS A CE1 1 
ATOM   280  N  NE2 . HIS A 1 34  ? 9.170   -5.301  11.389  1.00 33.67 ? 237 HIS A NE2 1 
ATOM   281  N  N   . ALA A 1 35  ? 4.848   -10.376 9.374   1.00 12.85 ? 238 ALA A N   1 
ATOM   282  C  CA  . ALA A 1 35  ? 3.715   -11.308 9.482   1.00 13.23 ? 238 ALA A CA  1 
ATOM   283  C  C   . ALA A 1 35  ? 3.518   -12.040 8.173   1.00 13.38 ? 238 ALA A C   1 
ATOM   284  O  O   . ALA A 1 35  ? 3.808   -11.486 7.110   1.00 13.29 ? 238 ALA A O   1 
ATOM   285  C  CB  . ALA A 1 35  ? 2.455   -10.579 9.833   1.00 13.30 ? 238 ALA A CB  1 
ATOM   286  N  N   . PRO A 1 36  ? 2.968   -13.276 8.221   1.00 14.33 ? 239 PRO A N   1 
ATOM   287  C  CA  . PRO A 1 36  ? 2.635   -13.974 6.997   1.00 13.43 ? 239 PRO A CA  1 
ATOM   288  C  C   . PRO A 1 36  ? 1.754   -13.097 6.095   1.00 12.06 ? 239 PRO A C   1 
ATOM   289  O  O   . PRO A 1 36  ? 0.921   -12.355 6.559   1.00 12.46 ? 239 PRO A O   1 
ATOM   290  C  CB  . PRO A 1 36  ? 1.906   -15.240 7.458   1.00 14.78 ? 239 PRO A CB  1 
ATOM   291  C  CG  . PRO A 1 36  ? 2.454   -15.473 8.850   1.00 15.92 ? 239 PRO A CG  1 
ATOM   292  C  CD  . PRO A 1 36  ? 2.660   -14.083 9.425   1.00 15.95 ? 239 PRO A CD  1 
ATOM   293  N  N   . ALA A 1 37  ? 1.942   -13.254 4.812   1.00 11.85 ? 240 ALA A N   1 
ATOM   294  C  CA  . ALA A 1 37  ? 1.146   -12.527 3.797   1.00 12.05 ? 240 ALA A CA  1 
ATOM   295  C  C   . ALA A 1 37  ? 0.820   -13.478 2.671   1.00 12.99 ? 240 ALA A C   1 
ATOM   296  O  O   . ALA A 1 37  ? 1.656   -14.322 2.314   1.00 14.07 ? 240 ALA A O   1 
ATOM   297  C  CB  . ALA A 1 37  ? 1.914   -11.332 3.309   1.00 13.17 ? 240 ALA A CB  1 
ATOM   298  N  N   . THR A 1 38  ? -0.352  -13.290 2.097   1.00 11.64 ? 241 THR A N   1 
ATOM   299  C  CA  . THR A 1 38  ? -0.686  -13.948 0.813   1.00 12.96 ? 241 THR A CA  1 
ATOM   300  C  C   . THR A 1 38  ? -0.962  -12.815 -0.164  1.00 11.60 ? 241 THR A C   1 
ATOM   301  O  O   . THR A 1 38  ? -1.673  -11.867 0.208   1.00 13.53 ? 241 THR A O   1 
ATOM   302  C  CB  . THR A 1 38  ? -1.817  -14.973 0.902   1.00 16.42 ? 241 THR A CB  1 
ATOM   303  O  OG1 . THR A 1 38  ? -3.015  -14.345 1.282   1.00 19.58 ? 241 THR A OG1 1 
ATOM   304  C  CG2 . THR A 1 38  ? -1.515  -16.071 1.890   1.00 18.21 ? 241 THR A CG2 1 
ATOM   305  N  N   . LEU A 1 39  ? -0.314  -12.828 -1.303  1.00 11.14 ? 242 LEU A N   1 
ATOM   306  C  CA  . LEU A 1 39  ? -0.420  -11.733 -2.284  1.00 11.17 ? 242 LEU A CA  1 
ATOM   307  C  C   . LEU A 1 39  ? -0.371  -12.339 -3.689  1.00 12.02 ? 242 LEU A C   1 
ATOM   308  O  O   . LEU A 1 39  ? 0.639   -12.961 -4.036  1.00 13.39 ? 242 LEU A O   1 
ATOM   309  C  CB  . LEU A 1 39  ? 0.728   -10.769 -2.036  1.00 12.85 ? 242 LEU A CB  1 
ATOM   310  C  CG  . LEU A 1 39  ? 0.656   -9.402  -2.685  1.00 13.13 ? 242 LEU A CG  1 
ATOM   311  C  CD1 . LEU A 1 39  ? 1.537   -8.417  -1.988  1.00 12.82 ? 242 LEU A CD1 1 
ATOM   312  C  CD2 . LEU A 1 39  ? 1.112   -9.510  -4.134  1.00 14.96 ? 242 LEU A CD2 1 
ATOM   313  N  N   . GLU A 1 40  ? -1.458  -12.222 -4.440  1.00 10.04 ? 243 GLU A N   1 
ATOM   314  C  CA  . GLU A 1 40  ? -1.563  -12.688 -5.840  1.00 10.55 ? 243 GLU A CA  1 
ATOM   315  C  C   . GLU A 1 40  ? -1.303  -11.461 -6.712  1.00 9.50  ? 243 GLU A C   1 
ATOM   316  O  O   . GLU A 1 40  ? -2.218  -10.630 -6.834  1.00 10.24 ? 243 GLU A O   1 
ATOM   317  C  CB  . GLU A 1 40  ? -2.928  -13.307 -6.058  1.00 11.23 ? 243 GLU A CB  1 
ATOM   318  C  CG  . GLU A 1 40  ? -3.223  -14.507 -5.178  1.00 12.93 ? 243 GLU A CG  1 
ATOM   319  C  CD  . GLU A 1 40  ? -4.640  -15.017 -5.232  1.00 14.82 ? 243 GLU A CD  1 
ATOM   320  O  OE1 . GLU A 1 40  ? -5.577  -14.296 -5.664  1.00 12.95 ? 243 GLU A OE1 1 
ATOM   321  O  OE2 . GLU A 1 40  ? -4.807  -16.196 -4.815  1.00 19.34 ? 243 GLU A OE2 1 
ATOM   322  N  N   . ALA A 1 41  ? -0.102  -11.324 -7.245  1.00 9.80  ? 244 ALA A N   1 
ATOM   323  C  CA  . ALA A 1 41  ? 0.332   -10.103 -7.945  1.00 10.43 ? 244 ALA A CA  1 
ATOM   324  C  C   . ALA A 1 41  ? -0.212  -10.078 -9.379  1.00 10.10 ? 244 ALA A C   1 
ATOM   325  O  O   . ALA A 1 41  ? 0.568   -9.980  -10.306 1.00 11.69 ? 244 ALA A O   1 
ATOM   326  C  CB  . ALA A 1 41  ? 1.820   -9.968  -7.935  1.00 12.13 ? 244 ALA A CB  1 
ATOM   327  N  N   . ASP A 1 42  ? -1.529  -10.107 -9.498  1.00 9.09  ? 245 ASP A N   1 
ATOM   328  C  CA  . ASP A 1 42  ? -2.286  -10.139 -10.770 1.00 9.35  ? 245 ASP A CA  1 
ATOM   329  C  C   . ASP A 1 42  ? -3.427  -9.141  -10.652 1.00 8.91  ? 245 ASP A C   1 
ATOM   330  O  O   . ASP A 1 42  ? -3.973  -9.016  -9.553  1.00 8.63  ? 245 ASP A O   1 
ATOM   331  C  CB  . ASP A 1 42  ? -2.912  -11.526 -10.972 1.00 9.43  ? 245 ASP A CB  1 
ATOM   332  C  CG  . ASP A 1 42  ? -1.983  -12.729 -11.142 1.00 11.93 ? 245 ASP A CG  1 
ATOM   333  O  OD1 . ASP A 1 42  ? -0.937  -12.609 -11.746 1.00 12.36 ? 245 ASP A OD1 1 
ATOM   334  O  OD2 . ASP A 1 42  ? -2.389  -13.794 -10.708 1.00 15.88 ? 245 ASP A OD2 1 
ATOM   335  N  N   . ARG A 1 43  ? -3.843  -8.555  -11.758 1.00 8.35  ? 246 ARG A N   1 
ATOM   336  C  CA  . ARG A 1 43  ? -5.169  -7.918  -11.809 1.00 9.35  ? 246 ARG A CA  1 
ATOM   337  C  C   . ARG A 1 43  ? -6.219  -8.974  -11.438 1.00 9.20  ? 246 ARG A C   1 
ATOM   338  O  O   . ARG A 1 43  ? -6.250  -10.047 -12.063 1.00 9.44  ? 246 ARG A O   1 
ATOM   339  C  CB  . ARG A 1 43  ? -5.435  -7.313  -13.184 1.00 10.46 ? 246 ARG A CB  1 
ATOM   340  C  CG  . ARG A 1 43  ? -6.807  -6.665  -13.272 1.00 13.59 ? 246 ARG A CG  1 
ATOM   341  C  CD  . ARG A 1 43  ? -6.936  -5.891  -14.576 1.00 16.39 ? 246 ARG A CD  1 
ATOM   342  N  NE  . ARG A 1 43  ? -8.020  -4.940  -14.367 1.00 21.40 ? 246 ARG A NE  1 
ATOM   343  C  CZ  . ARG A 1 43  ? -9.310  -5.266  -14.427 1.00 24.47 ? 246 ARG A CZ  1 
ATOM   344  N  NH1 . ARG A 1 43  ? -9.678  -6.476  -14.809 1.00 25.95 ? 246 ARG A NH1 1 
ATOM   345  N  NH2 . ARG A 1 43  ? -10.244 -4.370  -14.153 1.00 29.69 ? 246 ARG A NH2 1 
ATOM   346  N  N   . GLY A 1 44  ? -7.070  -8.698  -10.462 1.00 8.26  ? 247 GLY A N   1 
ATOM   347  C  CA  . GLY A 1 44  ? -8.039  -9.655  -9.909  1.00 8.30  ? 247 GLY A CA  1 
ATOM   348  C  C   . GLY A 1 44  ? -7.464  -10.492 -8.792  1.00 8.59  ? 247 GLY A C   1 
ATOM   349  O  O   . GLY A 1 44  ? -8.215  -11.257 -8.195  1.00 11.23 ? 247 GLY A O   1 
ATOM   350  N  N   . GLY A 1 45  ? -6.183  -10.382 -8.521  1.00 7.79  ? 248 GLY A N   1 
ATOM   351  C  CA  . GLY A 1 45  ? -5.539  -11.143 -7.459  1.00 8.03  ? 248 GLY A CA  1 
ATOM   352  C  C   . GLY A 1 45  ? -5.904  -10.607 -6.075  1.00 8.03  ? 248 GLY A C   1 
ATOM   353  O  O   . GLY A 1 45  ? -6.071  -9.386  -5.918  1.00 7.77  ? 248 GLY A O   1 
ATOM   354  N  N   . LYS A 1 46  ? -6.006  -11.468 -5.089  1.00 9.45  ? 249 LYS A N   1 
ATOM   355  C  CA  . LYS A 1 46  ? -6.367  -11.097 -3.703  1.00 9.27  ? 249 LYS A CA  1 
ATOM   356  C  C   . LYS A 1 46  ? -5.089  -10.919 -2.899  1.00 9.72  ? 249 LYS A C   1 
ATOM   357  O  O   . LYS A 1 46  ? -4.026  -11.571 -3.206  1.00 10.37 ? 249 LYS A O   1 
ATOM   358  C  CB  . LYS A 1 46  ? -7.265  -12.167 -3.070  1.00 10.46 ? 249 LYS A CB  1 
ATOM   359  C  CG  . LYS A 1 46  ? -8.552  -12.452 -3.834  1.00 13.67 ? 249 LYS A CG  1 
ATOM   360  C  CD  . LYS A 1 46  ? -9.401  -11.282 -4.071  1.00 16.40 ? 249 LYS A CD  1 
ATOM   361  C  CE  . LYS A 1 46  ? -10.800 -11.611 -4.560  1.00 18.32 ? 249 LYS A CE  1 
ATOM   362  N  NZ  . LYS A 1 46  ? -11.692 -10.417 -4.537  1.00 21.62 ? 249 LYS A NZ  1 
ATOM   363  N  N   . PHE A 1 47  ? -5.162  -10.152 -1.828  1.00 9.36  ? 250 PHE A N   1 
ATOM   364  C  CA  . PHE A 1 47  ? -4.070  -10.088 -0.840  1.00 9.42  ? 250 PHE A CA  1 
ATOM   365  C  C   . PHE A 1 47  ? -4.689  -10.095 0.553   1.00 10.07 ? 250 PHE A C   1 
ATOM   366  O  O   . PHE A 1 47  ? -5.831  -9.653  0.747   1.00 9.70  ? 250 PHE A O   1 
ATOM   367  C  CB  . PHE A 1 47  ? -3.138  -8.895  -0.975  1.00 9.53  ? 250 PHE A CB  1 
ATOM   368  C  CG  . PHE A 1 47  ? -3.809  -7.547  -0.970  1.00 8.63  ? 250 PHE A CG  1 
ATOM   369  C  CD1 . PHE A 1 47  ? -4.265  -6.985  -2.153  1.00 8.84  ? 250 PHE A CD1 1 
ATOM   370  C  CD2 . PHE A 1 47  ? -3.962  -6.832  0.200   1.00 9.02  ? 250 PHE A CD2 1 
ATOM   371  C  CE1 . PHE A 1 47  ? -4.878  -5.743  -2.170  1.00 9.34  ? 250 PHE A CE1 1 
ATOM   372  C  CE2 . PHE A 1 47  ? -4.609  -5.612  0.180   1.00 8.91  ? 250 PHE A CE2 1 
ATOM   373  C  CZ  . PHE A 1 47  ? -5.104  -5.089  -0.982  1.00 9.42  ? 250 PHE A CZ  1 
ATOM   374  N  N   . HIS A 1 48  ? -3.938  -10.695 1.470   1.00 10.68 ? 251 HIS A N   1 
ATOM   375  C  CA  . HIS A 1 48  ? -4.269  -10.812 2.900   1.00 11.78 ? 251 HIS A CA  1 
ATOM   376  C  C   . HIS A 1 48  ? -2.985  -10.644 3.690   1.00 12.07 ? 251 HIS A C   1 
ATOM   377  O  O   . HIS A 1 48  ? -1.990  -11.315 3.393   1.00 12.44 ? 251 HIS A O   1 
ATOM   378  C  CB  . HIS A 1 48  ? -4.928  -12.173 3.209   1.00 14.85 ? 251 HIS A CB  1 
ATOM   379  C  CG  . HIS A 1 48  ? -6.225  -12.393 2.512   1.00 19.27 ? 251 HIS A CG  1 
ATOM   380  N  ND1 . HIS A 1 48  ? -6.302  -13.003 1.263   1.00 26.14 ? 251 HIS A ND1 1 
ATOM   381  C  CD2 . HIS A 1 48  ? -7.493  -12.126 2.890   1.00 21.53 ? 251 HIS A CD2 1 
ATOM   382  C  CE1 . HIS A 1 48  ? -7.566  -13.044 0.884   1.00 24.69 ? 251 HIS A CE1 1 
ATOM   383  N  NE2 . HIS A 1 48  ? -8.307  -12.515 1.852   1.00 25.71 ? 251 HIS A NE2 1 
ATOM   384  N  N   . MET A 1 49  ? -2.993  -9.754  4.669   1.00 10.52 ? 252 MET A N   1 
ATOM   385  C  CA  . MET A 1 49  ? -1.772  -9.319  5.384   1.00 11.30 ? 252 MET A CA  1 
ATOM   386  C  C   . MET A 1 49  ? -2.091  -9.189  6.881   1.00 11.20 ? 252 MET A C   1 
ATOM   387  O  O   . MET A 1 49  ? -3.304  -9.045  7.250   1.00 11.13 ? 252 MET A O   1 
ATOM   388  C  CB  . MET A 1 49  ? -1.321  -7.959  4.846   1.00 13.82 ? 252 MET A CB  1 
ATOM   389  C  CG  . MET A 1 49  ? -0.832  -8.004  3.415   1.00 16.23 ? 252 MET A CG  1 
ATOM   390  S  SD  . MET A 1 49  ? -0.876  -6.381  2.647   1.00 18.43 ? 252 MET A SD  1 
ATOM   391  C  CE  . MET A 1 49  ? 0.189   -5.549  3.801   1.00 13.79 ? 252 MET A CE  1 
ATOM   392  N  N   . VAL A 1 50  ? -1.048  -9.215  7.710   1.00 11.42 ? 253 VAL A N   1 
ATOM   393  C  CA  . VAL A 1 50  ? -1.097  -8.859  9.158   1.00 12.60 ? 253 VAL A CA  1 
ATOM   394  C  C   . VAL A 1 50  ? -2.299  -9.542  9.839   1.00 13.40 ? 253 VAL A C   1 
ATOM   395  O  O   . VAL A 1 50  ? -3.198  -8.836  10.383  1.00 13.84 ? 253 VAL A O   1 
ATOM   396  C  CB  . VAL A 1 50  ? -1.007  -7.331  9.359   1.00 12.83 ? 253 VAL A CB  1 
ATOM   397  C  CG1 . VAL A 1 50  ? 0.365   -6.847  8.924   1.00 12.97 ? 253 VAL A CG1 1 
ATOM   398  C  CG2 . VAL A 1 50  ? -2.057  -6.492  8.654   1.00 12.61 ? 253 VAL A CG2 1 
ATOM   399  N  N   . ASP A 1 51  ? -2.292  -10.865 9.806   1.00 15.24 ? 254 ASP A N   1 
ATOM   400  C  CA  . ASP A 1 51  ? -3.258  -11.727 10.529  1.00 19.35 ? 254 ASP A CA  1 
ATOM   401  C  C   . ASP A 1 51  ? -4.652  -11.400 10.024  1.00 18.39 ? 254 ASP A C   1 
ATOM   402  O  O   . ASP A 1 51  ? -5.615  -11.500 10.825  1.00 19.77 ? 254 ASP A O   1 
ATOM   403  C  CB  . ASP A 1 51  ? -3.125  -11.587 12.045  1.00 23.07 ? 254 ASP A CB  1 
ATOM   404  C  CG  . ASP A 1 51  ? -3.820  -12.730 12.797  1.00 30.63 ? 254 ASP A CG  1 
ATOM   405  O  OD1 . ASP A 1 51  ? -3.546  -13.913 12.471  1.00 38.25 ? 254 ASP A OD1 1 
ATOM   406  O  OD2 . ASP A 1 51  ? -4.667  -12.434 13.660  1.00 32.52 ? 254 ASP A OD2 1 
ATOM   407  N  N   . GLY A 1 52  ? -4.773  -11.041 8.742   1.00 15.00 ? 255 GLY A N   1 
ATOM   408  C  CA  . GLY A 1 52  ? -6.069  -10.753 8.114   1.00 15.28 ? 255 GLY A CA  1 
ATOM   409  C  C   . GLY A 1 52  ? -6.591  -9.380  8.432   1.00 15.36 ? 255 GLY A C   1 
ATOM   410  O  O   . GLY A 1 52  ? -7.669  -9.033  7.963   1.00 16.94 ? 255 GLY A O   1 
ATOM   411  N  N   . ASN A 1 53  ? -5.830  -8.553  9.121   1.00 12.72 ? 256 ASN A N   1 
ATOM   412  C  CA  . ASN A 1 53  ? -6.290  -7.204  9.492   1.00 12.56 ? 256 ASN A CA  1 
ATOM   413  C  C   . ASN A 1 53  ? -6.307  -6.304  8.270   1.00 10.61 ? 256 ASN A C   1 
ATOM   414  O  O   . ASN A 1 53  ? -6.976  -5.255  8.336   1.00 12.57 ? 256 ASN A O   1 
ATOM   415  C  CB  . ASN A 1 53  ? -5.443  -6.605  10.607  1.00 12.66 ? 256 ASN A CB  1 
ATOM   416  C  CG  . ASN A 1 53  ? -5.848  -7.159  11.949  1.00 17.54 ? 256 ASN A CG  1 
ATOM   417  O  OD1 . ASN A 1 53  ? -5.067  -7.827  12.646  1.00 20.85 ? 256 ASN A OD1 1 
ATOM   418  N  ND2 . ASN A 1 53  ? -7.076  -6.864  12.328  1.00 17.34 ? 256 ASN A ND2 1 
ATOM   419  N  N   . VAL A 1 54  ? -5.594  -6.650  7.196   1.00 10.31 ? 257 VAL A N   1 
ATOM   420  C  CA  . VAL A 1 54  ? -5.653  -5.892  5.929   1.00 10.81 ? 257 VAL A CA  1 
ATOM   421  C  C   . VAL A 1 54  ? -5.872  -6.878  4.805   1.00 10.44 ? 257 VAL A C   1 
ATOM   422  O  O   . VAL A 1 54  ? -5.227  -7.958  4.748   1.00 10.39 ? 257 VAL A O   1 
ATOM   423  C  CB  . VAL A 1 54  ? -4.377  -5.083  5.713   1.00 11.17 ? 257 VAL A CB  1 
ATOM   424  C  CG1 . VAL A 1 54  ? -4.198  -4.556  4.294   1.00 11.56 ? 257 VAL A CG1 1 
ATOM   425  C  CG2 . VAL A 1 54  ? -4.262  -4.011  6.763   1.00 11.42 ? 257 VAL A CG2 1 
ATOM   426  N  N   . SER A 1 55  ? -6.790  -6.561  3.928   1.00 9.32  ? 258 SER A N   1 
ATOM   427  C  CA  . SER A 1 55  ? -7.046  -7.425  2.761   1.00 10.25 ? 258 SER A CA  1 
ATOM   428  C  C   . SER A 1 55  ? -7.595  -6.626  1.615   1.00 8.98  ? 258 SER A C   1 
ATOM   429  O  O   . SER A 1 55  ? -7.987  -5.467  1.809   1.00 9.12  ? 258 SER A O   1 
ATOM   430  C  CB  . SER A 1 55  ? -7.962  -8.550  3.111   1.00 10.71 ? 258 SER A CB  1 
ATOM   431  O  OG  . SER A 1 55  ? -9.217  -8.060  3.544   1.00 12.45 ? 258 SER A OG  1 
ATOM   432  N  N   . GLY A 1 56  ? -7.676  -7.263  0.458   1.00 8.12  ? 259 GLY A N   1 
ATOM   433  C  CA  . GLY A 1 56  ? -8.270  -6.622  -0.697  1.00 8.48  ? 259 GLY A CA  1 
ATOM   434  C  C   . GLY A 1 56  ? -7.938  -7.317  -1.981  1.00 8.82  ? 259 GLY A C   1 
ATOM   435  O  O   . GLY A 1 56  ? -7.655  -8.535  -1.960  1.00 7.60  ? 259 GLY A O   1 
ATOM   436  N  N   . GLU A 1 57  ? -8.011  -6.574  -3.061  1.00 8.37  ? 260 GLU A N   1 
ATOM   437  C  CA  . GLU A 1 57  ? -7.828  -7.108  -4.439  1.00 9.99  ? 260 GLU A CA  1 
ATOM   438  C  C   . GLU A 1 57  ? -7.086  -6.073  -5.268  1.00 8.98  ? 260 GLU A C   1 
ATOM   439  O  O   . GLU A 1 57  ? -7.408  -4.884  -5.177  1.00 8.74  ? 260 GLU A O   1 
ATOM   440  C  CB  . GLU A 1 57  ? -9.178  -7.384  -5.080  1.00 13.00 ? 260 GLU A CB  1 
ATOM   441  C  CG  . GLU A 1 57  ? -9.115  -7.928  -6.494  1.00 15.19 ? 260 GLU A CG  1 
ATOM   442  C  CD  . GLU A 1 57  ? -10.507 -8.035  -7.087  1.00 19.73 ? 260 GLU A CD  1 
ATOM   443  O  OE1 . GLU A 1 57  ? -11.314 -8.778  -6.504  1.00 21.16 ? 260 GLU A OE1 1 
ATOM   444  O  OE2 . GLU A 1 57  ? -10.729 -7.392  -8.140  1.00 25.46 ? 260 GLU A OE2 1 
ATOM   445  N  N   . PHE A 1 58  ? -6.142  -6.480  -6.107  1.00 7.90  ? 261 PHE A N   1 
ATOM   446  C  CA  . PHE A 1 58  ? -5.532  -5.555  -7.084  1.00 8.35  ? 261 PHE A CA  1 
ATOM   447  C  C   . PHE A 1 58  ? -6.491  -5.396  -8.264  1.00 8.75  ? 261 PHE A C   1 
ATOM   448  O  O   . PHE A 1 58  ? -6.986  -6.407  -8.825  1.00 9.86  ? 261 PHE A O   1 
ATOM   449  C  CB  . PHE A 1 58  ? -4.207  -6.102  -7.578  1.00 9.33  ? 261 PHE A CB  1 
ATOM   450  C  CG  . PHE A 1 58  ? -3.192  -6.284  -6.485  1.00 10.00 ? 261 PHE A CG  1 
ATOM   451  C  CD1 . PHE A 1 58  ? -2.527  -5.188  -5.954  1.00 11.25 ? 261 PHE A CD1 1 
ATOM   452  C  CD2 . PHE A 1 58  ? -2.831  -7.539  -6.048  1.00 11.03 ? 261 PHE A CD2 1 
ATOM   453  C  CE1 . PHE A 1 58  ? -1.559  -5.350  -4.979  1.00 11.74 ? 261 PHE A CE1 1 
ATOM   454  C  CE2 . PHE A 1 58  ? -1.863  -7.703  -5.068  1.00 11.74 ? 261 PHE A CE2 1 
ATOM   455  C  CZ  . PHE A 1 58  ? -1.230  -6.607  -4.524  1.00 12.36 ? 261 PHE A CZ  1 
ATOM   456  N  N   . THR A 1 59  ? -6.748  -4.168  -8.686  1.00 8.76  ? 262 THR A N   1 
ATOM   457  C  CA  . THR A 1 59  ? -7.627  -3.912  -9.854  1.00 9.41  ? 262 THR A CA  1 
ATOM   458  C  C   . THR A 1 59  ? -6.830  -3.363  -11.030 1.00 11.21 ? 262 THR A C   1 
ATOM   459  O  O   . THR A 1 59  ? -7.389  -3.350  -12.128 1.00 13.02 ? 262 THR A O   1 
ATOM   460  C  CB  . THR A 1 59  ? -8.820  -3.041  -9.479  1.00 10.25 ? 262 THR A CB  1 
ATOM   461  O  OG1 . THR A 1 59  ? -8.377  -1.741  -9.091  1.00 10.58 ? 262 THR A OG1 1 
ATOM   462  C  CG2 . THR A 1 59  ? -9.637  -3.631  -8.367  1.00 10.28 ? 262 THR A CG2 1 
ATOM   463  N  N   . ASP A 1 60  ? -5.579  -2.937  -10.852 1.00 11.43 ? 263 ASP A N   1 
ATOM   464  C  CA  . ASP A 1 60  ? -4.755  -2.446  -11.995 1.00 13.79 ? 263 ASP A CA  1 
ATOM   465  C  C   . ASP A 1 60  ? -3.312  -2.526  -11.539 1.00 13.19 ? 263 ASP A C   1 
ATOM   466  O  O   . ASP A 1 60  ? -3.009  -2.052  -10.420 1.00 12.13 ? 263 ASP A O   1 
ATOM   467  C  CB  . ASP A 1 60  ? -5.121  -1.019  -12.410 1.00 17.31 ? 263 ASP A CB  1 
ATOM   468  C  CG  . ASP A 1 60  ? -4.551  -0.515  -13.750 1.00 22.41 ? 263 ASP A CG  1 
ATOM   469  O  OD1 . ASP A 1 60  ? -4.166  -1.332  -14.569 1.00 28.53 ? 263 ASP A OD1 1 
ATOM   470  O  OD2 . ASP A 1 60  ? -4.557  0.706   -13.976 1.00 26.95 ? 263 ASP A OD2 1 
ATOM   471  N  N   . LEU A 1 61  ? -2.456  -3.152  -12.325 1.00 13.18 ? 264 LEU A N   1 
ATOM   472  C  CA  . LEU A 1 61  ? -1.026  -3.341  -11.989 1.00 13.08 ? 264 LEU A CA  1 
ATOM   473  C  C   . LEU A 1 61  ? -0.224  -3.052  -13.248 1.00 16.67 ? 264 LEU A C   1 
ATOM   474  O  O   . LEU A 1 61  ? -0.276  -3.896  -14.199 1.00 17.99 ? 264 LEU A O   1 
ATOM   475  C  CB  . LEU A 1 61  ? -0.685  -4.752  -11.514 1.00 13.60 ? 264 LEU A CB  1 
ATOM   476  C  CG  . LEU A 1 61  ? -1.223  -5.216  -10.168 1.00 14.47 ? 264 LEU A CG  1 
ATOM   477  C  CD1 . LEU A 1 61  ? -0.931  -6.696  -9.940  1.00 15.85 ? 264 LEU A CD1 1 
ATOM   478  C  CD2 . LEU A 1 61  ? -0.661  -4.394  -9.028  1.00 13.56 ? 264 LEU A CD2 1 
ATOM   479  N  N   . VAL A 1 62  ? 0.461   -1.920  -13.279 1.00 14.84 ? 265 VAL A N   1 
ATOM   480  C  CA  . VAL A 1 62  ? 1.349   -1.494  -14.401 1.00 17.92 ? 265 VAL A CA  1 
ATOM   481  C  C   . VAL A 1 62  ? 2.749   -1.431  -13.816 1.00 17.43 ? 265 VAL A C   1 
ATOM   482  O  O   . VAL A 1 62  ? 3.060   -0.468  -13.109 1.00 15.24 ? 265 VAL A O   1 
ATOM   483  C  CB  . VAL A 1 62  ? 0.921   -0.151  -15.003 1.00 17.86 ? 265 VAL A CB  1 
ATOM   484  C  CG1 . VAL A 1 62  ? 1.863   0.312   -16.136 1.00 19.34 ? 265 VAL A CG1 1 
ATOM   485  C  CG2 . VAL A 1 62  ? -0.520  -0.200  -15.488 1.00 19.87 ? 265 VAL A CG2 1 
ATOM   486  N  N   . PRO A 1 63  ? 3.602   -2.466  -14.018 1.00 17.40 ? 266 PRO A N   1 
ATOM   487  C  CA  . PRO A 1 63  ? 4.900   -2.549  -13.353 1.00 19.36 ? 266 PRO A CA  1 
ATOM   488  C  C   . PRO A 1 63  ? 5.746   -1.272  -13.479 1.00 19.16 ? 266 PRO A C   1 
ATOM   489  O  O   . PRO A 1 63  ? 5.838   -0.651  -14.537 1.00 18.32 ? 266 PRO A O   1 
ATOM   490  C  CB  . PRO A 1 63  ? 5.629   -3.744  -13.994 1.00 22.10 ? 266 PRO A CB  1 
ATOM   491  C  CG  . PRO A 1 63  ? 4.490   -4.589  -14.592 1.00 21.86 ? 266 PRO A CG  1 
ATOM   492  C  CD  . PRO A 1 63  ? 3.348   -3.639  -14.888 1.00 21.85 ? 266 PRO A CD  1 
ATOM   493  N  N   . GLU A 1 64  ? 6.271   -0.847  -12.325 1.00 15.66 ? 267 GLU A N   1 
ATOM   494  C  CA  . GLU A 1 64  ? 7.124   0.331   -12.105 1.00 17.38 ? 267 GLU A CA  1 
ATOM   495  C  C   . GLU A 1 64  ? 6.329   1.628   -12.199 1.00 15.99 ? 267 GLU A C   1 
ATOM   496  O  O   . GLU A 1 64  ? 6.962   2.683   -12.140 1.00 17.53 ? 267 GLU A O   1 
ATOM   497  C  CB  . GLU A 1 64  ? 8.319   0.393   -13.072 1.00 20.22 ? 267 GLU A CB  1 
ATOM   498  C  CG  . GLU A 1 64  ? 9.038   -0.916  -13.217 1.00 22.87 ? 267 GLU A CG  1 
ATOM   499  C  CD  . GLU A 1 64  ? 10.352  -0.826  -13.984 1.00 27.61 ? 267 GLU A CD  1 
ATOM   500  O  OE1 . GLU A 1 64  ? 10.814  0.307   -14.300 1.00 29.07 ? 267 GLU A OE1 1 
ATOM   501  O  OE2 . GLU A 1 64  ? 10.925  -1.893  -14.240 1.00 32.28 ? 267 GLU A OE2 1 
ATOM   502  N  N   . LYS A 1 65  ? 5.009   1.593   -12.390 1.00 12.72 ? 268 LYS A N   1 
ATOM   503  C  CA  . LYS A 1 65  ? 4.255   2.816   -12.713 1.00 14.77 ? 268 LYS A CA  1 
ATOM   504  C  C   . LYS A 1 65  ? 3.084   3.011   -11.761 1.00 12.04 ? 268 LYS A C   1 
ATOM   505  O  O   . LYS A 1 65  ? 2.930   4.123   -11.202 1.00 11.40 ? 268 LYS A O   1 
ATOM   506  C  CB  . LYS A 1 65  ? 3.715   2.749   -14.138 1.00 19.01 ? 268 LYS A CB  1 
ATOM   507  C  CG  . LYS A 1 65  ? 4.800   2.605   -15.200 1.00 24.97 ? 268 LYS A CG  1 
ATOM   508  C  CD  . LYS A 1 65  ? 5.769   3.762   -15.205 1.00 31.08 ? 268 LYS A CD  1 
ATOM   509  C  CE  . LYS A 1 65  ? 6.503   3.959   -16.523 1.00 38.05 ? 268 LYS A CE  1 
ATOM   510  N  NZ  . LYS A 1 65  ? 6.529   2.729   -17.354 1.00 43.31 ? 268 LYS A NZ  1 
ATOM   511  N  N   . HIS A 1 66  ? 2.209   2.030   -11.625 1.00 11.61 ? 269 HIS A N   1 
ATOM   512  C  CA  . HIS A 1 66  ? 1.059   2.240   -10.733 1.00 14.80 ? 269 HIS A CA  1 
ATOM   513  C  C   . HIS A 1 66  ? 0.452   0.942   -10.258 1.00 11.96 ? 269 HIS A C   1 
ATOM   514  O  O   . HIS A 1 66  ? 0.526   -0.101  -10.944 1.00 11.65 ? 269 HIS A O   1 
ATOM   515  C  CB  . HIS A 1 66  ? 0.031   3.222   -11.240 1.00 19.23 ? 269 HIS A CB  1 
ATOM   516  C  CG  . HIS A 1 66  ? -0.753  2.721   -12.369 1.00 22.67 ? 269 HIS A CG  1 
ATOM   517  N  ND1 . HIS A 1 66  ? -0.446  3.088   -13.672 1.00 28.77 ? 269 HIS A ND1 1 
ATOM   518  C  CD2 . HIS A 1 66  ? -1.838  1.912   -12.418 1.00 29.08 ? 269 HIS A CD2 1 
ATOM   519  C  CE1 . HIS A 1 66  ? -1.313  2.501   -14.482 1.00 29.11 ? 269 HIS A CE1 1 
ATOM   520  N  NE2 . HIS A 1 66  ? -2.171  1.765   -13.738 1.00 32.43 ? 269 HIS A NE2 1 
ATOM   521  N  N   . ILE A 1 67  ? -0.220  1.072   -9.139  1.00 10.02 ? 270 ILE A N   1 
ATOM   522  C  CA  . ILE A 1 67  ? -1.002  -0.014  -8.526  1.00 9.49  ? 270 ILE A CA  1 
ATOM   523  C  C   . ILE A 1 67  ? -2.339  0.584   -8.141  1.00 10.41 ? 270 ILE A C   1 
ATOM   524  O  O   . ILE A 1 67  ? -2.330  1.663   -7.546  1.00 10.20 ? 270 ILE A O   1 
ATOM   525  C  CB  . ILE A 1 67  ? -0.276  -0.560  -7.283  1.00 9.51  ? 270 ILE A CB  1 
ATOM   526  C  CG1 . ILE A 1 67  ? 1.071   -1.146  -7.659  1.00 9.49  ? 270 ILE A CG1 1 
ATOM   527  C  CG2 . ILE A 1 67  ? -1.140  -1.542  -6.518  1.00 10.41 ? 270 ILE A CG2 1 
ATOM   528  C  CD1 . ILE A 1 67  ? 1.919   -1.500  -6.479  1.00 10.10 ? 270 ILE A CD1 1 
ATOM   529  N  N   . VAL A 1 68  ? -3.435  -0.057  -8.485  1.00 8.67  ? 271 VAL A N   1 
ATOM   530  C  CA  . VAL A 1 68  ? -4.749  0.329   -7.951  1.00 9.47  ? 271 VAL A CA  1 
ATOM   531  C  C   . VAL A 1 68  ? -5.285  -0.877  -7.187  1.00 8.98  ? 271 VAL A C   1 
ATOM   532  O  O   . VAL A 1 68  ? -5.222  -2.019  -7.697  1.00 8.85  ? 271 VAL A O   1 
ATOM   533  C  CB  . VAL A 1 68  ? -5.766  0.791   -9.004  1.00 10.00 ? 271 VAL A CB  1 
ATOM   534  C  CG1 . VAL A 1 68  ? -7.034  1.230   -8.320  1.00 10.32 ? 271 VAL A CG1 1 
ATOM   535  C  CG2 . VAL A 1 68  ? -5.223  1.888   -9.908  1.00 11.23 ? 271 VAL A CG2 1 
ATOM   536  N  N   . MET A 1 69  ? -5.761  -0.654  -5.995  1.00 9.54  ? 272 MET A N   1 
ATOM   537  C  CA  . MET A 1 69  ? -6.305  -1.765  -5.230  1.00 10.68 ? 272 MET A CA  1 
ATOM   538  C  C   . MET A 1 69  ? -7.553  -1.386  -4.477  1.00 9.59  ? 272 MET A C   1 
ATOM   539  O  O   . MET A 1 69  ? -7.749  -0.232  -4.091  1.00 9.07  ? 272 MET A O   1 
ATOM   540  C  CB  . MET A 1 69  ? -5.289  -2.381  -4.287  1.00 15.88 ? 272 MET A CB  1 
ATOM   541  C  CG  . MET A 1 69  ? -4.646  -1.528  -3.361  1.00 16.79 ? 272 MET A CG  1 
ATOM   542  S  SD  . MET A 1 69  ? -3.006  -2.299  -2.706  1.00 15.97 ? 272 MET A SD  1 
ATOM   543  C  CE  . MET A 1 69  ? -2.268  -0.703  -2.462  1.00 16.02 ? 272 MET A CE  1 
ATOM   544  N  N   . LYS A 1 70  ? -8.427  -2.357  -4.331  1.00 7.92  ? 273 LYS A N   1 
ATOM   545  C  CA  . LYS A 1 70  ? -9.484  -2.352  -3.307  1.00 8.23  ? 273 LYS A CA  1 
ATOM   546  C  C   . LYS A 1 70  ? -8.865  -2.827  -2.015  1.00 7.33  ? 273 LYS A C   1 
ATOM   547  O  O   . LYS A 1 70  ? -8.173  -3.854  -2.019  1.00 7.87  ? 273 LYS A O   1 
ATOM   548  C  CB  . LYS A 1 70  ? -10.628 -3.221  -3.781  1.00 8.21  ? 273 LYS A CB  1 
ATOM   549  C  CG  . LYS A 1 70  ? -11.387 -2.566  -4.920  1.00 9.10  ? 273 LYS A CG  1 
ATOM   550  C  CD  . LYS A 1 70  ? -12.405 -1.507  -4.432  1.00 9.96  ? 273 LYS A CD  1 
ATOM   551  C  CE  . LYS A 1 70  ? -13.136 -0.824  -5.559  1.00 11.15 ? 273 LYS A CE  1 
ATOM   552  N  NZ  . LYS A 1 70  ? -14.243 0.002   -5.030  1.00 11.31 ? 273 LYS A NZ  1 
ATOM   553  N  N   . TRP A 1 71  ? -9.035  -2.095  -0.937  1.00 7.14  ? 274 TRP A N   1 
ATOM   554  C  CA  . TRP A 1 71  ? -8.220  -2.249  0.277   1.00 7.01  ? 274 TRP A CA  1 
ATOM   555  C  C   . TRP A 1 71  ? -9.114  -1.989  1.487   1.00 7.60  ? 274 TRP A C   1 
ATOM   556  O  O   . TRP A 1 71  ? -9.850  -0.999  1.488   1.00 7.60  ? 274 TRP A O   1 
ATOM   557  C  CB  . TRP A 1 71  ? -7.054  -1.286  0.210   1.00 6.63  ? 274 TRP A CB  1 
ATOM   558  C  CG  . TRP A 1 71  ? -5.986  -1.413  1.253   1.00 6.75  ? 274 TRP A CG  1 
ATOM   559  C  CD1 . TRP A 1 71  ? -4.747  -1.941  1.087   1.00 7.15  ? 274 TRP A CD1 1 
ATOM   560  C  CD2 . TRP A 1 71  ? -6.006  -0.828  2.568   1.00 7.11  ? 274 TRP A CD2 1 
ATOM   561  N  NE1 . TRP A 1 71  ? -4.024  -1.797  2.239   1.00 8.23  ? 274 TRP A NE1 1 
ATOM   562  C  CE2 . TRP A 1 71  ? -4.753  -1.100  3.150   1.00 7.53  ? 274 TRP A CE2 1 
ATOM   563  C  CE3 . TRP A 1 71  ? -6.954  -0.111  3.315   1.00 7.62  ? 274 TRP A CE3 1 
ATOM   564  C  CZ2 . TRP A 1 71  ? -4.456  -0.728  4.446   1.00 8.01  ? 274 TRP A CZ2 1 
ATOM   565  C  CZ3 . TRP A 1 71  ? -6.654  0.238   4.612   1.00 8.35  ? 274 TRP A CZ3 1 
ATOM   566  C  CH2 . TRP A 1 71  ? -5.401  -0.045  5.152   1.00 8.03  ? 274 TRP A CH2 1 
ATOM   567  N  N   . ARG A 1 72  ? -8.977  -2.811  2.505   1.00 7.60  ? 275 ARG A N   1 
ATOM   568  C  CA  . ARG A 1 72  ? -9.753  -2.610  3.743   1.00 8.17  ? 275 ARG A CA  1 
ATOM   569  C  C   . ARG A 1 72  ? -9.019  -3.111  4.980   1.00 8.23  ? 275 ARG A C   1 
ATOM   570  O  O   . ARG A 1 72  ? -8.135  -3.957  4.893   1.00 8.13  ? 275 ARG A O   1 
ATOM   571  C  CB  . ARG A 1 72  ? -11.100 -3.313  3.661   1.00 8.66  ? 275 ARG A CB  1 
ATOM   572  C  CG  . ARG A 1 72  ? -10.966 -4.801  3.413   1.00 9.09  ? 275 ARG A CG  1 
ATOM   573  C  CD  . ARG A 1 72  ? -12.285 -5.504  3.518   1.00 10.02 ? 275 ARG A CD  1 
ATOM   574  N  NE  . ARG A 1 72  ? -12.715 -5.801  4.879   1.00 10.23 ? 275 ARG A NE  1 
ATOM   575  C  CZ  . ARG A 1 72  ? -13.764 -5.268  5.497   1.00 9.60  ? 275 ARG A CZ  1 
ATOM   576  N  NH1 . ARG A 1 72  ? -14.423 -4.256  4.975   1.00 9.72  ? 275 ARG A NH1 1 
ATOM   577  N  NH2 . ARG A 1 72  ? -14.156 -5.725  6.686   1.00 10.78 ? 275 ARG A NH2 1 
ATOM   578  N  N   . PHE A 1 73  ? -9.321  -2.503  6.108   1.00 7.95  ? 276 PHE A N   1 
ATOM   579  C  CA  . PHE A 1 73  ? -9.017  -3.117  7.405   1.00 8.65  ? 276 PHE A CA  1 
ATOM   580  C  C   . PHE A 1 73  ? -10.178 -4.034  7.790   1.00 9.74  ? 276 PHE A C   1 
ATOM   581  O  O   . PHE A 1 73  ? -11.341 -3.792  7.434   1.00 10.21 ? 276 PHE A O   1 
ATOM   582  C  CB  . PHE A 1 73  ? -8.897  -2.063  8.510   1.00 9.36  ? 276 PHE A CB  1 
ATOM   583  C  CG  . PHE A 1 73  ? -7.643  -1.261  8.566   1.00 10.39 ? 276 PHE A CG  1 
ATOM   584  C  CD1 . PHE A 1 73  ? -6.441  -1.832  8.946   1.00 10.61 ? 276 PHE A CD1 1 
ATOM   585  C  CD2 . PHE A 1 73  ? -7.697  0.109   8.375   1.00 10.87 ? 276 PHE A CD2 1 
ATOM   586  C  CE1 . PHE A 1 73  ? -5.298  -1.055  9.038   1.00 11.39 ? 276 PHE A CE1 1 
ATOM   587  C  CE2 . PHE A 1 73  ? -6.557  0.884   8.460   1.00 10.58 ? 276 PHE A CE2 1 
ATOM   588  C  CZ  . PHE A 1 73  ? -5.372  0.311   8.838   1.00 10.37 ? 276 PHE A CZ  1 
ATOM   589  N  N   . LYS A 1 74  ? -9.858  -5.087  8.532   1.00 10.54 ? 277 LYS A N   1 
ATOM   590  C  CA  . LYS A 1 74  ? -10.845 -6.160  8.858   1.00 11.58 ? 277 LYS A CA  1 
ATOM   591  C  C   . LYS A 1 74  ? -12.037 -5.591  9.652   1.00 11.43 ? 277 LYS A C   1 
ATOM   592  O  O   . LYS A 1 74  ? -13.180 -6.100  9.502   1.00 12.04 ? 277 LYS A O   1 
ATOM   593  C  CB  . LYS A 1 74  ? -10.118 -7.256  9.620   1.00 13.48 ? 277 LYS A CB  1 
ATOM   594  C  CG  . LYS A 1 74  ? -11.002 -8.447  9.985   1.00 16.41 ? 277 LYS A CG  1 
ATOM   595  C  CD  . LYS A 1 74  ? -10.277 -9.424  10.903  1.00 20.45 ? 277 LYS A CD  1 
ATOM   596  C  CE  . LYS A 1 74  ? -11.176 -10.573 11.317  1.00 26.55 ? 277 LYS A CE  1 
ATOM   597  N  NZ  . LYS A 1 74  ? -10.414 -11.729 11.857  1.00 31.67 ? 277 LYS A NZ  1 
ATOM   598  N  N   . SER A 1 75  ? -11.806 -4.578  10.449  1.00 10.62 ? 278 SER A N   1 
ATOM   599  C  CA  . SER A 1 75  ? -12.834 -3.986  11.359  1.00 11.11 ? 278 SER A CA  1 
ATOM   600  C  C   . SER A 1 75  ? -13.804 -3.111  10.575  1.00 11.90 ? 278 SER A C   1 
ATOM   601  O  O   . SER A 1 75  ? -14.877 -2.700  11.145  1.00 13.14 ? 278 SER A O   1 
ATOM   602  C  CB  . SER A 1 75  ? -12.199 -3.252  12.493  1.00 11.98 ? 278 SER A CB  1 
ATOM   603  O  OG  . SER A 1 75  ? -11.540 -2.098  12.067  1.00 13.59 ? 278 SER A OG  1 
ATOM   604  N  N   . TRP A 1 76  ? -13.520 -2.758  9.328   1.00 10.92 ? 279 TRP A N   1 
ATOM   605  C  CA  . TRP A 1 76  ? -14.480 -1.948  8.546   1.00 10.65 ? 279 TRP A CA  1 
ATOM   606  C  C   . TRP A 1 76  ? -15.756 -2.746  8.306   1.00 11.00 ? 279 TRP A C   1 
ATOM   607  O  O   . TRP A 1 76  ? -15.745 -3.970  8.352   1.00 11.92 ? 279 TRP A O   1 
ATOM   608  C  CB  . TRP A 1 76  ? -13.847 -1.490  7.235   1.00 10.08 ? 279 TRP A CB  1 
ATOM   609  C  CG  . TRP A 1 76  ? -12.736 -0.503  7.368   1.00 9.28  ? 279 TRP A CG  1 
ATOM   610  C  CD1 . TRP A 1 76  ? -12.179 0.004   8.516   1.00 9.83  ? 279 TRP A CD1 1 
ATOM   611  C  CD2 . TRP A 1 76  ? -12.007 0.094   6.289   1.00 8.64  ? 279 TRP A CD2 1 
ATOM   612  N  NE1 . TRP A 1 76  ? -11.137 0.846   8.214   1.00 9.47  ? 279 TRP A NE1 1 
ATOM   613  C  CE2 . TRP A 1 76  ? -11.044 0.958   6.849   1.00 8.67  ? 279 TRP A CE2 1 
ATOM   614  C  CE3 . TRP A 1 76  ? -12.063 -0.023  4.890   1.00 8.11  ? 279 TRP A CE3 1 
ATOM   615  C  CZ2 . TRP A 1 76  ? -10.152 1.690   6.059   1.00 8.97  ? 279 TRP A CZ2 1 
ATOM   616  C  CZ3 . TRP A 1 76  ? -11.193 0.721   4.127   1.00 7.88  ? 279 TRP A CZ3 1 
ATOM   617  C  CH2 . TRP A 1 76  ? -10.250 1.567   4.689   1.00 8.47  ? 279 TRP A CH2 1 
ATOM   618  N  N   . PRO A 1 77  ? -16.884 -2.060  8.004   1.00 13.38 ? 280 PRO A N   1 
ATOM   619  C  CA  . PRO A 1 77  ? -18.128 -2.755  7.706   1.00 15.31 ? 280 PRO A CA  1 
ATOM   620  C  C   . PRO A 1 77  ? -17.859 -3.781  6.604   1.00 16.09 ? 280 PRO A C   1 
ATOM   621  O  O   . PRO A 1 77  ? -17.144 -3.468  5.650   1.00 12.87 ? 280 PRO A O   1 
ATOM   622  C  CB  . PRO A 1 77  ? -19.091 -1.642  7.284   1.00 16.13 ? 280 PRO A CB  1 
ATOM   623  C  CG  . PRO A 1 77  ? -18.507 -0.372  7.823   1.00 16.66 ? 280 PRO A CG  1 
ATOM   624  C  CD  . PRO A 1 77  ? -17.022 -0.607  7.964   1.00 14.72 ? 280 PRO A CD  1 
ATOM   625  N  N   . GLU A 1 78  ? -18.409 -4.988  6.725   1.00 17.39 ? 281 GLU A N   1 
ATOM   626  C  CA  . GLU A 1 78  ? -18.119 -6.067  5.760   1.00 17.24 ? 281 GLU A CA  1 
ATOM   627  C  C   . GLU A 1 78  ? -18.432 -5.594  4.332   1.00 14.92 ? 281 GLU A C   1 
ATOM   628  O  O   . GLU A 1 78  ? -19.484 -5.009  4.110   1.00 14.53 ? 281 GLU A O   1 
ATOM   629  C  CB  . GLU A 1 78  ? -18.929 -7.329  6.068   1.00 23.26 ? 281 GLU A CB  1 
ATOM   630  C  CG  . GLU A 1 78  ? -18.086 -8.429  6.637   1.00 27.30 ? 281 GLU A CG  1 
ATOM   631  C  CD  . GLU A 1 78  ? -18.883 -9.631  7.111   1.00 32.26 ? 281 GLU A CD  1 
ATOM   632  O  OE1 . GLU A 1 78  ? -19.898 -9.980  6.428   1.00 30.70 ? 281 GLU A OE1 1 
ATOM   633  O  OE2 . GLU A 1 78  ? -18.497 -10.180 8.180   1.00 39.12 ? 281 GLU A OE2 1 
ATOM   634  N  N   . GLY A 1 79  ? -17.539 -5.849  3.391   1.00 14.53 ? 282 GLY A N   1 
ATOM   635  C  CA  . GLY A 1 79  ? -17.744 -5.519  1.971   1.00 12.23 ? 282 GLY A CA  1 
ATOM   636  C  C   . GLY A 1 79  ? -17.360 -4.090  1.654   1.00 12.06 ? 282 GLY A C   1 
ATOM   637  O  O   . GLY A 1 79  ? -17.422 -3.709  0.491   1.00 12.49 ? 282 GLY A O   1 
ATOM   638  N  N   . HIS A 1 80  ? -16.983 -3.291  2.658   1.00 11.01 ? 283 HIS A N   1 
ATOM   639  C  CA  . HIS A 1 80  ? -16.551 -1.894  2.410   1.00 10.43 ? 283 HIS A CA  1 
ATOM   640  C  C   . HIS A 1 80  ? -15.063 -1.867  2.062   1.00 9.79  ? 283 HIS A C   1 
ATOM   641  O  O   . HIS A 1 80  ? -14.245 -2.330  2.891   1.00 9.82  ? 283 HIS A O   1 
ATOM   642  C  CB  . HIS A 1 80  ? -16.816 -1.006  3.618   1.00 10.98 ? 283 HIS A CB  1 
ATOM   643  C  CG  . HIS A 1 80  ? -16.561 0.424   3.297   1.00 11.75 ? 283 HIS A CG  1 
ATOM   644  N  ND1 . HIS A 1 80  ? -17.584 1.262   2.952   1.00 14.99 ? 283 HIS A ND1 1 
ATOM   645  C  CD2 . HIS A 1 80  ? -15.416 1.130   3.140   1.00 10.97 ? 283 HIS A CD2 1 
ATOM   646  C  CE1 . HIS A 1 80  ? -17.094 2.453   2.633   1.00 15.79 ? 283 HIS A CE1 1 
ATOM   647  N  NE2 . HIS A 1 80  ? -15.760 2.397   2.745   1.00 12.63 ? 283 HIS A NE2 1 
ATOM   648  N  N   . PHE A 1 81  ? -14.741 -1.367  0.863   1.00 9.13  ? 284 PHE A N   1 
ATOM   649  C  CA  . PHE A 1 81  ? -13.346 -1.240  0.392   1.00 8.25  ? 284 PHE A CA  1 
ATOM   650  C  C   . PHE A 1 81  ? -13.074 0.199   0.060   1.00 8.14  ? 284 PHE A C   1 
ATOM   651  O  O   . PHE A 1 81  ? -13.866 0.873   -0.604  1.00 9.23  ? 284 PHE A O   1 
ATOM   652  C  CB  . PHE A 1 81  ? -13.089 -2.082  -0.855  1.00 8.95  ? 284 PHE A CB  1 
ATOM   653  C  CG  . PHE A 1 81  ? -13.214 -3.567  -0.647  1.00 9.45  ? 284 PHE A CG  1 
ATOM   654  C  CD1 . PHE A 1 81  ? -14.424 -4.199  -0.839  1.00 9.37  ? 284 PHE A CD1 1 
ATOM   655  C  CD2 . PHE A 1 81  ? -12.138 -4.289  -0.201  1.00 9.14  ? 284 PHE A CD2 1 
ATOM   656  C  CE1 . PHE A 1 81  ? -14.549 -5.573  -0.640  1.00 10.15 ? 284 PHE A CE1 1 
ATOM   657  C  CE2 . PHE A 1 81  ? -12.264 -5.657  -0.019  1.00 10.26 ? 284 PHE A CE2 1 
ATOM   658  C  CZ  . PHE A 1 81  ? -13.471 -6.293  -0.222  1.00 9.92  ? 284 PHE A CZ  1 
ATOM   659  N  N   . ALA A 1 82  ? -11.918 0.654   0.490   1.00 6.77  ? 285 ALA A N   1 
ATOM   660  C  CA  . ALA A 1 82  ? -11.303 1.867   -0.042  1.00 6.94  ? 285 ALA A CA  1 
ATOM   661  C  C   . ALA A 1 82  ? -10.690 1.565   -1.409  1.00 6.54  ? 285 ALA A C   1 
ATOM   662  O  O   . ALA A 1 82  ? -10.408 0.379   -1.708  1.00 7.62  ? 285 ALA A O   1 
ATOM   663  C  CB  . ALA A 1 82  ? -10.253 2.395   0.887   1.00 7.01  ? 285 ALA A CB  1 
ATOM   664  N  N   . THR A 1 83  ? -10.515 2.569   -2.258  1.00 7.23  ? 286 THR A N   1 
ATOM   665  C  CA  . THR A 1 83  ? -9.726  2.451   -3.495  1.00 7.32  ? 286 THR A CA  1 
ATOM   666  C  C   . THR A 1 83  ? -8.427  3.185   -3.264  1.00 7.19  ? 286 THR A C   1 
ATOM   667  O  O   . THR A 1 83  ? -8.473  4.425   -3.074  1.00 8.38  ? 286 THR A O   1 
ATOM   668  C  CB  . THR A 1 83  ? -10.506 2.945   -4.708  1.00 8.32  ? 286 THR A CB  1 
ATOM   669  O  OG1 . THR A 1 83  ? -11.757 2.263   -4.735  1.00 9.57  ? 286 THR A OG1 1 
ATOM   670  C  CG2 . THR A 1 83  ? -9.818  2.705   -6.033  1.00 9.34  ? 286 THR A CG2 1 
ATOM   671  N  N   . ILE A 1 84  ? -7.317  2.475   -3.365  1.00 7.14  ? 287 ILE A N   1 
ATOM   672  C  CA  . ILE A 1 84  ? -5.988  3.062   -3.131  1.00 8.21  ? 287 ILE A CA  1 
ATOM   673  C  C   . ILE A 1 84  ? -5.213  3.012   -4.427  1.00 7.57  ? 287 ILE A C   1 
ATOM   674  O  O   . ILE A 1 84  ? -5.114  1.906   -5.029  1.00 8.10  ? 287 ILE A O   1 
ATOM   675  C  CB  . ILE A 1 84  ? -5.274  2.365   -1.972  1.00 9.98  ? 287 ILE A CB  1 
ATOM   676  C  CG1 . ILE A 1 84  ? -6.005  2.692   -0.654  1.00 12.31 ? 287 ILE A CG1 1 
ATOM   677  C  CG2 . ILE A 1 84  ? -3.807  2.769   -1.956  1.00 10.57 ? 287 ILE A CG2 1 
ATOM   678  C  CD1 . ILE A 1 84  ? -5.477  2.063   0.554   1.00 13.83 ? 287 ILE A CD1 1 
ATOM   679  N  N   . THR A 1 85  ? -4.720  4.156   -4.853  1.00 7.71  ? 288 THR A N   1 
ATOM   680  C  CA  . THR A 1 85  ? -3.894  4.301   -6.062  1.00 8.28  ? 288 THR A CA  1 
ATOM   681  C  C   . THR A 1 85  ? -2.482  4.697   -5.648  1.00 8.57  ? 288 THR A C   1 
ATOM   682  O  O   . THR A 1 85  ? -2.336  5.705   -4.922  1.00 9.28  ? 288 THR A O   1 
ATOM   683  C  CB  . THR A 1 85  ? -4.493  5.326   -7.027  1.00 9.30  ? 288 THR A CB  1 
ATOM   684  O  OG1 . THR A 1 85  ? -5.838  4.904   -7.312  1.00 10.58 ? 288 THR A OG1 1 
ATOM   685  C  CG2 . THR A 1 85  ? -3.680  5.444   -8.290  1.00 10.67 ? 288 THR A CG2 1 
ATOM   686  N  N   . LEU A 1 86  ? -1.488  3.947   -6.114  1.00 8.65  ? 289 LEU A N   1 
ATOM   687  C  CA  . LEU A 1 86  ? -0.061  4.221   -5.860  1.00 8.68  ? 289 LEU A CA  1 
ATOM   688  C  C   . LEU A 1 86  ? 0.579   4.533   -7.188  1.00 9.06  ? 289 LEU A C   1 
ATOM   689  O  O   . LEU A 1 86  ? 0.469   3.681   -8.107  1.00 9.47  ? 289 LEU A O   1 
ATOM   690  C  CB  . LEU A 1 86  ? 0.655   3.034   -5.211  1.00 9.01  ? 289 LEU A CB  1 
ATOM   691  C  CG  . LEU A 1 86  ? 0.114   2.533   -3.888  1.00 9.38  ? 289 LEU A CG  1 
ATOM   692  C  CD1 . LEU A 1 86  ? 0.862   1.309   -3.438  1.00 10.97 ? 289 LEU A CD1 1 
ATOM   693  C  CD2 . LEU A 1 86  ? 0.227   3.621   -2.802  1.00 9.81  ? 289 LEU A CD2 1 
ATOM   694  N  N   . THR A 1 87  ? 1.186   5.694   -7.323  1.00 9.88  ? 290 THR A N   1 
ATOM   695  C  CA  . THR A 1 87  ? 1.860   6.109   -8.555  1.00 10.17 ? 290 THR A CA  1 
ATOM   696  C  C   . THR A 1 87  ? 3.345   6.274   -8.253  1.00 10.06 ? 290 THR A C   1 
ATOM   697  O  O   . THR A 1 87  ? 3.675   6.894   -7.242  1.00 9.89  ? 290 THR A O   1 
ATOM   698  C  CB  . THR A 1 87  ? 1.262   7.405   -9.115  1.00 12.68 ? 290 THR A CB  1 
ATOM   699  O  OG1 . THR A 1 87  ? -0.154  7.208   -9.308  1.00 14.83 ? 290 THR A OG1 1 
ATOM   700  C  CG2 . THR A 1 87  ? 1.900   7.802   -10.423 1.00 14.41 ? 290 THR A CG2 1 
ATOM   701  N  N   . PHE A 1 88  ? 4.180   5.671   -9.075  1.00 10.00 ? 291 PHE A N   1 
ATOM   702  C  CA  . PHE A 1 88  ? 5.643   5.639   -8.882  1.00 11.20 ? 291 PHE A CA  1 
ATOM   703  C  C   . PHE A 1 88  ? 6.300   6.548   -9.922  1.00 12.28 ? 291 PHE A C   1 
ATOM   704  O  O   . PHE A 1 88  ? 6.079   6.315   -11.141 1.00 15.17 ? 291 PHE A O   1 
ATOM   705  C  CB  . PHE A 1 88  ? 6.144   4.211   -9.027  1.00 10.78 ? 291 PHE A CB  1 
ATOM   706  C  CG  . PHE A 1 88  ? 5.566   3.205   -8.077  1.00 10.22 ? 291 PHE A CG  1 
ATOM   707  C  CD1 . PHE A 1 88  ? 4.271   2.729   -8.214  1.00 10.53 ? 291 PHE A CD1 1 
ATOM   708  C  CD2 . PHE A 1 88  ? 6.314   2.682   -7.036  1.00 10.47 ? 291 PHE A CD2 1 
ATOM   709  C  CE1 . PHE A 1 88  ? 3.733   1.828   -7.317  1.00 10.43 ? 291 PHE A CE1 1 
ATOM   710  C  CE2 . PHE A 1 88  ? 5.792   1.743   -6.177  1.00 10.47 ? 291 PHE A CE2 1 
ATOM   711  C  CZ  . PHE A 1 88  ? 4.491   1.328   -6.295  1.00 10.07 ? 291 PHE A CZ  1 
ATOM   712  N  N   . ILE A 1 89  ? 7.045   7.540   -9.467  1.00 13.65 ? 292 ILE A N   1 
ATOM   713  C  CA  . ILE A 1 89  ? 7.697   8.521   -10.374 1.00 15.32 ? 292 ILE A CA  1 
ATOM   714  C  C   . ILE A 1 89  ? 9.189   8.474   -10.084 1.00 14.03 ? 292 ILE A C   1 
ATOM   715  O  O   . ILE A 1 89  ? 9.575   8.607   -8.910  1.00 15.48 ? 292 ILE A O   1 
ATOM   716  C  CB  . ILE A 1 89  ? 7.118   9.934   -10.158 1.00 17.87 ? 292 ILE A CB  1 
ATOM   717  C  CG1 . ILE A 1 89  ? 5.632   9.990   -10.526 1.00 21.39 ? 292 ILE A CG1 1 
ATOM   718  C  CG2 . ILE A 1 89  ? 7.928   10.967  -10.939 1.00 20.30 ? 292 ILE A CG2 1 
ATOM   719  C  CD1 . ILE A 1 89  ? 5.391   9.631   -11.964 1.00 23.10 ? 292 ILE A CD1 1 
ATOM   720  N  N   . ASP A 1 90  ? 9.987   8.295   -11.131 1.00 15.51 ? 293 ASP A N   1 
ATOM   721  C  CA  . ASP A 1 90  ? 11.465  8.392   -11.038 1.00 16.56 ? 293 ASP A CA  1 
ATOM   722  C  C   . ASP A 1 90  ? 11.871  9.858   -10.933 1.00 17.93 ? 293 ASP A C   1 
ATOM   723  O  O   . ASP A 1 90  ? 11.530  10.637  -11.832 1.00 16.32 ? 293 ASP A O   1 
ATOM   724  C  CB  . ASP A 1 90  ? 12.157  7.698   -12.204 1.00 18.00 ? 293 ASP A CB  1 
ATOM   725  C  CG  . ASP A 1 90  ? 13.669  7.631   -12.024 1.00 21.62 ? 293 ASP A CG  1 
ATOM   726  O  OD1 . ASP A 1 90  ? 14.273  8.679   -11.727 1.00 22.89 ? 293 ASP A OD1 1 
ATOM   727  O  OD2 . ASP A 1 90  ? 14.217  6.517   -12.118 1.00 27.73 ? 293 ASP A OD2 1 
ATOM   728  N  N   . LYS A 1 91  ? 12.568  10.229  -9.866  1.00 17.53 ? 294 LYS A N   1 
ATOM   729  C  CA  . LYS A 1 91  ? 13.111  11.588  -9.651  1.00 22.57 ? 294 LYS A CA  1 
ATOM   730  C  C   . LYS A 1 91  ? 14.610  11.384  -9.396  1.00 21.66 ? 294 LYS A C   1 
ATOM   731  O  O   . LYS A 1 91  ? 14.990  11.073  -8.249  1.00 21.19 ? 294 LYS A O   1 
ATOM   732  C  CB  . LYS A 1 91  ? 12.343  12.305  -8.532  1.00 26.63 ? 294 LYS A CB  1 
ATOM   733  C  CG  . LYS A 1 91  ? 12.026  13.774  -8.803  1.00 33.72 ? 294 LYS A CG  1 
ATOM   734  C  CD  . LYS A 1 91  ? 11.446  14.601  -7.641  1.00 35.20 ? 294 LYS A CD  1 
ATOM   735  C  CE  . LYS A 1 91  ? 10.316  13.955  -6.846  1.00 34.39 ? 294 LYS A CE  1 
ATOM   736  N  NZ  . LYS A 1 91  ? 9.159   13.581  -7.690  1.00 38.02 ? 294 LYS A NZ  1 
ATOM   737  N  N   . ASN A 1 92  ? 15.437  11.452  -10.440 1.00 23.20 ? 295 ASN A N   1 
ATOM   738  C  CA  . ASN A 1 92  ? 16.906  11.330  -10.258 1.00 22.26 ? 295 ASN A CA  1 
ATOM   739  C  C   . ASN A 1 92  ? 17.227  9.942   -9.679  1.00 20.77 ? 295 ASN A C   1 
ATOM   740  O  O   . ASN A 1 92  ? 18.132  9.842   -8.812  1.00 21.63 ? 295 ASN A O   1 
ATOM   741  C  CB  . ASN A 1 92  ? 17.398  12.459  -9.343  1.00 25.39 ? 295 ASN A CB  1 
ATOM   742  C  CG  . ASN A 1 92  ? 17.216  13.829  -9.968  1.00 29.36 ? 295 ASN A CG  1 
ATOM   743  O  OD1 . ASN A 1 92  ? 17.403  14.001  -11.173 1.00 32.23 ? 295 ASN A OD1 1 
ATOM   744  N  ND2 . ASN A 1 92  ? 16.888  14.816  -9.155  1.00 32.56 ? 295 ASN A ND2 1 
ATOM   745  N  N   . GLY A 1 93  ? 16.536  8.892   -10.131 1.00 18.21 ? 296 GLY A N   1 
ATOM   746  C  CA  . GLY A 1 93  ? 16.806  7.507   -9.686  1.00 17.18 ? 296 GLY A CA  1 
ATOM   747  C  C   . GLY A 1 93  ? 16.314  7.192   -8.271  1.00 15.21 ? 296 GLY A C   1 
ATOM   748  O  O   . GLY A 1 93  ? 16.498  6.036   -7.841  1.00 15.52 ? 296 GLY A O   1 
ATOM   749  N  N   . GLU A 1 94  ? 15.659  8.160   -7.640  1.00 14.70 ? 297 GLU A N   1 
ATOM   750  C  CA  . GLU A 1 94  ? 14.864  7.987   -6.401  1.00 14.07 ? 297 GLU A CA  1 
ATOM   751  C  C   . GLU A 1 94  ? 13.407  7.853   -6.824  1.00 13.81 ? 297 GLU A C   1 
ATOM   752  O  O   . GLU A 1 94  ? 13.082  8.142   -7.987  1.00 16.94 ? 297 GLU A O   1 
ATOM   753  C  CB  . GLU A 1 94  ? 15.025  9.165   -5.451  1.00 13.38 ? 297 GLU A CB  1 
ATOM   754  C  CG  . GLU A 1 94  ? 16.459  9.407   -5.038  1.00 16.29 ? 297 GLU A CG  1 
ATOM   755  C  CD  . GLU A 1 94  ? 16.675  10.652  -4.221  1.00 18.09 ? 297 GLU A CD  1 
ATOM   756  O  OE1 . GLU A 1 94  ? 15.708  11.285  -3.777  1.00 19.89 ? 297 GLU A OE1 1 
ATOM   757  O  OE2 . GLU A 1 94  ? 17.876  11.003  -4.008  1.00 20.69 ? 297 GLU A OE2 1 
ATOM   758  N  N   . THR A 1 95  ? 12.550  7.402   -5.933  1.00 11.21 ? 298 THR A N   1 
ATOM   759  C  CA  . THR A 1 95  ? 11.135  7.177   -6.283  1.00 11.22 ? 298 THR A CA  1 
ATOM   760  C  C   . THR A 1 95  ? 10.289  8.128   -5.437  1.00 10.98 ? 298 THR A C   1 
ATOM   761  O  O   . THR A 1 95  ? 10.338  8.103   -4.210  1.00 10.75 ? 298 THR A O   1 
ATOM   762  C  CB  . THR A 1 95  ? 10.693  5.736   -6.098  1.00 11.97 ? 298 THR A CB  1 
ATOM   763  O  OG1 . THR A 1 95  ? 11.491  4.862   -6.913  1.00 13.75 ? 298 THR A OG1 1 
ATOM   764  C  CG2 . THR A 1 95  ? 9.229   5.575   -6.454  1.00 12.46 ? 298 THR A CG2 1 
ATOM   765  N  N   . GLU A 1 96  ? 9.493   8.940   -6.126  1.00 10.85 ? 299 GLU A N   1 
ATOM   766  C  CA  . GLU A 1 96  ? 8.395   9.696   -5.490  1.00 12.19 ? 299 GLU A CA  1 
ATOM   767  C  C   . GLU A 1 96  ? 7.147   8.815   -5.596  1.00 10.99 ? 299 GLU A C   1 
ATOM   768  O  O   . GLU A 1 96  ? 6.756   8.461   -6.714  1.00 13.19 ? 299 GLU A O   1 
ATOM   769  C  CB  . GLU A 1 96  ? 8.164   11.029  -6.178  1.00 16.22 ? 299 GLU A CB  1 
ATOM   770  C  CG  . GLU A 1 96  ? 7.205   11.910  -5.413  1.00 22.44 ? 299 GLU A CG  1 
ATOM   771  C  CD  . GLU A 1 96  ? 6.591   13.070  -6.188  1.00 27.98 ? 299 GLU A CD  1 
ATOM   772  O  OE1 . GLU A 1 96  ? 5.940   12.845  -7.246  1.00 34.90 ? 299 GLU A OE1 1 
ATOM   773  O  OE2 . GLU A 1 96  ? 6.815   14.196  -5.754  1.00 36.80 ? 299 GLU A OE2 1 
ATOM   774  N  N   . LEU A 1 97  ? 6.657   8.396   -4.455  1.00 9.40  ? 300 LEU A N   1 
ATOM   775  C  CA  . LEU A 1 97  ? 5.423   7.584   -4.373  1.00 9.99  ? 300 LEU A CA  1 
ATOM   776  C  C   . LEU A 1 97  ? 4.275   8.512   -4.005  1.00 10.21 ? 300 LEU A C   1 
ATOM   777  O  O   . LEU A 1 97  ? 4.367   9.199   -2.976  1.00 11.45 ? 300 LEU A O   1 
ATOM   778  C  CB  . LEU A 1 97  ? 5.599   6.503   -3.320  1.00 9.76  ? 300 LEU A CB  1 
ATOM   779  C  CG  . LEU A 1 97  ? 4.427   5.521   -3.224  1.00 10.87 ? 300 LEU A CG  1 
ATOM   780  C  CD1 . LEU A 1 97  ? 4.275   4.721   -4.500  1.00 11.67 ? 300 LEU A CD1 1 
ATOM   781  C  CD2 . LEU A 1 97  ? 4.653   4.633   -2.048  1.00 12.34 ? 300 LEU A CD2 1 
ATOM   782  N  N   . CYS A 1 98  ? 3.233   8.520   -4.824  1.00 10.26 ? 301 CYS A N   1 
ATOM   783  C  CA  . CYS A 1 98  ? 2.004   9.269   -4.542  1.00 12.20 ? 301 CYS A CA  1 
ATOM   784  C  C   . CYS A 1 98  ? 0.917   8.248   -4.213  1.00 11.89 ? 301 CYS A C   1 
ATOM   785  O  O   . CYS A 1 98  ? 0.681   7.312   -5.038  1.00 11.91 ? 301 CYS A O   1 
ATOM   786  C  CB  . CYS A 1 98  ? 1.578   10.139  -5.697  1.00 13.06 ? 301 CYS A CB  1 
ATOM   787  S  SG  . CYS A 1 98  ? 0.048   10.991  -5.228  1.00 23.87 ? 301 CYS A SG  1 
ATOM   788  N  N   . MET A 1 99  ? 0.377   8.315   -3.012  1.00 11.12 ? 302 MET A N   1 
ATOM   789  C  CA  . MET A 1 99  ? -0.720  7.445   -2.539  1.00 10.22 ? 302 MET A CA  1 
ATOM   790  C  C   . MET A 1 99  ? -1.992  8.277   -2.478  1.00 10.86 ? 302 MET A C   1 
ATOM   791  O  O   . MET A 1 99  ? -1.992  9.358   -1.887  1.00 10.89 ? 302 MET A O   1 
ATOM   792  C  CB  . MET A 1 99  ? -0.392  6.826   -1.185  1.00 11.35 ? 302 MET A CB  1 
ATOM   793  C  CG  . MET A 1 99  ? -1.437  5.946   -0.577  1.00 11.97 ? 302 MET A CG  1 
ATOM   794  S  SD  . MET A 1 99  ? -2.646  7.011   0.315   1.00 14.05 ? 302 MET A SD  1 
ATOM   795  C  CE  . MET A 1 99  ? -3.701  5.735   0.959   1.00 13.20 ? 302 MET A CE  1 
ATOM   796  N  N   . GLU A 1 100 ? -3.038  7.800   -3.117  1.00 9.46  ? 303 GLU A N   1 
ATOM   797  C  CA  . GLU A 1 100 ? -4.365  8.412   -2.966  1.00 11.24 ? 303 GLU A CA  1 
ATOM   798  C  C   . GLU A 1 100 ? -5.283  7.349   -2.414  1.00 10.21 ? 303 GLU A C   1 
ATOM   799  O  O   . GLU A 1 100 ? -5.306  6.258   -2.988  1.00 11.06 ? 303 GLU A O   1 
ATOM   800  C  CB  . GLU A 1 100 ? -4.867  8.929   -4.299  1.00 14.69 ? 303 GLU A CB  1 
ATOM   801  C  CG  . GLU A 1 100 ? -4.114  10.139  -4.832  1.00 23.06 ? 303 GLU A CG  1 
ATOM   802  C  CD  . GLU A 1 100 ? -5.112  11.131  -5.423  1.00 30.82 ? 303 GLU A CD  1 
ATOM   803  O  OE1 . GLU A 1 100 ? -6.068  10.652  -6.131  1.00 34.80 ? 303 GLU A OE1 1 
ATOM   804  O  OE2 . GLU A 1 100 ? -5.022  12.369  -5.078  1.00 35.11 ? 303 GLU A OE2 1 
ATOM   805  N  N   . GLY A 1 101 ? -6.028  7.640   -1.382  1.00 8.38  ? 304 GLY A N   1 
ATOM   806  C  CA  . GLY A 1 101 ? -7.014  6.721   -0.836  1.00 8.27  ? 304 GLY A CA  1 
ATOM   807  C  C   . GLY A 1 101 ? -8.361  7.356   -0.869  1.00 8.39  ? 304 GLY A C   1 
ATOM   808  O  O   . GLY A 1 101 ? -8.539  8.401   -0.284  1.00 8.80  ? 304 GLY A O   1 
ATOM   809  N  N   . ARG A 1 102 ? -9.292  6.710   -1.528  1.00 8.51  ? 305 ARG A N   1 
ATOM   810  C  CA  . ARG A 1 102 ? -10.695 7.158   -1.615  1.00 9.62  ? 305 ARG A CA  1 
ATOM   811  C  C   . ARG A 1 102 ? -11.573 6.153   -0.879  1.00 7.77  ? 305 ARG A C   1 
ATOM   812  O  O   . ARG A 1 102 ? -11.244 4.963   -0.866  1.00 8.16  ? 305 ARG A O   1 
ATOM   813  C  CB  . ARG A 1 102 ? -11.142 7.253   -3.078  1.00 11.83 ? 305 ARG A CB  1 
ATOM   814  C  CG  . ARG A 1 102 ? -10.479 8.381   -3.838  1.00 16.36 ? 305 ARG A CG  1 
ATOM   815  C  CD  . ARG A 1 102 ? -11.473 9.339   -4.471  1.00 22.69 ? 305 ARG A CD  1 
ATOM   816  N  NE  . ARG A 1 102 ? -12.349 8.810   -5.526  1.00 25.00 ? 305 ARG A NE  1 
ATOM   817  C  CZ  . ARG A 1 102 ? -13.657 8.558   -5.430  1.00 26.70 ? 305 ARG A CZ  1 
ATOM   818  N  NH1 . ARG A 1 102 ? -14.325 8.742   -4.305  1.00 26.83 ? 305 ARG A NH1 1 
ATOM   819  N  NH2 . ARG A 1 102 ? -14.306 8.118   -6.491  1.00 31.83 ? 305 ARG A NH2 1 
ATOM   820  N  N   . GLY A 1 103 ? -12.687 6.561   -0.343  1.00 7.26  ? 306 GLY A N   1 
ATOM   821  C  CA  . GLY A 1 103 ? -13.677 5.639   0.209   1.00 7.17  ? 306 GLY A CA  1 
ATOM   822  C  C   . GLY A 1 103 ? -13.257 5.080   1.570   1.00 7.47  ? 306 GLY A C   1 
ATOM   823  O  O   . GLY A 1 103 ? -13.759 4.046   1.995   1.00 8.72  ? 306 GLY A O   1 
ATOM   824  N  N   . ILE A 1 104 ? -12.423 5.818   2.273   1.00 8.11  ? 307 ILE A N   1 
ATOM   825  C  CA  . ILE A 1 104 ? -11.972 5.412   3.629   1.00 8.09  ? 307 ILE A CA  1 
ATOM   826  C  C   . ILE A 1 104 ? -13.057 5.827   4.605   1.00 8.48  ? 307 ILE A C   1 
ATOM   827  O  O   . ILE A 1 104 ? -13.433 7.010   4.611   1.00 8.29  ? 307 ILE A O   1 
ATOM   828  C  CB  . ILE A 1 104 ? -10.650 6.094   3.953   1.00 8.08  ? 307 ILE A CB  1 
ATOM   829  C  CG1 . ILE A 1 104 ? -9.512  5.609   3.041   1.00 8.94  ? 307 ILE A CG1 1 
ATOM   830  C  CG2 . ILE A 1 104 ? -10.301 5.886   5.422   1.00 8.11  ? 307 ILE A CG2 1 
ATOM   831  C  CD1 . ILE A 1 104 ? -8.395  6.601   2.997   1.00 10.09 ? 307 ILE A CD1 1 
ATOM   832  N  N   . PRO A 1 105 ? -13.590 4.927   5.444   1.00 8.15  ? 308 PRO A N   1 
ATOM   833  C  CA  . PRO A 1 105 ? -14.593 5.333   6.429   1.00 9.37  ? 308 PRO A CA  1 
ATOM   834  C  C   . PRO A 1 105 ? -14.052 6.545   7.196   1.00 9.59  ? 308 PRO A C   1 
ATOM   835  O  O   . PRO A 1 105 ? -12.937 6.566   7.688   1.00 10.38 ? 308 PRO A O   1 
ATOM   836  C  CB  . PRO A 1 105 ? -14.797 4.082   7.299   1.00 8.86  ? 308 PRO A CB  1 
ATOM   837  C  CG  . PRO A 1 105 ? -14.420 2.952   6.368   1.00 8.65  ? 308 PRO A CG  1 
ATOM   838  C  CD  . PRO A 1 105 ? -13.257 3.504   5.564   1.00 8.42  ? 308 PRO A CD  1 
ATOM   839  N  N   . ALA A 1 106 ? -14.888 7.569   7.360   1.00 9.67  ? 309 ALA A N   1 
ATOM   840  C  CA  . ALA A 1 106 ? -14.431 8.835   7.950   1.00 10.66 ? 309 ALA A CA  1 
ATOM   841  C  C   . ALA A 1 106 ? -13.861 8.644   9.353   1.00 10.97 ? 309 ALA A C   1 
ATOM   842  O  O   . ALA A 1 106 ? -12.854 9.270   9.667   1.00 10.90 ? 309 ALA A O   1 
ATOM   843  C  CB  . ALA A 1 106 ? -15.554 9.820   7.873   1.00 12.41 ? 309 ALA A CB  1 
ATOM   844  N  N   . PRO A 1 107 ? -14.449 7.835   10.252  1.00 11.08 ? 310 PRO A N   1 
ATOM   845  C  CA  . PRO A 1 107 ? -13.870 7.646   11.587  1.00 11.75 ? 310 PRO A CA  1 
ATOM   846  C  C   . PRO A 1 107 ? -12.491 6.981   11.570  1.00 13.31 ? 310 PRO A C   1 
ATOM   847  O  O   . PRO A 1 107 ? -11.769 6.998   12.588  1.00 14.94 ? 310 PRO A O   1 
ATOM   848  C  CB  . PRO A 1 107 ? -14.881 6.768   12.334  1.00 13.49 ? 310 PRO A CB  1 
ATOM   849  C  CG  . PRO A 1 107 ? -16.158 6.896   11.537  1.00 14.32 ? 310 PRO A CG  1 
ATOM   850  C  CD  . PRO A 1 107 ? -15.759 7.180   10.101  1.00 12.32 ? 310 PRO A CD  1 
ATOM   851  N  N   . GLU A 1 108 ? -12.146 6.386   10.427  1.00 11.24 ? 311 GLU A N   1 
ATOM   852  C  CA  . GLU A 1 108 ? -10.916 5.587   10.281  1.00 10.96 ? 311 GLU A CA  1 
ATOM   853  C  C   . GLU A 1 108 ? -9.856  6.395   9.563   1.00 9.99  ? 311 GLU A C   1 
ATOM   854  O  O   . GLU A 1 108 ? -8.788  5.845   9.290   1.00 8.78  ? 311 GLU A O   1 
ATOM   855  C  CB  . GLU A 1 108 ? -11.234 4.302   9.516   1.00 11.83 ? 311 GLU A CB  1 
ATOM   856  C  CG  . GLU A 1 108 ? -12.147 3.338   10.261  1.00 13.61 ? 311 GLU A CG  1 
ATOM   857  C  CD  . GLU A 1 108 ? -11.405 2.419   11.219  1.00 15.86 ? 311 GLU A CD  1 
ATOM   858  O  OE1 . GLU A 1 108 ? -10.450 1.730   10.782  1.00 14.00 ? 311 GLU A OE1 1 
ATOM   859  O  OE2 . GLU A 1 108 ? -11.779 2.354   12.396  1.00 22.53 ? 311 GLU A OE2 1 
ATOM   860  N  N   . GLU A 1 109 ? -10.043 7.683   9.346   1.00 10.01 ? 312 GLU A N   1 
ATOM   861  C  CA  . GLU A 1 109 ? -9.042  8.503   8.633   1.00 10.20 ? 312 GLU A CA  1 
ATOM   862  C  C   . GLU A 1 109 ? -7.685  8.415   9.308   1.00 10.95 ? 312 GLU A C   1 
ATOM   863  O  O   . GLU A 1 109 ? -6.670  8.154   8.638   1.00 9.56  ? 312 GLU A O   1 
ATOM   864  C  CB  . GLU A 1 109 ? -9.505  9.947   8.509   1.00 10.58 ? 312 GLU A CB  1 
ATOM   865  C  CG  . GLU A 1 109 ? -8.545  10.750  7.694   1.00 12.24 ? 312 GLU A CG  1 
ATOM   866  C  CD  . GLU A 1 109 ? -8.913  12.170  7.329   1.00 16.05 ? 312 GLU A CD  1 
ATOM   867  O  OE1 . GLU A 1 109 ? -10.063 12.555  7.575   1.00 17.99 ? 312 GLU A OE1 1 
ATOM   868  O  OE2 . GLU A 1 109 ? -8.030  12.880  6.887   1.00 18.25 ? 312 GLU A OE2 1 
ATOM   869  N  N   . GLU A 1 110 ? -7.601  8.709   10.603  1.00 11.45 ? 313 GLU A N   1 
ATOM   870  C  CA  . GLU A 1 110 ? -6.274  8.813   11.243  1.00 12.38 ? 313 GLU A CA  1 
ATOM   871  C  C   . GLU A 1 110 ? -5.612  7.447   11.302  1.00 10.37 ? 313 GLU A C   1 
ATOM   872  O  O   . GLU A 1 110 ? -4.415  7.380   11.039  1.00 10.47 ? 313 GLU A O   1 
ATOM   873  C  CB  . GLU A 1 110 ? -6.419  9.415   12.629  1.00 15.41 ? 313 GLU A CB  1 
ATOM   874  C  CG  . GLU A 1 110 ? -6.440  10.916  12.573  1.00 24.31 ? 313 GLU A CG  1 
ATOM   875  C  CD  . GLU A 1 110 ? -5.352  11.518  11.689  1.00 26.60 ? 313 GLU A CD  1 
ATOM   876  O  OE1 . GLU A 1 110 ? -4.147  11.155  11.925  1.00 26.75 ? 313 GLU A OE1 1 
ATOM   877  O  OE2 . GLU A 1 110 ? -5.737  12.240  10.689  1.00 30.09 ? 313 GLU A OE2 1 
ATOM   878  N  N   . ARG A 1 111 ? -6.362  6.412   11.613  1.00 9.66  ? 314 ARG A N   1 
ATOM   879  C  CA  . ARG A 1 111 ? -5.822  5.038   11.636  1.00 10.39 ? 314 ARG A CA  1 
ATOM   880  C  C   . ARG A 1 111 ? -5.227  4.723   10.254  1.00 10.34 ? 314 ARG A C   1 
ATOM   881  O  O   . ARG A 1 111 ? -4.132  4.161   10.135  1.00 10.56 ? 314 ARG A O   1 
ATOM   882  C  CB  . ARG A 1 111 ? -6.896  4.026   11.992  1.00 11.20 ? 314 ARG A CB  1 
ATOM   883  C  CG  . ARG A 1 111 ? -6.352  2.615   12.044  1.00 11.93 ? 314 ARG A CG  1 
ATOM   884  C  CD  . ARG A 1 111 ? -7.495  1.661   12.007  1.00 12.13 ? 314 ARG A CD  1 
ATOM   885  N  NE  . ARG A 1 111 ? -7.065  0.279   12.120  1.00 13.54 ? 314 ARG A NE  1 
ATOM   886  C  CZ  . ARG A 1 111 ? -7.882  -0.750  12.067  1.00 12.05 ? 314 ARG A CZ  1 
ATOM   887  N  NH1 . ARG A 1 111 ? -9.152  -0.567  11.745  1.00 12.55 ? 314 ARG A NH1 1 
ATOM   888  N  NH2 . ARG A 1 111 ? -7.406  -1.965  12.229  1.00 13.89 ? 314 ARG A NH2 1 
ATOM   889  N  N   . THR A 1 112 ? -5.951  5.029   9.187   1.00 9.99  ? 315 THR A N   1 
ATOM   890  C  CA  . THR A 1 112 ? -5.508  4.698   7.814   1.00 9.11  ? 315 THR A CA  1 
ATOM   891  C  C   . THR A 1 112 ? -4.304  5.571   7.437   1.00 9.54  ? 315 THR A C   1 
ATOM   892  O  O   . THR A 1 112 ? -3.350  5.057   6.834   1.00 9.57  ? 315 THR A O   1 
ATOM   893  C  CB  . THR A 1 112 ? -6.687  4.846   6.849   1.00 8.75  ? 315 THR A CB  1 
ATOM   894  O  OG1 . THR A 1 112 ? -7.775  4.094   7.326   1.00 9.10  ? 315 THR A OG1 1 
ATOM   895  C  CG2 . THR A 1 112 ? -6.327  4.401   5.444   1.00 9.41  ? 315 THR A CG2 1 
ATOM   896  N  N   . ARG A 1 113 ? -4.299  6.859   7.771   1.00 10.18 ? 316 ARG A N   1 
ATOM   897  C  CA  . ARG A 1 113 ? -3.130  7.715   7.509   1.00 11.13 ? 316 ARG A CA  1 
ATOM   898  C  C   . ARG A 1 113 ? -1.912  7.118   8.225   1.00 12.24 ? 316 ARG A C   1 
ATOM   899  O  O   . ARG A 1 113 ? -0.845  7.013   7.598   1.00 10.63 ? 316 ARG A O   1 
ATOM   900  C  CB  . ARG A 1 113 ? -3.394  9.131   8.038   1.00 13.29 ? 316 ARG A CB  1 
ATOM   901  C  CG  . ARG A 1 113 ? -4.265  10.022  7.181   1.00 17.48 ? 316 ARG A CG  1 
ATOM   902  C  CD  . ARG A 1 113 ? -4.418  11.441  7.789   1.00 21.18 ? 316 ARG A CD  1 
ATOM   903  N  NE  . ARG A 1 113 ? -5.174  12.300  6.895   1.00 24.26 ? 316 ARG A NE  1 
ATOM   904  C  CZ  . ARG A 1 113 ? -4.656  12.898  5.823   1.00 27.65 ? 316 ARG A CZ  1 
ATOM   905  N  NH1 . ARG A 1 113 ? -3.358  12.810  5.555   1.00 25.09 ? 316 ARG A NH1 1 
ATOM   906  N  NH2 . ARG A 1 113 ? -5.434  13.623  5.035   1.00 31.20 ? 316 ARG A NH2 1 
ATOM   907  N  N   . GLN A 1 114 ? -2.050  6.782   9.509   1.00 12.49 ? 317 GLN A N   1 
ATOM   908  C  CA  . GLN A 1 114 ? -0.954  6.163   10.312  1.00 15.54 ? 317 GLN A CA  1 
ATOM   909  C  C   . GLN A 1 114 ? -0.538  4.867   9.626   1.00 13.22 ? 317 GLN A C   1 
ATOM   910  O  O   . GLN A 1 114 ? 0.699   4.600   9.460   1.00 12.99 ? 317 GLN A O   1 
ATOM   911  C  CB  . GLN A 1 114 ? -1.418  5.937   11.760  1.00 18.77 ? 317 GLN A CB  1 
ATOM   912  C  CG  . GLN A 1 114 ? -0.468  5.096   12.604  1.00 29.41 ? 317 GLN A CG  1 
ATOM   913  C  CD  . GLN A 1 114 ? -0.670  5.309   14.088  1.00 35.65 ? 317 GLN A CD  1 
ATOM   914  O  OE1 . GLN A 1 114 ? -1.556  6.059   14.502  1.00 46.02 ? 317 GLN A OE1 1 
ATOM   915  N  NE2 . GLN A 1 114 ? 0.139   4.635   14.900  1.00 42.95 ? 317 GLN A NE2 1 
ATOM   916  N  N   . GLY A 1 115 ? -1.490  4.045   9.223   1.00 13.00 ? 318 GLY A N   1 
ATOM   917  C  CA  . GLY A 1 115 ? -1.185  2.768   8.557   1.00 13.41 ? 318 GLY A CA  1 
ATOM   918  C  C   . GLY A 1 115 ? -0.269  2.968   7.360   1.00 13.60 ? 318 GLY A C   1 
ATOM   919  O  O   . GLY A 1 115 ? 0.676   2.162   7.151   1.00 12.49 ? 318 GLY A O   1 
ATOM   920  N  N   . TRP A 1 116 ? -0.523  3.969   6.521   1.00 10.93 ? 319 TRP A N   1 
ATOM   921  C  CA  . TRP A 1 116 ? 0.261   4.192   5.288   1.00 10.71 ? 319 TRP A CA  1 
ATOM   922  C  C   . TRP A 1 116 ? 1.536   4.963   5.607   1.00 13.16 ? 319 TRP A C   1 
ATOM   923  O  O   . TRP A 1 116 ? 2.599   4.542   5.158   1.00 12.92 ? 319 TRP A O   1 
ATOM   924  C  CB  . TRP A 1 116 ? -0.626  4.889   4.244   1.00 10.38 ? 319 TRP A CB  1 
ATOM   925  C  CG  . TRP A 1 116 ? -1.506  3.875   3.617   1.00 10.17 ? 319 TRP A CG  1 
ATOM   926  C  CD1 . TRP A 1 116 ? -2.727  3.408   4.001   1.00 9.96  ? 319 TRP A CD1 1 
ATOM   927  C  CD2 . TRP A 1 116 ? -1.086  3.041   2.538   1.00 10.60 ? 319 TRP A CD2 1 
ATOM   928  N  NE1 . TRP A 1 116 ? -3.114  2.362   3.199   1.00 10.44 ? 319 TRP A NE1 1 
ATOM   929  C  CE2 . TRP A 1 116 ? -2.114  2.104   2.308   1.00 10.39 ? 319 TRP A CE2 1 
ATOM   930  C  CE3 . TRP A 1 116 ? 0.071   3.004   1.773   1.00 11.89 ? 319 TRP A CE3 1 
ATOM   931  C  CZ2 . TRP A 1 116 ? -2.022  1.141   1.301   1.00 11.12 ? 319 TRP A CZ2 1 
ATOM   932  C  CZ3 . TRP A 1 116 ? 0.148   2.058   0.781   1.00 12.19 ? 319 TRP A CZ3 1 
ATOM   933  C  CH2 . TRP A 1 116 ? -0.860  1.139   0.567   1.00 11.81 ? 319 TRP A CH2 1 
ATOM   934  N  N   . GLN A 1 117 ? 1.448   6.094   6.289   1.00 14.30 ? 320 GLN A N   1 
ATOM   935  C  CA  . GLN A 1 117 ? 2.620   6.971   6.518   1.00 18.12 ? 320 GLN A CA  1 
ATOM   936  C  C   . GLN A 1 117 ? 3.594   6.246   7.449   1.00 19.84 ? 320 GLN A C   1 
ATOM   937  O  O   . GLN A 1 117 ? 4.823   6.226   7.149   1.00 19.85 ? 320 GLN A O   1 
ATOM   938  C  CB  . GLN A 1 117 ? 2.118   8.276   7.118   1.00 21.70 ? 320 GLN A CB  1 
ATOM   939  C  CG  . GLN A 1 117 ? 3.096   9.444   7.085   1.00 28.59 ? 320 GLN A CG  1 
ATOM   940  C  CD  . GLN A 1 117 ? 2.229   10.684  7.045   1.00 35.04 ? 320 GLN A CD  1 
ATOM   941  O  OE1 . GLN A 1 117 ? 1.245   10.803  7.783   1.00 35.75 ? 320 GLN A OE1 1 
ATOM   942  N  NE2 . GLN A 1 117 ? 2.511   11.564  6.105   1.00 41.55 ? 320 GLN A NE2 1 
ATOM   943  N  N   . ARG A 1 118 ? 3.101   5.678   8.535   1.00 18.59 ? 321 ARG A N   1 
ATOM   944  C  CA  . ARG A 1 118 ? 4.049   5.100   9.518   1.00 21.26 ? 321 ARG A CA  1 
ATOM   945  C  C   . ARG A 1 118 ? 4.352   3.648   9.173   1.00 21.21 ? 321 ARG A C   1 
ATOM   946  O  O   . ARG A 1 118 ? 5.500   3.345   8.906   1.00 24.50 ? 321 ARG A O   1 
ATOM   947  C  CB  . ARG A 1 118 ? 3.497   5.237   10.950  1.00 25.52 ? 321 ARG A CB  1 
ATOM   948  C  CG  . ARG A 1 118 ? 4.045   4.211   11.928  1.00 34.65 ? 321 ARG A CG  1 
ATOM   949  C  CD  . ARG A 1 118 ? 4.531   4.866   13.205  1.00 42.22 ? 321 ARG A CD  1 
ATOM   950  N  NE  . ARG A 1 118 ? 3.625   4.665   14.329  1.00 51.90 ? 321 ARG A NE  1 
ATOM   951  C  CZ  . ARG A 1 118 ? 3.937   4.046   15.467  1.00 56.81 ? 321 ARG A CZ  1 
ATOM   952  N  NH1 . ARG A 1 118 ? 5.146   3.547   15.657  1.00 60.23 ? 321 ARG A NH1 1 
ATOM   953  N  NH2 . ARG A 1 118 ? 3.033   3.941   16.423  1.00 58.83 ? 321 ARG A NH2 1 
ATOM   954  N  N   . TYR A 1 119 ? 3.342   2.813   9.073   1.00 16.69 ? 322 TYR A N   1 
ATOM   955  C  CA  . TYR A 1 119 ? 3.593   1.363   8.910   1.00 15.78 ? 322 TYR A CA  1 
ATOM   956  C  C   . TYR A 1 119 ? 4.136   1.020   7.509   1.00 15.24 ? 322 TYR A C   1 
ATOM   957  O  O   . TYR A 1 119 ? 5.268   0.578   7.450   1.00 18.14 ? 322 TYR A O   1 
ATOM   958  C  CB  . TYR A 1 119 ? 2.364   0.573   9.388   1.00 17.94 ? 322 TYR A CB  1 
ATOM   959  C  CG  . TYR A 1 119 ? 2.128   0.698   10.869  1.00 19.83 ? 322 TYR A CG  1 
ATOM   960  C  CD1 . TYR A 1 119 ? 2.838   -0.078  11.768  1.00 26.85 ? 322 TYR A CD1 1 
ATOM   961  C  CD2 . TYR A 1 119 ? 1.212   1.604   11.376  1.00 20.68 ? 322 TYR A CD2 1 
ATOM   962  C  CE1 . TYR A 1 119 ? 2.631   0.029   13.132  1.00 28.02 ? 322 TYR A CE1 1 
ATOM   963  C  CE2 . TYR A 1 119 ? 0.994   1.725   12.737  1.00 24.59 ? 322 TYR A CE2 1 
ATOM   964  C  CZ  . TYR A 1 119 ? 1.712   0.937   13.619  1.00 30.22 ? 322 TYR A CZ  1 
ATOM   965  O  OH  . TYR A 1 119 ? 1.499   1.037   14.961  1.00 35.79 ? 322 TYR A OH  1 
ATOM   966  N  N   . TYR A 1 120 ? 3.379   1.260   6.449   1.00 11.95 ? 323 TYR A N   1 
ATOM   967  C  CA  . TYR A 1 120 ? 3.942   0.967   5.114   1.00 11.31 ? 323 TYR A CA  1 
ATOM   968  C  C   . TYR A 1 120 ? 5.203   1.783   4.780   1.00 11.61 ? 323 TYR A C   1 
ATOM   969  O  O   . TYR A 1 120 ? 6.210   1.175   4.476   1.00 10.78 ? 323 TYR A O   1 
ATOM   970  C  CB  . TYR A 1 120 ? 2.931   1.269   3.997   1.00 11.21 ? 323 TYR A CB  1 
ATOM   971  C  CG  . TYR A 1 120 ? 1.877   0.244   3.658   1.00 11.39 ? 323 TYR A CG  1 
ATOM   972  C  CD1 . TYR A 1 120 ? 2.119   -0.749  2.725   1.00 10.21 ? 323 TYR A CD1 1 
ATOM   973  C  CD2 . TYR A 1 120 ? 0.600   0.332   4.187   1.00 11.38 ? 323 TYR A CD2 1 
ATOM   974  C  CE1 . TYR A 1 120 ? 1.141   -1.664  2.374   1.00 10.83 ? 323 TYR A CE1 1 
ATOM   975  C  CE2 . TYR A 1 120 ? -0.389  -0.575  3.848   1.00 11.48 ? 323 TYR A CE2 1 
ATOM   976  C  CZ  . TYR A 1 120 ? -0.121  -1.574  2.931   1.00 10.66 ? 323 TYR A CZ  1 
ATOM   977  O  OH  . TYR A 1 120 ? -1.081  -2.472  2.574   1.00 12.22 ? 323 TYR A OH  1 
ATOM   978  N  N   . PHE A 1 121 ? 5.126   3.133   4.859   1.00 10.89 ? 324 PHE A N   1 
ATOM   979  C  CA  . PHE A 1 121 ? 6.247   3.906   4.292   1.00 11.09 ? 324 PHE A CA  1 
ATOM   980  C  C   . PHE A 1 121 ? 7.460   3.782   5.215   1.00 11.67 ? 324 PHE A C   1 
ATOM   981  O  O   . PHE A 1 121 ? 8.590   3.448   4.733   1.00 10.22 ? 324 PHE A O   1 
ATOM   982  C  CB  . PHE A 1 121 ? 5.876   5.374   4.076   1.00 11.82 ? 324 PHE A CB  1 
ATOM   983  C  CG  . PHE A 1 121 ? 4.801   5.647   3.061   1.00 12.54 ? 324 PHE A CG  1 
ATOM   984  C  CD1 . PHE A 1 121 ? 4.346   4.706   2.170   1.00 13.46 ? 324 PHE A CD1 1 
ATOM   985  C  CD2 . PHE A 1 121 ? 4.233   6.915   3.033   1.00 16.59 ? 324 PHE A CD2 1 
ATOM   986  C  CE1 . PHE A 1 121 ? 3.351   5.009   1.248   1.00 14.15 ? 324 PHE A CE1 1 
ATOM   987  C  CE2 . PHE A 1 121 ? 3.256   7.221   2.104   1.00 16.31 ? 324 PHE A CE2 1 
ATOM   988  C  CZ  . PHE A 1 121 ? 2.829   6.271   1.215   1.00 15.58 ? 324 PHE A CZ  1 
ATOM   989  N  N   . GLU A 1 122 ? 7.324   4.046   6.506   1.00 12.98 ? 325 GLU A N   1 
ATOM   990  C  CA  . GLU A 1 122 ? 8.483   3.941   7.440   1.00 14.53 ? 325 GLU A CA  1 
ATOM   991  C  C   . GLU A 1 122 ? 8.894   2.469   7.573   1.00 12.36 ? 325 GLU A C   1 
ATOM   992  O  O   . GLU A 1 122 ? 10.134  2.179   7.640   1.00 12.96 ? 325 GLU A O   1 
ATOM   993  C  CB  . GLU A 1 122 ? 8.165   4.687   8.739   1.00 18.04 ? 325 GLU A CB  1 
ATOM   994  C  CG  . GLU A 1 122 ? 8.178   6.194   8.498   1.00 25.65 ? 325 GLU A CG  1 
ATOM   995  C  CD  . GLU A 1 122 ? 7.486   7.093   9.520   1.00 33.34 ? 325 GLU A CD  1 
ATOM   996  O  OE1 . GLU A 1 122 ? 7.402   6.689   10.723  1.00 38.05 ? 325 GLU A OE1 1 
ATOM   997  O  OE2 . GLU A 1 122 ? 7.035   8.204   9.106   1.00 41.10 ? 325 GLU A OE2 1 
ATOM   998  N  N   . GLY A 1 123 ? 7.970   1.523   7.499   1.00 11.10 ? 326 GLY A N   1 
ATOM   999  C  CA  . GLY A 1 123 ? 8.320   0.101   7.612   1.00 10.58 ? 326 GLY A CA  1 
ATOM   1000 C  C   . GLY A 1 123 ? 9.158   -0.331  6.412   1.00 10.09 ? 326 GLY A C   1 
ATOM   1001 O  O   . GLY A 1 123 ? 10.178  -1.030  6.532   1.00 9.75  ? 326 GLY A O   1 
ATOM   1002 N  N   . ILE A 1 124 ? 8.754   0.082   5.205   1.00 8.94  ? 327 ILE A N   1 
ATOM   1003 C  CA  . ILE A 1 124 ? 9.526   -0.254  3.997   1.00 8.60  ? 327 ILE A CA  1 
ATOM   1004 C  C   . ILE A 1 124 ? 10.905  0.401   4.114   1.00 9.03  ? 327 ILE A C   1 
ATOM   1005 O  O   . ILE A 1 124 ? 11.895  -0.233  3.820   1.00 8.95  ? 327 ILE A O   1 
ATOM   1006 C  CB  . ILE A 1 124 ? 8.748   0.199   2.745   1.00 8.19  ? 327 ILE A CB  1 
ATOM   1007 C  CG1 . ILE A 1 124 ? 7.572   -0.736  2.479   1.00 8.36  ? 327 ILE A CG1 1 
ATOM   1008 C  CG2 . ILE A 1 124 ? 9.680   0.278   1.546   1.00 7.93  ? 327 ILE A CG2 1 
ATOM   1009 C  CD1 . ILE A 1 124 ? 6.601   -0.257  1.410   1.00 9.37  ? 327 ILE A CD1 1 
ATOM   1010 N  N   . LYS A 1 125 ? 10.970  1.677   4.472   1.00 9.56  ? 328 LYS A N   1 
ATOM   1011 C  CA  . LYS A 1 125 ? 12.270  2.379   4.520   1.00 9.63  ? 328 LYS A CA  1 
ATOM   1012 C  C   . LYS A 1 125 ? 13.203  1.720   5.534   1.00 9.83  ? 328 LYS A C   1 
ATOM   1013 O  O   . LYS A 1 125 ? 14.412  1.525   5.173   1.00 9.55  ? 328 LYS A O   1 
ATOM   1014 C  CB  . LYS A 1 125 ? 12.103  3.858   4.837   1.00 9.43  ? 328 LYS A CB  1 
ATOM   1015 C  CG  . LYS A 1 125 ? 11.598  4.667   3.668   1.00 10.45 ? 328 LYS A CG  1 
ATOM   1016 C  CD  . LYS A 1 125 ? 11.390  6.124   4.007   1.00 11.75 ? 328 LYS A CD  1 
ATOM   1017 C  CE  . LYS A 1 125 ? 11.137  6.938   2.784   1.00 13.59 ? 328 LYS A CE  1 
ATOM   1018 N  NZ  . LYS A 1 125 ? 11.058  8.381   3.131   1.00 14.38 ? 328 LYS A NZ  1 
ATOM   1019 N  N   . GLN A 1 126 ? 12.680  1.294   6.687   1.00 10.79 ? 329 GLN A N   1 
ATOM   1020 C  CA  . GLN A 1 126 ? 13.484  0.682   7.781   1.00 12.25 ? 329 GLN A CA  1 
ATOM   1021 C  C   . GLN A 1 126 ? 13.897  -0.723  7.386   1.00 13.04 ? 329 GLN A C   1 
ATOM   1022 O  O   . GLN A 1 126 ? 15.041  -1.092  7.596   1.00 14.51 ? 329 GLN A O   1 
ATOM   1023 C  CB  . GLN A 1 126 ? 12.732  0.626   9.104   1.00 17.07 ? 329 GLN A CB  1 
ATOM   1024 C  CG  . GLN A 1 126 ? 12.463  2.014   9.653   1.00 22.64 ? 329 GLN A CG  1 
ATOM   1025 C  CD  . GLN A 1 126 ? 13.575  2.569   10.497  1.00 28.03 ? 329 GLN A CD  1 
ATOM   1026 O  OE1 . GLN A 1 126 ? 14.625  1.945   10.719  1.00 29.12 ? 329 GLN A OE1 1 
ATOM   1027 N  NE2 . GLN A 1 126 ? 13.322  3.761   11.002  1.00 30.40 ? 329 GLN A NE2 1 
ATOM   1028 N  N   . THR A 1 127 ? 13.011  -1.471  6.737   1.00 11.72 ? 330 THR A N   1 
ATOM   1029 C  CA  . THR A 1 127 ? 13.310  -2.872  6.401   1.00 10.03 ? 330 THR A CA  1 
ATOM   1030 C  C   . THR A 1 127 ? 14.392  -2.908  5.315   1.00 9.79  ? 330 THR A C   1 
ATOM   1031 O  O   . THR A 1 127 ? 15.340  -3.730  5.461   1.00 10.27 ? 330 THR A O   1 
ATOM   1032 C  CB  . THR A 1 127 ? 12.061  -3.656  5.977   1.00 9.98  ? 330 THR A CB  1 
ATOM   1033 O  OG1 . THR A 1 127 ? 11.161  -3.623  7.086   1.00 10.75 ? 330 THR A OG1 1 
ATOM   1034 C  CG2 . THR A 1 127 ? 12.361  -5.078  5.540   1.00 10.09 ? 330 THR A CG2 1 
ATOM   1035 N  N   . PHE A 1 128 ? 14.270  -2.090  4.267   1.00 8.73  ? 331 PHE A N   1 
ATOM   1036 C  CA  . PHE A 1 128 ? 15.098  -2.259  3.050   1.00 8.62  ? 331 PHE A CA  1 
ATOM   1037 C  C   . PHE A 1 128 ? 16.251  -1.262  3.009   1.00 9.38  ? 331 PHE A C   1 
ATOM   1038 O  O   . PHE A 1 128 ? 17.128  -1.399  2.117   1.00 10.86 ? 331 PHE A O   1 
ATOM   1039 C  CB  . PHE A 1 128 ? 14.233  -2.233  1.781   1.00 8.63  ? 331 PHE A CB  1 
ATOM   1040 C  CG  . PHE A 1 128 ? 13.221  -3.340  1.737   1.00 8.76  ? 331 PHE A CG  1 
ATOM   1041 C  CD1 . PHE A 1 128 ? 13.602  -4.615  1.380   1.00 9.37  ? 331 PHE A CD1 1 
ATOM   1042 C  CD2 . PHE A 1 128 ? 11.902  -3.107  2.076   1.00 9.17  ? 331 PHE A CD2 1 
ATOM   1043 C  CE1 . PHE A 1 128 ? 12.673  -5.649  1.404   1.00 10.06 ? 331 PHE A CE1 1 
ATOM   1044 C  CE2 . PHE A 1 128 ? 10.990  -4.138  2.120   1.00 9.69  ? 331 PHE A CE2 1 
ATOM   1045 C  CZ  . PHE A 1 128 ? 11.374  -5.394  1.740   1.00 9.75  ? 331 PHE A CZ  1 
ATOM   1046 N  N   . GLY A 1 129 ? 16.228  -0.264  3.891   1.00 9.72  ? 332 GLY A N   1 
ATOM   1047 C  CA  . GLY A 1 129 ? 17.249  0.795   3.858   1.00 10.20 ? 332 GLY A CA  1 
ATOM   1048 C  C   . GLY A 1 129 ? 17.015  1.779   2.730   1.00 9.51  ? 332 GLY A C   1 
ATOM   1049 O  O   . GLY A 1 129 ? 17.900  2.044   1.914   1.00 10.22 ? 332 GLY A O   1 
ATOM   1050 N  N   . TYR A 1 130 ? 15.806  2.355   2.662   1.00 9.37  ? 333 TYR A N   1 
ATOM   1051 C  CA  . TYR A 1 130 ? 15.470  3.276   1.533   1.00 9.82  ? 333 TYR A CA  1 
ATOM   1052 C  C   . TYR A 1 130 ? 15.406  4.738   1.975   1.00 9.94  ? 333 TYR A C   1 
ATOM   1053 O  O   . TYR A 1 130 ? 14.668  5.505   1.386   1.00 10.88 ? 333 TYR A O   1 
ATOM   1054 C  CB  . TYR A 1 130 ? 14.166  2.905   0.831   1.00 9.93  ? 333 TYR A CB  1 
ATOM   1055 C  CG  . TYR A 1 130 ? 14.138  1.584   0.100   1.00 10.70 ? 333 TYR A CG  1 
ATOM   1056 C  CD1 . TYR A 1 130 ? 15.295  0.960   -0.334  1.00 10.84 ? 333 TYR A CD1 1 
ATOM   1057 C  CD2 . TYR A 1 130 ? 12.933  0.969   -0.182  1.00 11.18 ? 333 TYR A CD2 1 
ATOM   1058 C  CE1 . TYR A 1 130 ? 15.254  -0.244  -1.018  1.00 11.22 ? 333 TYR A CE1 1 
ATOM   1059 C  CE2 . TYR A 1 130 ? 12.874  -0.231  -0.864  1.00 11.76 ? 333 TYR A CE2 1 
ATOM   1060 C  CZ  . TYR A 1 130 ? 14.037  -0.839  -1.288  1.00 11.87 ? 333 TYR A CZ  1 
ATOM   1061 O  OH  . TYR A 1 130 ? 13.981  -2.020  -1.963  1.00 13.98 ? 333 TYR A OH  1 
ATOM   1062 N  N   . GLY A 1 131 ? 16.211  5.063   2.957   1.00 10.12 ? 334 GLY A N   1 
ATOM   1063 C  CA  . GLY A 1 131 ? 16.373  6.444   3.440   1.00 10.82 ? 334 GLY A CA  1 
ATOM   1064 C  C   . GLY A 1 131 ? 15.557  6.708   4.648   1.00 13.58 ? 334 GLY A C   1 
ATOM   1065 O  O   . GLY A 1 131 ? 14.845  5.841   5.079   1.00 14.32 ? 334 GLY A O   1 
ATOM   1066 N  N   . ALA A 1 132 ? 15.739  7.904   5.196   1.00 14.32 ? 335 ALA A N   1 
ATOM   1067 C  CA  . ALA A 1 132 ? 14.972  8.289   6.383   1.00 18.44 ? 335 ALA A CA  1 
ATOM   1068 C  C   . ALA A 1 132 ? 13.549  8.701   5.969   1.00 20.29 ? 335 ALA A C   1 
ATOM   1069 O  O   . ALA A 1 132 ? 12.668  8.453   6.795   1.00 28.83 ? 335 ALA A O   1 
ATOM   1070 C  CB  . ALA A 1 132 ? 15.704  9.411   7.069   1.00 18.18 ? 335 ALA A CB  1 
HETATM 1071 C  CAA . R75 B 2 .   ? -1.474  -1.539  11.206  1.00 14.28 ? 401 R75 A CAA 1 
HETATM 1072 C  CAB . R75 B 2 .   ? -2.585  -0.901  11.738  1.00 13.80 ? 401 R75 A CAB 1 
HETATM 1073 C  CAC . R75 B 2 .   ? -3.605  -1.626  12.373  1.00 14.06 ? 401 R75 A CAC 1 
HETATM 1074 C  CAD . R75 B 2 .   ? -3.395  -2.983  12.539  1.00 15.70 ? 401 R75 A CAD 1 
HETATM 1075 C  CAE . R75 B 2 .   ? -2.290  -3.621  12.037  1.00 16.83 ? 401 R75 A CAE 1 
HETATM 1076 C  CAF . R75 B 2 .   ? -1.303  -2.904  11.379  1.00 16.57 ? 401 R75 A CAF 1 
HETATM 1077 C  CAJ . R75 B 2 .   ? -0.088  -3.557  10.827  1.00 19.66 ? 401 R75 A CAJ 1 
HETATM 1078 C  CAL . R75 B 2 .   ? 0.537   -3.026  9.580   1.00 19.35 ? 401 R75 A CAL 1 
HETATM 1079 C  CAM . R75 B 2 .   ? -0.009  -2.493  8.454   1.00 19.43 ? 401 R75 A CAM 1 
HETATM 1080 C  CAO . R75 B 2 .   ? 2.163   -2.398  8.163   1.00 20.31 ? 401 R75 A CAO 1 
HETATM 1081 C  CAP . R75 B 2 .   ? 1.960   -2.975  9.395   1.00 23.04 ? 401 R75 A CAP 1 
HETATM 1082 C  CAQ . R75 B 2 .   ? -1.389  -2.219  7.999   1.00 19.36 ? 401 R75 A CAQ 1 
HETATM 1083 C  CAR . R75 B 2 .   ? -1.574  -0.763  7.614   1.00 19.99 ? 401 R75 A CAR 1 
HETATM 1084 C  CAS . R75 B 2 .   ? 3.413   -2.146  7.622   1.00 24.96 ? 401 R75 A CAS 1 
HETATM 1085 C  CAT . R75 B 2 .   ? 4.490   -2.528  8.410   1.00 23.71 ? 401 R75 A CAT 1 
HETATM 1086 C  CAU . R75 B 2 .   ? 4.310   -3.108  9.662   1.00 25.08 ? 401 R75 A CAU 1 
HETATM 1087 C  CAV . R75 B 2 .   ? 3.051   -3.345  10.165  1.00 22.37 ? 401 R75 A CAV 1 
HETATM 1088 O  OAG . R75 B 2 .   ? -4.669  -1.030  12.886  1.00 17.19 ? 401 R75 A OAG 1 
HETATM 1089 O  OAK . R75 B 2 .   ? 0.370   -4.534  11.419  1.00 20.99 ? 401 R75 A OAK 1 
HETATM 1090 O  OAN . R75 B 2 .   ? 0.968   -2.105  7.562   1.00 22.72 ? 401 R75 A OAN 1 
HETATM 1091 BR BR1 . R75 B 2 .   ? -4.732  -4.029  13.374  1.00 20.16 ? 401 R75 A BR1 1 
HETATM 1092 BR BR2 . R75 B 2 .   ? -2.763  0.973   11.505  1.00 16.95 ? 401 R75 A BR2 1 
HETATM 1093 O  O   . HOH C 3 .   ? 2.917   -6.482  -11.683 1.00 32.91 ? 501 HOH A O   1 
HETATM 1094 O  O   . HOH C 3 .   ? -12.996 0.246   12.318  1.00 35.29 ? 502 HOH A O   1 
HETATM 1095 O  O   . HOH C 3 .   ? 6.837   -14.201 -4.948  1.00 22.09 ? 503 HOH A O   1 
HETATM 1096 O  O   . HOH C 3 .   ? 5.130   -7.752  -9.188  1.00 30.56 ? 504 HOH A O   1 
HETATM 1097 O  O   . HOH C 3 .   ? -7.835  8.733   -6.067  1.00 22.38 ? 505 HOH A O   1 
HETATM 1098 O  O   . HOH C 3 .   ? 11.856  -4.879  9.273   1.00 28.21 ? 506 HOH A O   1 
HETATM 1099 O  O   . HOH C 3 .   ? -0.571  -12.598 8.859   1.00 23.28 ? 507 HOH A O   1 
HETATM 1100 O  O   . HOH C 3 .   ? 5.935   -17.150 0.358   1.00 26.30 ? 508 HOH A O   1 
HETATM 1101 O  O   . HOH C 3 .   ? -12.000 -9.386  -2.120  1.00 30.24 ? 509 HOH A O   1 
HETATM 1102 O  O   . HOH C 3 .   ? -10.893 -8.645  1.581   1.00 22.02 ? 510 HOH A O   1 
HETATM 1103 O  O   . HOH C 3 .   ? 12.911  -5.066  -4.452  1.00 34.78 ? 511 HOH A O   1 
HETATM 1104 O  O   . HOH C 3 .   ? 7.940   13.068  -1.667  1.00 33.11 ? 512 HOH A O   1 
HETATM 1105 O  O   . HOH C 3 .   ? -15.649 7.217   -2.550  1.00 21.68 ? 513 HOH A O   1 
HETATM 1106 O  O   . HOH C 3 .   ? -0.146  -16.699 -2.339  1.00 26.65 ? 514 HOH A O   1 
HETATM 1107 O  O   . HOH C 3 .   ? -13.788 2.222   -2.989  1.00 13.26 ? 515 HOH A O   1 
HETATM 1108 O  O   . HOH C 3 .   ? 16.169  -2.926  -3.245  1.00 27.28 ? 516 HOH A O   1 
HETATM 1109 O  O   . HOH C 3 .   ? -7.240  5.182   -9.603  1.00 22.05 ? 517 HOH A O   1 
HETATM 1110 O  O   . HOH C 3 .   ? -18.260 -5.403  -1.438  1.00 18.99 ? 518 HOH A O   1 
HETATM 1111 O  O   . HOH C 3 .   ? -12.563 11.834  8.313   1.00 26.79 ? 519 HOH A O   1 
HETATM 1112 O  O   . HOH C 3 .   ? -8.592  -0.220  -11.319 1.00 19.96 ? 520 HOH A O   1 
HETATM 1113 O  O   . HOH C 3 .   ? 10.167  -9.231  -6.527  1.00 24.48 ? 521 HOH A O   1 
HETATM 1114 O  O   . HOH C 3 .   ? -12.008 10.901  11.660  1.00 28.20 ? 522 HOH A O   1 
HETATM 1115 O  O   . HOH C 3 .   ? -0.682  -3.939  0.309   1.00 38.08 ? 523 HOH A O   1 
HETATM 1116 O  O   . HOH C 3 .   ? 17.583  -3.590  0.535   1.00 21.51 ? 524 HOH A O   1 
HETATM 1117 O  O   . HOH C 3 .   ? 9.614   11.234  1.838   1.00 27.56 ? 525 HOH A O   1 
HETATM 1118 O  O   . HOH C 3 .   ? 19.550  -0.424  1.245   1.00 16.93 ? 526 HOH A O   1 
HETATM 1119 O  O   . HOH C 3 .   ? -13.302 2.510   -7.005  1.00 17.97 ? 527 HOH A O   1 
HETATM 1120 O  O   . HOH C 3 .   ? 19.576  3.448   -1.413  1.00 14.06 ? 528 HOH A O   1 
HETATM 1121 O  O   . HOH C 3 .   ? -6.719  14.192  -0.633  1.00 30.25 ? 529 HOH A O   1 
HETATM 1122 O  O   . HOH C 3 .   ? 14.500  4.693   7.582   1.00 22.88 ? 530 HOH A O   1 
HETATM 1123 O  O   . HOH C 3 .   ? 10.353  -12.572 3.970   0.50 15.54 ? 531 HOH A O   1 
HETATM 1124 O  O   . HOH C 3 .   ? -7.646  5.893   -5.431  1.00 13.02 ? 532 HOH A O   1 
HETATM 1125 O  O   . HOH C 3 .   ? -11.856 8.072   15.164  1.00 14.11 ? 533 HOH A O   1 
HETATM 1126 O  O   . HOH C 3 .   ? 1.505   -9.558  6.477   1.00 11.05 ? 534 HOH A O   1 
HETATM 1127 O  O   . HOH C 3 .   ? 8.229   -11.829 8.262   1.00 25.83 ? 535 HOH A O   1 
HETATM 1128 O  O   . HOH C 3 .   ? 1.918   -13.247 -6.847  1.00 24.87 ? 536 HOH A O   1 
HETATM 1129 O  O   . HOH C 3 .   ? -17.006 -5.640  10.261  1.00 23.96 ? 537 HOH A O   1 
HETATM 1130 O  O   . HOH C 3 .   ? -4.922  14.377  2.351   1.00 20.56 ? 538 HOH A O   1 
HETATM 1131 O  O   . HOH C 3 .   ? -15.277 -7.491  3.895   1.00 22.41 ? 539 HOH A O   1 
HETATM 1132 O  O   . HOH C 3 .   ? 17.995  3.925   4.852   1.00 13.64 ? 540 HOH A O   1 
HETATM 1133 O  O   . HOH C 3 .   ? -16.869 -0.881  -0.957  1.00 14.86 ? 541 HOH A O   1 
HETATM 1134 O  O   . HOH C 3 .   ? 8.820   8.513   -13.729 1.00 32.45 ? 542 HOH A O   1 
HETATM 1135 O  O   . HOH C 3 .   ? -1.505  7.985   -6.914  1.00 14.28 ? 543 HOH A O   1 
HETATM 1136 O  O   . HOH C 3 .   ? -3.689  -4.283  -14.657 1.00 23.77 ? 544 HOH A O   1 
HETATM 1137 O  O   . HOH C 3 .   ? 15.063  12.060  -1.087  1.00 26.12 ? 545 HOH A O   1 
HETATM 1138 O  O   . HOH C 3 .   ? -8.943  6.616   12.949  1.00 12.75 ? 546 HOH A O   1 
HETATM 1139 O  O   . HOH C 3 .   ? -19.773 -5.849  9.110   1.00 27.23 ? 547 HOH A O   1 
HETATM 1140 O  O   . HOH C 3 .   ? 0.395   -3.666  -1.972  1.00 23.49 ? 548 HOH A O   1 
HETATM 1141 O  O   . HOH C 3 .   ? -18.980 10.135  2.209   1.00 15.63 ? 549 HOH A O   1 
HETATM 1142 O  O   . HOH C 3 .   ? -11.919 -8.260  6.179   1.00 19.23 ? 550 HOH A O   1 
HETATM 1143 O  O   . HOH C 3 .   ? -17.710 12.128  5.210   1.00 22.26 ? 551 HOH A O   1 
HETATM 1144 O  O   . HOH C 3 .   ? -10.684 -0.318  -8.044  1.00 17.47 ? 552 HOH A O   1 
HETATM 1145 O  O   . HOH C 3 .   ? 4.453   -12.547 -4.869  1.00 23.22 ? 553 HOH A O   1 
HETATM 1146 O  O   . HOH C 3 .   ? 2.271   13.184  2.503   1.00 23.94 ? 554 HOH A O   1 
HETATM 1147 O  O   . HOH C 3 .   ? -9.813  9.648   12.244  1.00 18.49 ? 555 HOH A O   1 
HETATM 1148 O  O   . HOH C 3 .   ? -8.840  -4.472  11.797  1.00 14.87 ? 556 HOH A O   1 
HETATM 1149 O  O   . HOH C 3 .   ? 3.485   -12.381 12.786  1.00 31.44 ? 557 HOH A O   1 
HETATM 1150 O  O   . HOH C 3 .   ? 4.461   10.077  -7.624  1.00 28.30 ? 558 HOH A O   1 
HETATM 1151 O  O   . HOH C 3 .   ? -13.453 -8.527  -8.524  1.00 27.24 ? 559 HOH A O   1 
HETATM 1152 O  O   . HOH C 3 .   ? 12.997  1.592   -12.102 1.00 20.32 ? 560 HOH A O   1 
HETATM 1153 O  O   . HOH C 3 .   ? 17.359  0.767   7.506   1.00 30.37 ? 561 HOH A O   1 
HETATM 1154 O  O   . HOH C 3 .   ? 1.909   -18.696 -1.217  1.00 32.94 ? 562 HOH A O   1 
HETATM 1155 O  O   . HOH C 3 .   ? -9.833  -9.915  -0.454  1.00 26.52 ? 563 HOH A O   1 
HETATM 1156 O  O   . HOH C 3 .   ? 17.886  0.911   -3.219  1.00 24.61 ? 564 HOH A O   1 
HETATM 1157 O  O   . HOH C 3 .   ? -10.536 0.800   14.749  1.00 31.96 ? 565 HOH A O   1 
HETATM 1158 O  O   . HOH C 3 .   ? -3.707  9.176   -7.693  1.00 32.16 ? 566 HOH A O   1 
HETATM 1159 O  O   . HOH C 3 .   ? -2.572  -12.307 6.692   1.00 28.61 ? 567 HOH A O   1 
HETATM 1160 O  O   . HOH C 3 .   ? -12.862 5.197   -6.005  1.00 20.70 ? 568 HOH A O   1 
HETATM 1161 O  O   . HOH C 3 .   ? -15.601 10.802  11.202  1.00 24.49 ? 569 HOH A O   1 
HETATM 1162 O  O   . HOH C 3 .   ? -14.064 5.041   -3.285  1.00 21.90 ? 570 HOH A O   1 
HETATM 1163 O  O   . HOH C 3 .   ? 16.823  3.254   7.286   1.00 25.39 ? 571 HOH A O   1 
HETATM 1164 O  O   . HOH C 3 .   ? -10.153 5.908   -6.865  1.00 19.73 ? 572 HOH A O   1 
HETATM 1165 O  O   . HOH C 3 .   ? -9.595  -4.769  14.642  1.00 30.07 ? 573 HOH A O   1 
HETATM 1166 O  O   . HOH C 3 .   ? 9.732   -13.465 6.344   0.50 35.28 ? 574 HOH A O   1 
HETATM 1167 O  O   . HOH C 3 .   ? -17.999 1.297   -4.118  1.00 29.04 ? 575 HOH A O   1 
HETATM 1168 O  O   . HOH C 3 .   ? -9.767  9.947   15.007  1.00 27.30 ? 576 HOH A O   1 
HETATM 1169 O  O   . HOH C 3 .   ? -11.643 1.947   -9.137  1.00 26.45 ? 577 HOH A O   1 
HETATM 1170 O  O   . HOH C 3 .   ? -9.875  4.419   -9.372  1.00 28.74 ? 578 HOH A O   1 
# 
